data_1AWD
# 
_entry.id   1AWD 
# 
_audit_conform.dict_name       mmcif_pdbx.dic 
_audit_conform.dict_version    5.385 
_audit_conform.dict_location   http://mmcif.pdb.org/dictionaries/ascii/mmcif_pdbx.dic 
# 
loop_
_database_2.database_id 
_database_2.database_code 
_database_2.pdbx_database_accession 
_database_2.pdbx_DOI 
PDB   1AWD         pdb_00001awd 10.2210/pdb1awd/pdb 
WWPDB D_1000171337 ?            ?                   
# 
loop_
_pdbx_audit_revision_history.ordinal 
_pdbx_audit_revision_history.data_content_type 
_pdbx_audit_revision_history.major_revision 
_pdbx_audit_revision_history.minor_revision 
_pdbx_audit_revision_history.revision_date 
1 'Structure model' 1 0 1998-01-14 
2 'Structure model' 1 1 2008-03-24 
3 'Structure model' 1 2 2011-07-13 
4 'Structure model' 1 3 2024-02-07 
# 
_pdbx_audit_revision_details.ordinal             1 
_pdbx_audit_revision_details.revision_ordinal    1 
_pdbx_audit_revision_details.data_content_type   'Structure model' 
_pdbx_audit_revision_details.provider            repository 
_pdbx_audit_revision_details.type                'Initial release' 
_pdbx_audit_revision_details.description         ? 
_pdbx_audit_revision_details.details             ? 
# 
loop_
_pdbx_audit_revision_group.ordinal 
_pdbx_audit_revision_group.revision_ordinal 
_pdbx_audit_revision_group.data_content_type 
_pdbx_audit_revision_group.group 
1 2 'Structure model' 'Version format compliance' 
2 3 'Structure model' 'Version format compliance' 
3 4 'Structure model' 'Data collection'           
4 4 'Structure model' 'Database references'       
5 4 'Structure model' 'Derived calculations'      
6 4 'Structure model' Other                       
# 
loop_
_pdbx_audit_revision_category.ordinal 
_pdbx_audit_revision_category.revision_ordinal 
_pdbx_audit_revision_category.data_content_type 
_pdbx_audit_revision_category.category 
1 4 'Structure model' chem_comp_atom       
2 4 'Structure model' chem_comp_bond       
3 4 'Structure model' database_2           
4 4 'Structure model' diffrn_source        
5 4 'Structure model' pdbx_database_status 
6 4 'Structure model' struct_conn          
7 4 'Structure model' struct_site          
# 
loop_
_pdbx_audit_revision_item.ordinal 
_pdbx_audit_revision_item.revision_ordinal 
_pdbx_audit_revision_item.data_content_type 
_pdbx_audit_revision_item.item 
1  4 'Structure model' '_database_2.pdbx_DOI'                 
2  4 'Structure model' '_database_2.pdbx_database_accession'  
3  4 'Structure model' '_diffrn_source.pdbx_synchrotron_site' 
4  4 'Structure model' '_pdbx_database_status.process_site'   
5  4 'Structure model' '_struct_conn.ptnr1_auth_comp_id'      
6  4 'Structure model' '_struct_conn.ptnr1_auth_seq_id'       
7  4 'Structure model' '_struct_conn.ptnr1_label_asym_id'     
8  4 'Structure model' '_struct_conn.ptnr1_label_atom_id'     
9  4 'Structure model' '_struct_conn.ptnr1_label_comp_id'     
10 4 'Structure model' '_struct_conn.ptnr1_label_seq_id'      
11 4 'Structure model' '_struct_conn.ptnr2_auth_comp_id'      
12 4 'Structure model' '_struct_conn.ptnr2_auth_seq_id'       
13 4 'Structure model' '_struct_conn.ptnr2_label_asym_id'     
14 4 'Structure model' '_struct_conn.ptnr2_label_atom_id'     
15 4 'Structure model' '_struct_conn.ptnr2_label_comp_id'     
16 4 'Structure model' '_struct_conn.ptnr2_label_seq_id'      
17 4 'Structure model' '_struct_site.pdbx_auth_asym_id'       
18 4 'Structure model' '_struct_site.pdbx_auth_comp_id'       
19 4 'Structure model' '_struct_site.pdbx_auth_seq_id'        
# 
_pdbx_database_status.status_code                     REL 
_pdbx_database_status.entry_id                        1AWD 
_pdbx_database_status.recvd_initial_deposition_date   1997-10-01 
_pdbx_database_status.deposit_site                    ? 
_pdbx_database_status.process_site                    BNL 
_pdbx_database_status.status_code_sf                  REL 
_pdbx_database_status.status_code_mr                  ? 
_pdbx_database_status.SG_entry                        ? 
_pdbx_database_status.pdb_format_compatible           Y 
_pdbx_database_status.status_code_cs                  ? 
_pdbx_database_status.status_code_nmr_data            ? 
_pdbx_database_status.methods_development_category    ? 
# 
_audit_author.name           'Sheldrick, G.M.' 
_audit_author.pdbx_ordinal   1 
# 
_citation.id                        primary 
_citation.title                     
'Crystal structure determination at 1.4 A resolution of ferredoxin from the green alga Chlorella fusca' 
_citation.journal_abbrev            'Structure Fold.Des.' 
_citation.journal_volume            7 
_citation.page_first                1201 
_citation.page_last                 1211 
_citation.year                      1999 
_citation.journal_id_ASTM           FODEFH 
_citation.country                   UK 
_citation.journal_id_ISSN           0969-2126 
_citation.journal_id_CSD            1263 
_citation.book_publisher            ? 
_citation.pdbx_database_id_PubMed   10545324 
_citation.pdbx_database_id_DOI      '10.1016/S0969-2126(00)80054-4' 
# 
loop_
_citation_author.citation_id 
_citation_author.name 
_citation_author.ordinal 
_citation_author.identifier_ORCID 
primary 'Bes, M.T.'       1 ? 
primary 'Parisini, E.'    2 ? 
primary 'Inda, L.A.'      3 ? 
primary 'Saraiva, L.'     4 ? 
primary 'Peleato, M.L.'   5 ? 
primary 'Sheldrick, G.M.' 6 ? 
# 
loop_
_entity.id 
_entity.type 
_entity.src_method 
_entity.pdbx_description 
_entity.formula_weight 
_entity.pdbx_number_of_molecules 
_entity.pdbx_ec 
_entity.pdbx_mutation 
_entity.pdbx_fragment 
_entity.details 
1 polymer     nat FERREDOXIN                   10026.017 1   ? ? ? ? 
2 non-polymer syn 'FE2/S2 (INORGANIC) CLUSTER' 175.820   1   ? ? ? ? 
3 water       nat water                        18.015    126 ? ? ? ? 
# 
_entity_poly.entity_id                      1 
_entity_poly.type                           'polypeptide(L)' 
_entity_poly.nstd_linkage                   no 
_entity_poly.nstd_monomer                   no 
_entity_poly.pdbx_seq_one_letter_code       
;YKVTLKTPSGEETIECPEDTYILDAAEEAGLDLPYSCRAGACSSCAGKVESGEVDQSDQSFLDDAQMGKGFVLTCVAYPT
SDVTILTHQEAALY
;
_entity_poly.pdbx_seq_one_letter_code_can   
;YKVTLKTPSGEETIECPEDTYILDAAEEAGLDLPYSCRAGACSSCAGKVESGEVDQSDQSFLDDAQMGKGFVLTCVAYPT
SDVTILTHQEAALY
;
_entity_poly.pdbx_strand_id                 A 
_entity_poly.pdbx_target_identifier         ? 
# 
loop_
_pdbx_entity_nonpoly.entity_id 
_pdbx_entity_nonpoly.name 
_pdbx_entity_nonpoly.comp_id 
2 'FE2/S2 (INORGANIC) CLUSTER' FES 
3 water                        HOH 
# 
loop_
_entity_poly_seq.entity_id 
_entity_poly_seq.num 
_entity_poly_seq.mon_id 
_entity_poly_seq.hetero 
1 1  TYR n 
1 2  LYS n 
1 3  VAL n 
1 4  THR n 
1 5  LEU n 
1 6  LYS n 
1 7  THR n 
1 8  PRO n 
1 9  SER n 
1 10 GLY n 
1 11 GLU n 
1 12 GLU n 
1 13 THR n 
1 14 ILE n 
1 15 GLU n 
1 16 CYS n 
1 17 PRO n 
1 18 GLU n 
1 19 ASP n 
1 20 THR n 
1 21 TYR n 
1 22 ILE n 
1 23 LEU n 
1 24 ASP n 
1 25 ALA n 
1 26 ALA n 
1 27 GLU n 
1 28 GLU n 
1 29 ALA n 
1 30 GLY n 
1 31 LEU n 
1 32 ASP n 
1 33 LEU n 
1 34 PRO n 
1 35 TYR n 
1 36 SER n 
1 37 CYS n 
1 38 ARG n 
1 39 ALA n 
1 40 GLY n 
1 41 ALA n 
1 42 CYS n 
1 43 SER n 
1 44 SER n 
1 45 CYS n 
1 46 ALA n 
1 47 GLY n 
1 48 LYS n 
1 49 VAL n 
1 50 GLU n 
1 51 SER n 
1 52 GLY n 
1 53 GLU n 
1 54 VAL n 
1 55 ASP n 
1 56 GLN n 
1 57 SER n 
1 58 ASP n 
1 59 GLN n 
1 60 SER n 
1 61 PHE n 
1 62 LEU n 
1 63 ASP n 
1 64 ASP n 
1 65 ALA n 
1 66 GLN n 
1 67 MET n 
1 68 GLY n 
1 69 LYS n 
1 70 GLY n 
1 71 PHE n 
1 72 VAL n 
1 73 LEU n 
1 74 THR n 
1 75 CYS n 
1 76 VAL n 
1 77 ALA n 
1 78 TYR n 
1 79 PRO n 
1 80 THR n 
1 81 SER n 
1 82 ASP n 
1 83 VAL n 
1 84 THR n 
1 85 ILE n 
1 86 LEU n 
1 87 THR n 
1 88 HIS n 
1 89 GLN n 
1 90 GLU n 
1 91 ALA n 
1 92 ALA n 
1 93 LEU n 
1 94 TYR n 
# 
_entity_src_nat.entity_id                  1 
_entity_src_nat.pdbx_src_id                1 
_entity_src_nat.pdbx_alt_source_flag       sample 
_entity_src_nat.pdbx_beg_seq_num           ? 
_entity_src_nat.pdbx_end_seq_num           ? 
_entity_src_nat.common_name                ? 
_entity_src_nat.pdbx_organism_scientific   
;'Chlorella' fusca
;
_entity_src_nat.pdbx_ncbi_taxonomy_id      3073 
_entity_src_nat.genus                      Scenedesmus 
_entity_src_nat.species                    ? 
_entity_src_nat.strain                     ? 
_entity_src_nat.tissue                     ? 
_entity_src_nat.tissue_fraction            ? 
_entity_src_nat.pdbx_secretion             ? 
_entity_src_nat.pdbx_fragment              ? 
_entity_src_nat.pdbx_variant               ? 
_entity_src_nat.pdbx_cell_line             ? 
_entity_src_nat.pdbx_atcc                  ? 
_entity_src_nat.pdbx_cellular_location     ? 
_entity_src_nat.pdbx_organ                 ? 
_entity_src_nat.pdbx_organelle             ? 
_entity_src_nat.pdbx_cell                  ? 
_entity_src_nat.pdbx_plasmid_name          ? 
_entity_src_nat.pdbx_plasmid_details       ? 
_entity_src_nat.details                    ? 
# 
loop_
_chem_comp.id 
_chem_comp.type 
_chem_comp.mon_nstd_flag 
_chem_comp.name 
_chem_comp.pdbx_synonyms 
_chem_comp.formula 
_chem_comp.formula_weight 
ALA 'L-peptide linking' y ALANINE                      ? 'C3 H7 N O2'     89.093  
ARG 'L-peptide linking' y ARGININE                     ? 'C6 H15 N4 O2 1' 175.209 
ASP 'L-peptide linking' y 'ASPARTIC ACID'              ? 'C4 H7 N O4'     133.103 
CYS 'L-peptide linking' y CYSTEINE                     ? 'C3 H7 N O2 S'   121.158 
FES non-polymer         . 'FE2/S2 (INORGANIC) CLUSTER' ? 'Fe2 S2'         175.820 
GLN 'L-peptide linking' y GLUTAMINE                    ? 'C5 H10 N2 O3'   146.144 
GLU 'L-peptide linking' y 'GLUTAMIC ACID'              ? 'C5 H9 N O4'     147.129 
GLY 'peptide linking'   y GLYCINE                      ? 'C2 H5 N O2'     75.067  
HIS 'L-peptide linking' y HISTIDINE                    ? 'C6 H10 N3 O2 1' 156.162 
HOH non-polymer         . WATER                        ? 'H2 O'           18.015  
ILE 'L-peptide linking' y ISOLEUCINE                   ? 'C6 H13 N O2'    131.173 
LEU 'L-peptide linking' y LEUCINE                      ? 'C6 H13 N O2'    131.173 
LYS 'L-peptide linking' y LYSINE                       ? 'C6 H15 N2 O2 1' 147.195 
MET 'L-peptide linking' y METHIONINE                   ? 'C5 H11 N O2 S'  149.211 
PHE 'L-peptide linking' y PHENYLALANINE                ? 'C9 H11 N O2'    165.189 
PRO 'L-peptide linking' y PROLINE                      ? 'C5 H9 N O2'     115.130 
SER 'L-peptide linking' y SERINE                       ? 'C3 H7 N O3'     105.093 
THR 'L-peptide linking' y THREONINE                    ? 'C4 H9 N O3'     119.119 
TYR 'L-peptide linking' y TYROSINE                     ? 'C9 H11 N O3'    181.189 
VAL 'L-peptide linking' y VALINE                       ? 'C5 H11 N O2'    117.146 
# 
loop_
_pdbx_poly_seq_scheme.asym_id 
_pdbx_poly_seq_scheme.entity_id 
_pdbx_poly_seq_scheme.seq_id 
_pdbx_poly_seq_scheme.mon_id 
_pdbx_poly_seq_scheme.ndb_seq_num 
_pdbx_poly_seq_scheme.pdb_seq_num 
_pdbx_poly_seq_scheme.auth_seq_num 
_pdbx_poly_seq_scheme.pdb_mon_id 
_pdbx_poly_seq_scheme.auth_mon_id 
_pdbx_poly_seq_scheme.pdb_strand_id 
_pdbx_poly_seq_scheme.pdb_ins_code 
_pdbx_poly_seq_scheme.hetero 
A 1 1  TYR 1  1  1  TYR TYR A . n 
A 1 2  LYS 2  2  2  LYS LYS A . n 
A 1 3  VAL 3  3  3  VAL VAL A . n 
A 1 4  THR 4  4  4  THR THR A . n 
A 1 5  LEU 5  5  5  LEU LEU A . n 
A 1 6  LYS 6  6  6  LYS LYS A . n 
A 1 7  THR 7  7  7  THR THR A . n 
A 1 8  PRO 8  8  8  PRO PRO A . n 
A 1 9  SER 9  9  9  SER SER A . n 
A 1 10 GLY 10 10 10 GLY GLY A . n 
A 1 11 GLU 11 11 11 GLU GLU A . n 
A 1 12 GLU 12 12 12 GLU GLU A . n 
A 1 13 THR 13 13 13 THR THR A . n 
A 1 14 ILE 14 14 14 ILE ILE A . n 
A 1 15 GLU 15 15 15 GLU GLU A . n 
A 1 16 CYS 16 16 16 CYS CYS A . n 
A 1 17 PRO 17 17 17 PRO PRO A . n 
A 1 18 GLU 18 18 18 GLU GLU A . n 
A 1 19 ASP 19 19 19 ASP ASP A . n 
A 1 20 THR 20 20 20 THR THR A . n 
A 1 21 TYR 21 21 21 TYR TYR A . n 
A 1 22 ILE 22 22 22 ILE ILE A . n 
A 1 23 LEU 23 23 23 LEU LEU A . n 
A 1 24 ASP 24 24 24 ASP ASP A . n 
A 1 25 ALA 25 25 25 ALA ALA A . n 
A 1 26 ALA 26 26 26 ALA ALA A . n 
A 1 27 GLU 27 27 27 GLU GLU A . n 
A 1 28 GLU 28 28 28 GLU GLU A . n 
A 1 29 ALA 29 29 29 ALA ALA A . n 
A 1 30 GLY 30 30 30 GLY GLY A . n 
A 1 31 LEU 31 31 31 LEU LEU A . n 
A 1 32 ASP 32 32 32 ASP ASP A . n 
A 1 33 LEU 33 33 33 LEU LEU A . n 
A 1 34 PRO 34 34 34 PRO PRO A . n 
A 1 35 TYR 35 35 35 TYR TYR A . n 
A 1 36 SER 36 36 36 SER SER A . n 
A 1 37 CYS 37 37 37 CYS CYS A . n 
A 1 38 ARG 38 38 38 ARG ARG A . n 
A 1 39 ALA 39 39 39 ALA ALA A . n 
A 1 40 GLY 40 40 40 GLY GLY A . n 
A 1 41 ALA 41 41 41 ALA ALA A . n 
A 1 42 CYS 42 42 42 CYS CYS A . n 
A 1 43 SER 43 43 43 SER SER A . n 
A 1 44 SER 44 44 44 SER SER A . n 
A 1 45 CYS 45 45 45 CYS CYS A . n 
A 1 46 ALA 46 46 46 ALA ALA A . n 
A 1 47 GLY 47 47 47 GLY GLY A . n 
A 1 48 LYS 48 48 48 LYS LYS A . n 
A 1 49 VAL 49 49 49 VAL VAL A . n 
A 1 50 GLU 50 50 50 GLU GLU A . n 
A 1 51 SER 51 51 51 SER SER A . n 
A 1 52 GLY 52 52 52 GLY GLY A . n 
A 1 53 GLU 53 53 53 GLU GLU A . n 
A 1 54 VAL 54 54 54 VAL VAL A . n 
A 1 55 ASP 55 55 55 ASP ASP A . n 
A 1 56 GLN 56 56 56 GLN GLN A . n 
A 1 57 SER 57 57 57 SER SER A . n 
A 1 58 ASP 58 58 58 ASP ASP A . n 
A 1 59 GLN 59 59 59 GLN GLN A . n 
A 1 60 SER 60 60 60 SER SER A . n 
A 1 61 PHE 61 61 61 PHE PHE A . n 
A 1 62 LEU 62 62 62 LEU LEU A . n 
A 1 63 ASP 63 63 63 ASP ASP A . n 
A 1 64 ASP 64 64 64 ASP ASP A . n 
A 1 65 ALA 65 65 65 ALA ALA A . n 
A 1 66 GLN 66 66 66 GLN GLN A . n 
A 1 67 MET 67 67 67 MET MET A . n 
A 1 68 GLY 68 68 68 GLY GLY A . n 
A 1 69 LYS 69 69 69 LYS LYS A . n 
A 1 70 GLY 70 70 70 GLY GLY A . n 
A 1 71 PHE 71 71 71 PHE PHE A . n 
A 1 72 VAL 72 72 72 VAL VAL A . n 
A 1 73 LEU 73 73 73 LEU LEU A . n 
A 1 74 THR 74 74 74 THR THR A . n 
A 1 75 CYS 75 75 75 CYS CYS A . n 
A 1 76 VAL 76 76 76 VAL VAL A . n 
A 1 77 ALA 77 77 77 ALA ALA A . n 
A 1 78 TYR 78 78 78 TYR TYR A . n 
A 1 79 PRO 79 79 79 PRO PRO A . n 
A 1 80 THR 80 80 80 THR THR A . n 
A 1 81 SER 81 81 81 SER SER A . n 
A 1 82 ASP 82 82 82 ASP ASP A . n 
A 1 83 VAL 83 83 83 VAL VAL A . n 
A 1 84 THR 84 84 84 THR THR A . n 
A 1 85 ILE 85 85 85 ILE ILE A . n 
A 1 86 LEU 86 86 86 LEU LEU A . n 
A 1 87 THR 87 87 87 THR THR A . n 
A 1 88 HIS 88 88 88 HIS HIS A . n 
A 1 89 GLN 89 89 89 GLN GLN A . n 
A 1 90 GLU 90 90 90 GLU GLU A . n 
A 1 91 ALA 91 91 91 ALA ALA A . n 
A 1 92 ALA 92 92 92 ALA ALA A . n 
A 1 93 LEU 93 93 93 LEU LEU A . n 
A 1 94 TYR 94 94 94 TYR TYR A . n 
# 
loop_
_pdbx_nonpoly_scheme.asym_id 
_pdbx_nonpoly_scheme.entity_id 
_pdbx_nonpoly_scheme.mon_id 
_pdbx_nonpoly_scheme.ndb_seq_num 
_pdbx_nonpoly_scheme.pdb_seq_num 
_pdbx_nonpoly_scheme.auth_seq_num 
_pdbx_nonpoly_scheme.pdb_mon_id 
_pdbx_nonpoly_scheme.auth_mon_id 
_pdbx_nonpoly_scheme.pdb_strand_id 
_pdbx_nonpoly_scheme.pdb_ins_code 
B 2 FES 1   98  98  FES FES A . 
C 3 HOH 1   101 101 HOH HOH A . 
C 3 HOH 2   102 102 HOH HOH A . 
C 3 HOH 3   103 103 HOH HOH A . 
C 3 HOH 4   104 104 HOH HOH A . 
C 3 HOH 5   105 105 HOH HOH A . 
C 3 HOH 6   106 106 HOH HOH A . 
C 3 HOH 7   107 107 HOH HOH A . 
C 3 HOH 8   108 108 HOH HOH A . 
C 3 HOH 9   109 109 HOH HOH A . 
C 3 HOH 10  110 110 HOH HOH A . 
C 3 HOH 11  111 111 HOH HOH A . 
C 3 HOH 12  112 112 HOH HOH A . 
C 3 HOH 13  113 113 HOH HOH A . 
C 3 HOH 14  114 114 HOH HOH A . 
C 3 HOH 15  115 115 HOH HOH A . 
C 3 HOH 16  116 116 HOH HOH A . 
C 3 HOH 17  117 117 HOH HOH A . 
C 3 HOH 18  118 118 HOH HOH A . 
C 3 HOH 19  119 119 HOH HOH A . 
C 3 HOH 20  120 120 HOH HOH A . 
C 3 HOH 21  121 121 HOH HOH A . 
C 3 HOH 22  122 122 HOH HOH A . 
C 3 HOH 23  123 123 HOH HOH A . 
C 3 HOH 24  124 124 HOH HOH A . 
C 3 HOH 25  125 125 HOH HOH A . 
C 3 HOH 26  126 126 HOH HOH A . 
C 3 HOH 27  127 127 HOH HOH A . 
C 3 HOH 28  128 128 HOH HOH A . 
C 3 HOH 29  129 129 HOH HOH A . 
C 3 HOH 30  130 130 HOH HOH A . 
C 3 HOH 31  131 131 HOH HOH A . 
C 3 HOH 32  132 132 HOH HOH A . 
C 3 HOH 33  133 133 HOH HOH A . 
C 3 HOH 34  134 134 HOH HOH A . 
C 3 HOH 35  135 135 HOH HOH A . 
C 3 HOH 36  136 136 HOH HOH A . 
C 3 HOH 37  137 137 HOH HOH A . 
C 3 HOH 38  138 138 HOH HOH A . 
C 3 HOH 39  139 139 HOH HOH A . 
C 3 HOH 40  140 140 HOH HOH A . 
C 3 HOH 41  141 141 HOH HOH A . 
C 3 HOH 42  142 142 HOH HOH A . 
C 3 HOH 43  143 143 HOH HOH A . 
C 3 HOH 44  144 144 HOH HOH A . 
C 3 HOH 45  145 145 HOH HOH A . 
C 3 HOH 46  146 146 HOH HOH A . 
C 3 HOH 47  147 147 HOH HOH A . 
C 3 HOH 48  148 148 HOH HOH A . 
C 3 HOH 49  149 149 HOH HOH A . 
C 3 HOH 50  150 150 HOH HOH A . 
C 3 HOH 51  151 151 HOH HOH A . 
C 3 HOH 52  152 152 HOH HOH A . 
C 3 HOH 53  153 153 HOH HOH A . 
C 3 HOH 54  154 154 HOH HOH A . 
C 3 HOH 55  155 155 HOH HOH A . 
C 3 HOH 56  156 156 HOH HOH A . 
C 3 HOH 57  157 157 HOH HOH A . 
C 3 HOH 58  158 158 HOH HOH A . 
C 3 HOH 59  159 159 HOH HOH A . 
C 3 HOH 60  160 160 HOH HOH A . 
C 3 HOH 61  161 161 HOH HOH A . 
C 3 HOH 62  162 162 HOH HOH A . 
C 3 HOH 63  163 163 HOH HOH A . 
C 3 HOH 64  164 164 HOH HOH A . 
C 3 HOH 65  165 165 HOH HOH A . 
C 3 HOH 66  166 166 HOH HOH A . 
C 3 HOH 67  167 167 HOH HOH A . 
C 3 HOH 68  168 168 HOH HOH A . 
C 3 HOH 69  169 169 HOH HOH A . 
C 3 HOH 70  170 170 HOH HOH A . 
C 3 HOH 71  171 171 HOH HOH A . 
C 3 HOH 72  172 172 HOH HOH A . 
C 3 HOH 73  173 173 HOH HOH A . 
C 3 HOH 74  174 174 HOH HOH A . 
C 3 HOH 75  175 175 HOH HOH A . 
C 3 HOH 76  176 176 HOH HOH A . 
C 3 HOH 77  177 177 HOH HOH A . 
C 3 HOH 78  178 178 HOH HOH A . 
C 3 HOH 79  179 179 HOH HOH A . 
C 3 HOH 80  180 180 HOH HOH A . 
C 3 HOH 81  181 181 HOH HOH A . 
C 3 HOH 82  182 182 HOH HOH A . 
C 3 HOH 83  183 183 HOH HOH A . 
C 3 HOH 84  184 184 HOH HOH A . 
C 3 HOH 85  185 185 HOH HOH A . 
C 3 HOH 86  186 186 HOH HOH A . 
C 3 HOH 87  187 187 HOH HOH A . 
C 3 HOH 88  188 188 HOH HOH A . 
C 3 HOH 89  189 189 HOH HOH A . 
C 3 HOH 90  190 190 HOH HOH A . 
C 3 HOH 91  191 191 HOH HOH A . 
C 3 HOH 92  192 192 HOH HOH A . 
C 3 HOH 93  193 193 HOH HOH A . 
C 3 HOH 94  194 194 HOH HOH A . 
C 3 HOH 95  195 195 HOH HOH A . 
C 3 HOH 96  196 196 HOH HOH A . 
C 3 HOH 97  197 197 HOH HOH A . 
C 3 HOH 98  198 198 HOH HOH A . 
C 3 HOH 99  199 199 HOH HOH A . 
C 3 HOH 100 200 200 HOH HOH A . 
C 3 HOH 101 201 201 HOH HOH A . 
C 3 HOH 102 202 202 HOH HOH A . 
C 3 HOH 103 203 203 HOH HOH A . 
C 3 HOH 104 204 204 HOH HOH A . 
C 3 HOH 105 205 205 HOH HOH A . 
C 3 HOH 106 206 206 HOH HOH A . 
C 3 HOH 107 207 207 HOH HOH A . 
C 3 HOH 108 208 208 HOH HOH A . 
C 3 HOH 109 209 209 HOH HOH A . 
C 3 HOH 110 210 210 HOH HOH A . 
C 3 HOH 111 211 211 HOH HOH A . 
C 3 HOH 112 212 212 HOH HOH A . 
C 3 HOH 113 213 213 HOH HOH A . 
C 3 HOH 114 214 214 HOH HOH A . 
C 3 HOH 115 215 215 HOH HOH A . 
C 3 HOH 116 216 216 HOH HOH A . 
C 3 HOH 117 217 217 HOH HOH A . 
C 3 HOH 118 218 218 HOH HOH A . 
C 3 HOH 119 219 219 HOH HOH A . 
C 3 HOH 120 220 220 HOH HOH A . 
C 3 HOH 121 221 221 HOH HOH A . 
C 3 HOH 122 222 222 HOH HOH A . 
C 3 HOH 123 223 223 HOH HOH A . 
C 3 HOH 124 224 224 HOH HOH A . 
C 3 HOH 125 225 225 HOH HOH A . 
C 3 HOH 126 226 226 HOH HOH A . 
# 
loop_
_software.name 
_software.classification 
_software.version 
_software.citation_id 
_software.pdbx_ordinal 
SHELXL-97 'model building' . ? 1 
SHELXL-97 refinement       . ? 2 
DENZO     'data reduction' . ? 3 
SCALEPACK 'data scaling'   . ? 4 
SHELXL-97 phasing          . ? 5 
# 
_cell.entry_id           1AWD 
_cell.length_a           112.440 
_cell.length_b           112.440 
_cell.length_c           112.440 
_cell.angle_alpha        90.00 
_cell.angle_beta         90.00 
_cell.angle_gamma        90.00 
_cell.Z_PDB              48 
_cell.pdbx_unique_axis   ? 
# 
_symmetry.entry_id                         1AWD 
_symmetry.space_group_name_H-M             'I 4 3 2' 
_symmetry.pdbx_full_space_group_name_H-M   ? 
_symmetry.cell_setting                     ? 
_symmetry.Int_Tables_number                211 
# 
_exptl.entry_id          1AWD 
_exptl.method            'X-RAY DIFFRACTION' 
_exptl.crystals_number   1 
# 
_exptl_crystal.id                    1 
_exptl_crystal.density_meas          ? 
_exptl_crystal.density_Matthews      2.9 
_exptl_crystal.density_percent_sol   58. 
_exptl_crystal.description           ? 
# 
_exptl_crystal_grow.crystal_id      1 
_exptl_crystal_grow.method          ? 
_exptl_crystal_grow.temp            ? 
_exptl_crystal_grow.temp_details    ? 
_exptl_crystal_grow.pH              8.0 
_exptl_crystal_grow.pdbx_pH_range   ? 
_exptl_crystal_grow.pdbx_details    '1.3 M SODIUM CITRATE, 0.1 M GLYCINE AT PH 8.0' 
# 
_diffrn.id                     1 
_diffrn.ambient_temp           103 
_diffrn.ambient_temp_details   ? 
_diffrn.crystal_id             1 
# 
_diffrn_detector.diffrn_id              1 
_diffrn_detector.detector               'IMAGE PLATE' 
_diffrn_detector.type                   MARRESEARCH 
_diffrn_detector.pdbx_collection_date   1997-04-26 
_diffrn_detector.details                'BENT CRYSTAL MONOCHROMATOR' 
# 
_diffrn_radiation.diffrn_id                        1 
_diffrn_radiation.wavelength_id                    1 
_diffrn_radiation.pdbx_monochromatic_or_laue_m_l   M 
_diffrn_radiation.monochromator                    'GE(111)' 
_diffrn_radiation.pdbx_diffrn_protocol             ? 
_diffrn_radiation.pdbx_scattering_type             x-ray 
# 
_diffrn_radiation_wavelength.id           1 
_diffrn_radiation_wavelength.wavelength   0.9091 
_diffrn_radiation_wavelength.wt           1.0 
# 
_diffrn_source.diffrn_id                   1 
_diffrn_source.source                      SYNCHROTRON 
_diffrn_source.type                        'EMBL/DESY, HAMBURG BEAMLINE X11' 
_diffrn_source.pdbx_synchrotron_site       'EMBL/DESY, HAMBURG' 
_diffrn_source.pdbx_synchrotron_beamline   X11 
_diffrn_source.pdbx_wavelength             0.9091 
_diffrn_source.pdbx_wavelength_list        ? 
# 
_reflns.entry_id                     1AWD 
_reflns.observed_criterion_sigma_I   ? 
_reflns.observed_criterion_sigma_F   ? 
_reflns.d_resolution_low             26.5 
_reflns.d_resolution_high            1.40 
_reflns.number_obs                   24157 
_reflns.number_all                   ? 
_reflns.percent_possible_obs         99.9 
_reflns.pdbx_Rmerge_I_obs            0.0470000 
_reflns.pdbx_Rsym_value              ? 
_reflns.pdbx_netI_over_sigmaI        25.0 
_reflns.B_iso_Wilson_estimate        ? 
_reflns.pdbx_redundancy              14.5 
_reflns.pdbx_diffrn_id               1 
_reflns.pdbx_ordinal                 1 
# 
_reflns_shell.d_res_high             1.40 
_reflns_shell.d_res_low              1.50 
_reflns_shell.percent_possible_all   100.0 
_reflns_shell.Rmerge_I_obs           0.5110000 
_reflns_shell.pdbx_Rsym_value        ? 
_reflns_shell.meanI_over_sigI_obs    3.42 
_reflns_shell.pdbx_redundancy        10.6 
_reflns_shell.pdbx_diffrn_id         ? 
_reflns_shell.pdbx_ordinal           1 
# 
_refine.entry_id                                 1AWD 
_refine.ls_number_reflns_obs                     ? 
_refine.ls_number_reflns_all                     24070 
_refine.pdbx_ls_sigma_I                          ? 
_refine.pdbx_ls_sigma_F                          0.0 
_refine.pdbx_data_cutoff_high_absF               ? 
_refine.pdbx_data_cutoff_low_absF                ? 
_refine.pdbx_data_cutoff_high_rms_absF           ? 
_refine.ls_d_res_low                             10.0 
_refine.ls_d_res_high                            1.40 
_refine.ls_percent_reflns_obs                    99.9 
_refine.ls_R_factor_obs                          0.1464000 
_refine.ls_R_factor_all                          0.1466000 
_refine.ls_R_factor_R_work                       ? 
_refine.ls_R_factor_R_free                       0.1811000 
_refine.ls_R_factor_R_free_error                 ? 
_refine.ls_R_factor_R_free_error_details         ? 
_refine.ls_percent_reflns_R_free                 5.0 
_refine.ls_number_reflns_R_free                  1202 
_refine.ls_number_parameters                     7544 
_refine.ls_number_restraints                     8916 
_refine.occupancy_min                            ? 
_refine.occupancy_max                            ? 
_refine.B_iso_mean                               ? 
_refine.aniso_B[1][1]                            ? 
_refine.aniso_B[2][2]                            ? 
_refine.aniso_B[3][3]                            ? 
_refine.aniso_B[1][2]                            ? 
_refine.aniso_B[1][3]                            ? 
_refine.aniso_B[2][3]                            ? 
_refine.solvent_model_details                    'MOEWS & KRETSINGER, J.MOL.BIOL. 91 (1973) 201-228' 
_refine.solvent_model_param_ksol                 ? 
_refine.solvent_model_param_bsol                 ? 
_refine.pdbx_ls_cross_valid_method               'FREE R' 
_refine.details                                  'ANISOTROPIC REFINEMENT REDUCED FREE R (NO CUTOFF) BY 3.2%' 
_refine.pdbx_starting_model                      ? 
_refine.pdbx_method_to_determine_struct          
;ANOMALOUS DISPERSION TO FIND THE TWO FE ATOMS USING 2.3 ANGSTROM CU ROTATING ANODE/MULTIWIRE DATA. THE REMAINING ATOMS WERE THEN FOUND BY ROTATING A FRAGMENT (FROM ENTRY 1FXL) ABOUT THE IRON ATOMS TO MINIMIZE THE CORRELATION COEFFICIENT BETWEEN F(OBS) AND F(CALC).
;
_refine.pdbx_isotropic_thermal_model             ? 
_refine.pdbx_stereochemistry_target_values       'ENGH AND HUBER' 
_refine.pdbx_stereochem_target_val_spec_case     'NO RESTRAINTS ON PROSTHETIC GROUP (RESIDUE 98)' 
_refine.pdbx_R_Free_selection_details            RANDOM 
_refine.pdbx_overall_ESU_R                       ? 
_refine.pdbx_overall_ESU_R_Free                  ? 
_refine.overall_SU_ML                            ? 
_refine.overall_SU_B                             ? 
_refine.pdbx_refine_id                           'X-RAY DIFFRACTION' 
_refine.pdbx_diffrn_id                           1 
_refine.pdbx_TLS_residual_ADP_flag               ? 
_refine.correlation_coeff_Fo_to_Fc               ? 
_refine.correlation_coeff_Fo_to_Fc_free          ? 
_refine.pdbx_solvent_vdw_probe_radii             ? 
_refine.pdbx_solvent_ion_probe_radii             ? 
_refine.pdbx_solvent_shrinkage_radii             ? 
_refine.pdbx_overall_phase_error                 ? 
_refine.overall_SU_R_Cruickshank_DPI             ? 
_refine.pdbx_overall_SU_R_free_Cruickshank_DPI   ? 
_refine.pdbx_overall_SU_R_Blow_DPI               ? 
_refine.pdbx_overall_SU_R_free_Blow_DPI          ? 
# 
_refine_analyze.entry_id                        1AWD 
_refine_analyze.Luzzati_coordinate_error_obs    ? 
_refine_analyze.Luzzati_sigma_a_obs             ? 
_refine_analyze.Luzzati_d_res_low_obs           ? 
_refine_analyze.Luzzati_coordinate_error_free   ? 
_refine_analyze.Luzzati_sigma_a_free            ? 
_refine_analyze.Luzzati_d_res_low_free          ? 
_refine_analyze.number_disordered_residues      3 
_refine_analyze.occupancy_sum_hydrogen          647.00 
_refine_analyze.occupancy_sum_non_hydrogen      796.00 
_refine_analyze.pdbx_refine_id                  'X-RAY DIFFRACTION' 
# 
_refine_hist.pdbx_refine_id                   'X-RAY DIFFRACTION' 
_refine_hist.cycle_id                         LAST 
_refine_hist.pdbx_number_atoms_protein        708 
_refine_hist.pdbx_number_atoms_nucleic_acid   0 
_refine_hist.pdbx_number_atoms_ligand         4 
_refine_hist.number_atoms_solvent             126 
_refine_hist.number_atoms_total               838 
_refine_hist.d_res_high                       1.40 
_refine_hist.d_res_low                        10.0 
# 
loop_
_refine_ls_restr.type 
_refine_ls_restr.dev_ideal 
_refine_ls_restr.dev_ideal_target 
_refine_ls_restr.weight 
_refine_ls_restr.number 
_refine_ls_restr.pdbx_refine_id 
_refine_ls_restr.pdbx_restraint_function 
s_bond_d               0.012 ? ? ? 'X-RAY DIFFRACTION' ? 
s_angle_d              0.030 ? ? ? 'X-RAY DIFFRACTION' ? 
s_similar_dist         ?     ? ? ? 'X-RAY DIFFRACTION' ? 
s_from_restr_planes    0.029 ? ? ? 'X-RAY DIFFRACTION' ? 
s_zero_chiral_vol      0.066 ? ? ? 'X-RAY DIFFRACTION' ? 
s_non_zero_chiral_vol  0.063 ? ? ? 'X-RAY DIFFRACTION' ? 
s_anti_bump_dis_restr  0.056 ? ? ? 'X-RAY DIFFRACTION' ? 
s_rigid_bond_adp_cmpnt 0.004 ? ? ? 'X-RAY DIFFRACTION' ? 
s_similar_adp_cmpnt    0.054 ? ? ? 'X-RAY DIFFRACTION' ? 
s_approx_iso_adps      0.098 ? ? ? 'X-RAY DIFFRACTION' ? 
# 
_pdbx_refine.entry_id                                    1AWD 
_pdbx_refine.R_factor_all_no_cutoff                      0.1466000 
_pdbx_refine.R_factor_obs_no_cutoff                      0.1464000 
_pdbx_refine.free_R_factor_no_cutoff                     0.1811000 
_pdbx_refine.free_R_val_test_set_size_perc_no_cutoff     5.0 
_pdbx_refine.free_R_val_test_set_ct_no_cutoff            1202 
_pdbx_refine.R_factor_all_4sig_cutoff                    0.1368000 
_pdbx_refine.R_factor_obs_4sig_cutoff                    0.1364000 
_pdbx_refine.free_R_factor_4sig_cutoff                   0.1715000 
_pdbx_refine.free_R_val_test_set_size_perc_4sig_cutoff   5.0 
_pdbx_refine.free_R_val_test_set_ct_4sig_cutoff          1029 
_pdbx_refine.number_reflns_obs_4sig_cutoff               20412 
_pdbx_refine.pdbx_refine_id                              'X-RAY DIFFRACTION' 
_pdbx_refine.free_R_error_no_cutoff                      ? 
# 
_struct.entry_id                  1AWD 
_struct.title                     'FERREDOXIN [2FE-2S] OXIDIZED FORM FROM CHLORELLA FUSCA' 
_struct.pdbx_model_details        ? 
_struct.pdbx_CASP_flag            ? 
_struct.pdbx_model_type_details   ? 
# 
_struct_keywords.entry_id        1AWD 
_struct_keywords.pdbx_keywords   'ELECTRON TRANSPORT' 
_struct_keywords.text            'ELECTRON TRANSPORT, EUKARYOTIC, GREEN ALGA, ELECTRON TRANSFER, METALLOPROTEIN' 
# 
loop_
_struct_asym.id 
_struct_asym.pdbx_blank_PDB_chainid_flag 
_struct_asym.pdbx_modified 
_struct_asym.entity_id 
_struct_asym.details 
A N N 1 ? 
B N N 2 ? 
C N N 3 ? 
# 
_struct_ref.id                         1 
_struct_ref.db_name                    UNP 
_struct_ref.db_code                    FER_CHLFU 
_struct_ref.entity_id                  1 
_struct_ref.pdbx_db_accession          P56408 
_struct_ref.pdbx_align_begin           1 
_struct_ref.pdbx_seq_one_letter_code   
;YKVTLKTPSGEETIECPEDTYILDAAEEAGLDLPYSCRAGACSSCAGKVESGEVDQSDQSFLDDAQMGKGFVLTCVAYPT
SDVTILTHQEAALY
;
_struct_ref.pdbx_db_isoform            ? 
# 
_struct_ref_seq.align_id                      1 
_struct_ref_seq.ref_id                        1 
_struct_ref_seq.pdbx_PDB_id_code              1AWD 
_struct_ref_seq.pdbx_strand_id                A 
_struct_ref_seq.seq_align_beg                 1 
_struct_ref_seq.pdbx_seq_align_beg_ins_code   ? 
_struct_ref_seq.seq_align_end                 94 
_struct_ref_seq.pdbx_seq_align_end_ins_code   ? 
_struct_ref_seq.pdbx_db_accession             P56408 
_struct_ref_seq.db_align_beg                  1 
_struct_ref_seq.pdbx_db_align_beg_ins_code    ? 
_struct_ref_seq.db_align_end                  94 
_struct_ref_seq.pdbx_db_align_end_ins_code    ? 
_struct_ref_seq.pdbx_auth_seq_align_beg       1 
_struct_ref_seq.pdbx_auth_seq_align_end       94 
# 
_pdbx_struct_assembly.id                   1 
_pdbx_struct_assembly.details              author_defined_assembly 
_pdbx_struct_assembly.method_details       ? 
_pdbx_struct_assembly.oligomeric_details   dimeric 
_pdbx_struct_assembly.oligomeric_count     2 
# 
_pdbx_struct_assembly_gen.assembly_id       1 
_pdbx_struct_assembly_gen.oper_expression   1,2 
_pdbx_struct_assembly_gen.asym_id_list      A,B,C 
# 
loop_
_pdbx_struct_oper_list.id 
_pdbx_struct_oper_list.type 
_pdbx_struct_oper_list.name 
_pdbx_struct_oper_list.symmetry_operation 
_pdbx_struct_oper_list.matrix[1][1] 
_pdbx_struct_oper_list.matrix[1][2] 
_pdbx_struct_oper_list.matrix[1][3] 
_pdbx_struct_oper_list.vector[1] 
_pdbx_struct_oper_list.matrix[2][1] 
_pdbx_struct_oper_list.matrix[2][2] 
_pdbx_struct_oper_list.matrix[2][3] 
_pdbx_struct_oper_list.vector[2] 
_pdbx_struct_oper_list.matrix[3][1] 
_pdbx_struct_oper_list.matrix[3][2] 
_pdbx_struct_oper_list.matrix[3][3] 
_pdbx_struct_oper_list.vector[3] 
1 'identity operation'         1_555  x,y,z              1.0000000000  0.0000000000 0.0000000000  0.0000000000  0.0000000000 1.0000000000 0.0000000000  0.0000000000  0.0000000000  0.0000000000  1.0000000000  0.0000000000  
2 'crystal symmetry operation' 37_455 y-1/2,x+1/2,-z+1/2 -0.8564158863 0.5157192010 -0.0241978396 21.3105497991 0.5157192010 0.8523378903 -0.0869127521 -6.3193080236 -0.0241978396 -0.0869127521 -0.9959220040 -8.2293329666 
# 
_struct_biol.id   1 
# 
loop_
_struct_conf.conf_type_id 
_struct_conf.id 
_struct_conf.pdbx_PDB_helix_id 
_struct_conf.beg_label_comp_id 
_struct_conf.beg_label_asym_id 
_struct_conf.beg_label_seq_id 
_struct_conf.pdbx_beg_PDB_ins_code 
_struct_conf.end_label_comp_id 
_struct_conf.end_label_asym_id 
_struct_conf.end_label_seq_id 
_struct_conf.pdbx_end_PDB_ins_code 
_struct_conf.beg_auth_comp_id 
_struct_conf.beg_auth_asym_id 
_struct_conf.beg_auth_seq_id 
_struct_conf.end_auth_comp_id 
_struct_conf.end_auth_asym_id 
_struct_conf.end_auth_seq_id 
_struct_conf.pdbx_PDB_helix_class 
_struct_conf.details 
_struct_conf.pdbx_PDB_helix_length 
HELX_P HELX_P1 1 ILE A 22 ? GLU A 28 ? ILE A 22 GLU A 28 1 ? 7 
HELX_P HELX_P2 2 ASP A 64 ? GLY A 68 ? ASP A 64 GLY A 68 1 ? 5 
HELX_P HELX_P3 3 THR A 74 ? VAL A 76 ? THR A 74 VAL A 76 5 ? 3 
HELX_P HELX_P4 4 GLU A 90 ? ALA A 92 ? GLU A 90 ALA A 92 5 ? 3 
# 
_struct_conf_type.id          HELX_P 
_struct_conf_type.criteria    ? 
_struct_conf_type.reference   ? 
# 
loop_
_struct_conn.id 
_struct_conn.conn_type_id 
_struct_conn.pdbx_leaving_atom_flag 
_struct_conn.pdbx_PDB_id 
_struct_conn.ptnr1_label_asym_id 
_struct_conn.ptnr1_label_comp_id 
_struct_conn.ptnr1_label_seq_id 
_struct_conn.ptnr1_label_atom_id 
_struct_conn.pdbx_ptnr1_label_alt_id 
_struct_conn.pdbx_ptnr1_PDB_ins_code 
_struct_conn.pdbx_ptnr1_standard_comp_id 
_struct_conn.ptnr1_symmetry 
_struct_conn.ptnr2_label_asym_id 
_struct_conn.ptnr2_label_comp_id 
_struct_conn.ptnr2_label_seq_id 
_struct_conn.ptnr2_label_atom_id 
_struct_conn.pdbx_ptnr2_label_alt_id 
_struct_conn.pdbx_ptnr2_PDB_ins_code 
_struct_conn.ptnr1_auth_asym_id 
_struct_conn.ptnr1_auth_comp_id 
_struct_conn.ptnr1_auth_seq_id 
_struct_conn.ptnr2_auth_asym_id 
_struct_conn.ptnr2_auth_comp_id 
_struct_conn.ptnr2_auth_seq_id 
_struct_conn.ptnr2_symmetry 
_struct_conn.pdbx_ptnr3_label_atom_id 
_struct_conn.pdbx_ptnr3_label_seq_id 
_struct_conn.pdbx_ptnr3_label_comp_id 
_struct_conn.pdbx_ptnr3_label_asym_id 
_struct_conn.pdbx_ptnr3_label_alt_id 
_struct_conn.pdbx_ptnr3_PDB_ins_code 
_struct_conn.details 
_struct_conn.pdbx_dist_value 
_struct_conn.pdbx_value_order 
_struct_conn.pdbx_role 
metalc1 metalc ? ? A CYS 37 SG ? ? ? 1_555 B FES . FE1 ? ? A CYS 37 A FES 98 1_555 ? ? ? ? ? ? ? 2.365 ? ? 
metalc2 metalc ? ? A CYS 42 SG ? ? ? 1_555 B FES . FE1 ? ? A CYS 42 A FES 98 1_555 ? ? ? ? ? ? ? 2.267 ? ? 
metalc3 metalc ? ? A CYS 45 SG ? ? ? 1_555 B FES . FE2 ? ? A CYS 45 A FES 98 1_555 ? ? ? ? ? ? ? 2.271 ? ? 
metalc4 metalc ? ? A CYS 75 SG ? ? ? 1_555 B FES . FE2 ? ? A CYS 75 A FES 98 1_555 ? ? ? ? ? ? ? 2.296 ? ? 
# 
_struct_conn_type.id          metalc 
_struct_conn_type.criteria    ? 
_struct_conn_type.reference   ? 
# 
loop_
_pdbx_struct_conn_angle.id 
_pdbx_struct_conn_angle.ptnr1_label_atom_id 
_pdbx_struct_conn_angle.ptnr1_label_alt_id 
_pdbx_struct_conn_angle.ptnr1_label_asym_id 
_pdbx_struct_conn_angle.ptnr1_label_comp_id 
_pdbx_struct_conn_angle.ptnr1_label_seq_id 
_pdbx_struct_conn_angle.ptnr1_auth_atom_id 
_pdbx_struct_conn_angle.ptnr1_auth_asym_id 
_pdbx_struct_conn_angle.ptnr1_auth_comp_id 
_pdbx_struct_conn_angle.ptnr1_auth_seq_id 
_pdbx_struct_conn_angle.ptnr1_PDB_ins_code 
_pdbx_struct_conn_angle.ptnr1_symmetry 
_pdbx_struct_conn_angle.ptnr2_label_atom_id 
_pdbx_struct_conn_angle.ptnr2_label_alt_id 
_pdbx_struct_conn_angle.ptnr2_label_asym_id 
_pdbx_struct_conn_angle.ptnr2_label_comp_id 
_pdbx_struct_conn_angle.ptnr2_label_seq_id 
_pdbx_struct_conn_angle.ptnr2_auth_atom_id 
_pdbx_struct_conn_angle.ptnr2_auth_asym_id 
_pdbx_struct_conn_angle.ptnr2_auth_comp_id 
_pdbx_struct_conn_angle.ptnr2_auth_seq_id 
_pdbx_struct_conn_angle.ptnr2_PDB_ins_code 
_pdbx_struct_conn_angle.ptnr2_symmetry 
_pdbx_struct_conn_angle.ptnr3_label_atom_id 
_pdbx_struct_conn_angle.ptnr3_label_alt_id 
_pdbx_struct_conn_angle.ptnr3_label_asym_id 
_pdbx_struct_conn_angle.ptnr3_label_comp_id 
_pdbx_struct_conn_angle.ptnr3_label_seq_id 
_pdbx_struct_conn_angle.ptnr3_auth_atom_id 
_pdbx_struct_conn_angle.ptnr3_auth_asym_id 
_pdbx_struct_conn_angle.ptnr3_auth_comp_id 
_pdbx_struct_conn_angle.ptnr3_auth_seq_id 
_pdbx_struct_conn_angle.ptnr3_PDB_ins_code 
_pdbx_struct_conn_angle.ptnr3_symmetry 
_pdbx_struct_conn_angle.value 
_pdbx_struct_conn_angle.value_esd 
1  SG ? A CYS 37 ? A CYS 37 ? 1_555 FE1 ? B FES . ? A FES 98 ? 1_555 S1 ? B FES .  ? A FES 98 ? 1_555 117.7 ? 
2  SG ? A CYS 37 ? A CYS 37 ? 1_555 FE1 ? B FES . ? A FES 98 ? 1_555 S2 ? B FES .  ? A FES 98 ? 1_555 104.2 ? 
3  S1 ? B FES .  ? A FES 98 ? 1_555 FE1 ? B FES . ? A FES 98 ? 1_555 S2 ? B FES .  ? A FES 98 ? 1_555 101.4 ? 
4  SG ? A CYS 37 ? A CYS 37 ? 1_555 FE1 ? B FES . ? A FES 98 ? 1_555 SG ? A CYS 42 ? A CYS 42 ? 1_555 105.0 ? 
5  S1 ? B FES .  ? A FES 98 ? 1_555 FE1 ? B FES . ? A FES 98 ? 1_555 SG ? A CYS 42 ? A CYS 42 ? 1_555 110.7 ? 
6  S2 ? B FES .  ? A FES 98 ? 1_555 FE1 ? B FES . ? A FES 98 ? 1_555 SG ? A CYS 42 ? A CYS 42 ? 1_555 118.4 ? 
7  SG ? A CYS 45 ? A CYS 45 ? 1_555 FE2 ? B FES . ? A FES 98 ? 1_555 S1 ? B FES .  ? A FES 98 ? 1_555 113.8 ? 
8  SG ? A CYS 45 ? A CYS 45 ? 1_555 FE2 ? B FES . ? A FES 98 ? 1_555 S2 ? B FES .  ? A FES 98 ? 1_555 110.7 ? 
9  S1 ? B FES .  ? A FES 98 ? 1_555 FE2 ? B FES . ? A FES 98 ? 1_555 S2 ? B FES .  ? A FES 98 ? 1_555 104.8 ? 
10 SG ? A CYS 45 ? A CYS 45 ? 1_555 FE2 ? B FES . ? A FES 98 ? 1_555 SG ? A CYS 75 ? A CYS 75 ? 1_555 105.1 ? 
11 S1 ? B FES .  ? A FES 98 ? 1_555 FE2 ? B FES . ? A FES 98 ? 1_555 SG ? A CYS 75 ? A CYS 75 ? 1_555 116.4 ? 
12 S2 ? B FES .  ? A FES 98 ? 1_555 FE2 ? B FES . ? A FES 98 ? 1_555 SG ? A CYS 75 ? A CYS 75 ? 1_555 105.8 ? 
# 
_struct_sheet.id               A 
_struct_sheet.type             ? 
_struct_sheet.number_strands   5 
_struct_sheet.details          ? 
# 
loop_
_struct_sheet_order.sheet_id 
_struct_sheet_order.range_id_1 
_struct_sheet_order.range_id_2 
_struct_sheet_order.offset 
_struct_sheet_order.sense 
A 1 2 ? anti-parallel 
A 2 3 ? parallel      
A 3 4 ? anti-parallel 
A 4 5 ? anti-parallel 
# 
loop_
_struct_sheet_range.sheet_id 
_struct_sheet_range.id 
_struct_sheet_range.beg_label_comp_id 
_struct_sheet_range.beg_label_asym_id 
_struct_sheet_range.beg_label_seq_id 
_struct_sheet_range.pdbx_beg_PDB_ins_code 
_struct_sheet_range.end_label_comp_id 
_struct_sheet_range.end_label_asym_id 
_struct_sheet_range.end_label_seq_id 
_struct_sheet_range.pdbx_end_PDB_ins_code 
_struct_sheet_range.beg_auth_comp_id 
_struct_sheet_range.beg_auth_asym_id 
_struct_sheet_range.beg_auth_seq_id 
_struct_sheet_range.end_auth_comp_id 
_struct_sheet_range.end_auth_asym_id 
_struct_sheet_range.end_auth_seq_id 
A 1 GLY A 10 ? GLU A 15 ? GLY A 10 GLU A 15 
A 2 LYS A 2  ? THR A 7  ? LYS A 2  THR A 7  
A 3 VAL A 83 ? LEU A 86 ? VAL A 83 LEU A 86 
A 4 ALA A 46 ? SER A 51 ? ALA A 46 SER A 51 
A 5 PHE A 71 ? LEU A 73 ? PHE A 71 LEU A 73 
# 
loop_
_pdbx_struct_sheet_hbond.sheet_id 
_pdbx_struct_sheet_hbond.range_id_1 
_pdbx_struct_sheet_hbond.range_id_2 
_pdbx_struct_sheet_hbond.range_1_label_atom_id 
_pdbx_struct_sheet_hbond.range_1_label_comp_id 
_pdbx_struct_sheet_hbond.range_1_label_asym_id 
_pdbx_struct_sheet_hbond.range_1_label_seq_id 
_pdbx_struct_sheet_hbond.range_1_PDB_ins_code 
_pdbx_struct_sheet_hbond.range_1_auth_atom_id 
_pdbx_struct_sheet_hbond.range_1_auth_comp_id 
_pdbx_struct_sheet_hbond.range_1_auth_asym_id 
_pdbx_struct_sheet_hbond.range_1_auth_seq_id 
_pdbx_struct_sheet_hbond.range_2_label_atom_id 
_pdbx_struct_sheet_hbond.range_2_label_comp_id 
_pdbx_struct_sheet_hbond.range_2_label_asym_id 
_pdbx_struct_sheet_hbond.range_2_label_seq_id 
_pdbx_struct_sheet_hbond.range_2_PDB_ins_code 
_pdbx_struct_sheet_hbond.range_2_auth_atom_id 
_pdbx_struct_sheet_hbond.range_2_auth_comp_id 
_pdbx_struct_sheet_hbond.range_2_auth_asym_id 
_pdbx_struct_sheet_hbond.range_2_auth_seq_id 
A 1 2 O GLY A 10 ? O GLY A 10 N THR A 7  ? N THR A 7  
A 2 3 O THR A 4  ? O THR A 4  N VAL A 83 ? N VAL A 83 
A 3 4 O THR A 84 ? O THR A 84 N SER A 51 ? N SER A 51 
A 4 5 O GLY A 47 ? O GLY A 47 N VAL A 72 ? N VAL A 72 
# 
_struct_site.id                   AC1 
_struct_site.pdbx_evidence_code   Software 
_struct_site.pdbx_auth_asym_id    A 
_struct_site.pdbx_auth_comp_id    FES 
_struct_site.pdbx_auth_seq_id     98 
_struct_site.pdbx_auth_ins_code   ? 
_struct_site.pdbx_num_residues    9 
_struct_site.details              'BINDING SITE FOR RESIDUE FES A 98' 
# 
loop_
_struct_site_gen.id 
_struct_site_gen.site_id 
_struct_site_gen.pdbx_num_res 
_struct_site_gen.label_comp_id 
_struct_site_gen.label_asym_id 
_struct_site_gen.label_seq_id 
_struct_site_gen.pdbx_auth_ins_code 
_struct_site_gen.auth_comp_id 
_struct_site_gen.auth_asym_id 
_struct_site_gen.auth_seq_id 
_struct_site_gen.label_atom_id 
_struct_site_gen.label_alt_id 
_struct_site_gen.symmetry 
_struct_site_gen.details 
1 AC1 9 SER A 36 ? SER A 36 . ? 1_555 ? 
2 AC1 9 CYS A 37 ? CYS A 37 . ? 1_555 ? 
3 AC1 9 ARG A 38 ? ARG A 38 . ? 1_555 ? 
4 AC1 9 GLY A 40 ? GLY A 40 . ? 1_555 ? 
5 AC1 9 ALA A 41 ? ALA A 41 . ? 1_555 ? 
6 AC1 9 CYS A 42 ? CYS A 42 . ? 1_555 ? 
7 AC1 9 CYS A 45 ? CYS A 45 . ? 1_555 ? 
8 AC1 9 LEU A 73 ? LEU A 73 . ? 1_555 ? 
9 AC1 9 CYS A 75 ? CYS A 75 . ? 1_555 ? 
# 
loop_
_pdbx_validate_rmsd_angle.id 
_pdbx_validate_rmsd_angle.PDB_model_num 
_pdbx_validate_rmsd_angle.auth_atom_id_1 
_pdbx_validate_rmsd_angle.auth_asym_id_1 
_pdbx_validate_rmsd_angle.auth_comp_id_1 
_pdbx_validate_rmsd_angle.auth_seq_id_1 
_pdbx_validate_rmsd_angle.PDB_ins_code_1 
_pdbx_validate_rmsd_angle.label_alt_id_1 
_pdbx_validate_rmsd_angle.auth_atom_id_2 
_pdbx_validate_rmsd_angle.auth_asym_id_2 
_pdbx_validate_rmsd_angle.auth_comp_id_2 
_pdbx_validate_rmsd_angle.auth_seq_id_2 
_pdbx_validate_rmsd_angle.PDB_ins_code_2 
_pdbx_validate_rmsd_angle.label_alt_id_2 
_pdbx_validate_rmsd_angle.auth_atom_id_3 
_pdbx_validate_rmsd_angle.auth_asym_id_3 
_pdbx_validate_rmsd_angle.auth_comp_id_3 
_pdbx_validate_rmsd_angle.auth_seq_id_3 
_pdbx_validate_rmsd_angle.PDB_ins_code_3 
_pdbx_validate_rmsd_angle.label_alt_id_3 
_pdbx_validate_rmsd_angle.angle_value 
_pdbx_validate_rmsd_angle.angle_target_value 
_pdbx_validate_rmsd_angle.angle_deviation 
_pdbx_validate_rmsd_angle.angle_standard_deviation 
_pdbx_validate_rmsd_angle.linker_flag 
1 1 CB  A TYR 1  ? ? CG  A TYR 1  ? ? CD1 A TYR 1  ? ? 116.32 121.00 -4.68 0.60 N 
2 1 NE  A ARG 38 ? ? CZ  A ARG 38 ? ? NH1 A ARG 38 ? ? 124.14 120.30 3.84  0.50 N 
3 1 NE  A ARG 38 ? ? CZ  A ARG 38 ? ? NH2 A ARG 38 ? ? 114.99 120.30 -5.31 0.50 N 
4 1 CG  A HIS 88 ? ? ND1 A HIS 88 ? ? CE1 A HIS 88 ? ? 119.36 109.00 10.36 1.00 N 
5 1 ND1 A HIS 88 ? ? CE1 A HIS 88 ? ? NE2 A HIS 88 ? ? 101.57 108.50 -6.93 1.10 N 
# 
_pdbx_validate_torsion.id              1 
_pdbx_validate_torsion.PDB_model_num   1 
_pdbx_validate_torsion.auth_comp_id    SER 
_pdbx_validate_torsion.auth_asym_id    A 
_pdbx_validate_torsion.auth_seq_id     36 
_pdbx_validate_torsion.PDB_ins_code    ? 
_pdbx_validate_torsion.label_alt_id    ? 
_pdbx_validate_torsion.phi             -141.87 
_pdbx_validate_torsion.psi             -78.16 
# 
_pdbx_struct_special_symmetry.id              1 
_pdbx_struct_special_symmetry.PDB_model_num   1 
_pdbx_struct_special_symmetry.auth_asym_id    A 
_pdbx_struct_special_symmetry.auth_comp_id    HOH 
_pdbx_struct_special_symmetry.auth_seq_id     178 
_pdbx_struct_special_symmetry.PDB_ins_code    ? 
_pdbx_struct_special_symmetry.label_asym_id   C 
_pdbx_struct_special_symmetry.label_comp_id   HOH 
_pdbx_struct_special_symmetry.label_seq_id    . 
# 
loop_
_chem_comp_atom.comp_id 
_chem_comp_atom.atom_id 
_chem_comp_atom.type_symbol 
_chem_comp_atom.pdbx_aromatic_flag 
_chem_comp_atom.pdbx_stereo_config 
_chem_comp_atom.pdbx_ordinal 
ALA N    N  N N 1   
ALA CA   C  N S 2   
ALA C    C  N N 3   
ALA O    O  N N 4   
ALA CB   C  N N 5   
ALA OXT  O  N N 6   
ALA H    H  N N 7   
ALA H2   H  N N 8   
ALA HA   H  N N 9   
ALA HB1  H  N N 10  
ALA HB2  H  N N 11  
ALA HB3  H  N N 12  
ALA HXT  H  N N 13  
ARG N    N  N N 14  
ARG CA   C  N S 15  
ARG C    C  N N 16  
ARG O    O  N N 17  
ARG CB   C  N N 18  
ARG CG   C  N N 19  
ARG CD   C  N N 20  
ARG NE   N  N N 21  
ARG CZ   C  N N 22  
ARG NH1  N  N N 23  
ARG NH2  N  N N 24  
ARG OXT  O  N N 25  
ARG H    H  N N 26  
ARG H2   H  N N 27  
ARG HA   H  N N 28  
ARG HB2  H  N N 29  
ARG HB3  H  N N 30  
ARG HG2  H  N N 31  
ARG HG3  H  N N 32  
ARG HD2  H  N N 33  
ARG HD3  H  N N 34  
ARG HE   H  N N 35  
ARG HH11 H  N N 36  
ARG HH12 H  N N 37  
ARG HH21 H  N N 38  
ARG HH22 H  N N 39  
ARG HXT  H  N N 40  
ASP N    N  N N 41  
ASP CA   C  N S 42  
ASP C    C  N N 43  
ASP O    O  N N 44  
ASP CB   C  N N 45  
ASP CG   C  N N 46  
ASP OD1  O  N N 47  
ASP OD2  O  N N 48  
ASP OXT  O  N N 49  
ASP H    H  N N 50  
ASP H2   H  N N 51  
ASP HA   H  N N 52  
ASP HB2  H  N N 53  
ASP HB3  H  N N 54  
ASP HD2  H  N N 55  
ASP HXT  H  N N 56  
CYS N    N  N N 57  
CYS CA   C  N R 58  
CYS C    C  N N 59  
CYS O    O  N N 60  
CYS CB   C  N N 61  
CYS SG   S  N N 62  
CYS OXT  O  N N 63  
CYS H    H  N N 64  
CYS H2   H  N N 65  
CYS HA   H  N N 66  
CYS HB2  H  N N 67  
CYS HB3  H  N N 68  
CYS HG   H  N N 69  
CYS HXT  H  N N 70  
FES FE1  FE N N 71  
FES FE2  FE N N 72  
FES S1   S  N N 73  
FES S2   S  N N 74  
GLN N    N  N N 75  
GLN CA   C  N S 76  
GLN C    C  N N 77  
GLN O    O  N N 78  
GLN CB   C  N N 79  
GLN CG   C  N N 80  
GLN CD   C  N N 81  
GLN OE1  O  N N 82  
GLN NE2  N  N N 83  
GLN OXT  O  N N 84  
GLN H    H  N N 85  
GLN H2   H  N N 86  
GLN HA   H  N N 87  
GLN HB2  H  N N 88  
GLN HB3  H  N N 89  
GLN HG2  H  N N 90  
GLN HG3  H  N N 91  
GLN HE21 H  N N 92  
GLN HE22 H  N N 93  
GLN HXT  H  N N 94  
GLU N    N  N N 95  
GLU CA   C  N S 96  
GLU C    C  N N 97  
GLU O    O  N N 98  
GLU CB   C  N N 99  
GLU CG   C  N N 100 
GLU CD   C  N N 101 
GLU OE1  O  N N 102 
GLU OE2  O  N N 103 
GLU OXT  O  N N 104 
GLU H    H  N N 105 
GLU H2   H  N N 106 
GLU HA   H  N N 107 
GLU HB2  H  N N 108 
GLU HB3  H  N N 109 
GLU HG2  H  N N 110 
GLU HG3  H  N N 111 
GLU HE2  H  N N 112 
GLU HXT  H  N N 113 
GLY N    N  N N 114 
GLY CA   C  N N 115 
GLY C    C  N N 116 
GLY O    O  N N 117 
GLY OXT  O  N N 118 
GLY H    H  N N 119 
GLY H2   H  N N 120 
GLY HA2  H  N N 121 
GLY HA3  H  N N 122 
GLY HXT  H  N N 123 
HIS N    N  N N 124 
HIS CA   C  N S 125 
HIS C    C  N N 126 
HIS O    O  N N 127 
HIS CB   C  N N 128 
HIS CG   C  Y N 129 
HIS ND1  N  Y N 130 
HIS CD2  C  Y N 131 
HIS CE1  C  Y N 132 
HIS NE2  N  Y N 133 
HIS OXT  O  N N 134 
HIS H    H  N N 135 
HIS H2   H  N N 136 
HIS HA   H  N N 137 
HIS HB2  H  N N 138 
HIS HB3  H  N N 139 
HIS HD1  H  N N 140 
HIS HD2  H  N N 141 
HIS HE1  H  N N 142 
HIS HE2  H  N N 143 
HIS HXT  H  N N 144 
HOH O    O  N N 145 
HOH H1   H  N N 146 
HOH H2   H  N N 147 
ILE N    N  N N 148 
ILE CA   C  N S 149 
ILE C    C  N N 150 
ILE O    O  N N 151 
ILE CB   C  N S 152 
ILE CG1  C  N N 153 
ILE CG2  C  N N 154 
ILE CD1  C  N N 155 
ILE OXT  O  N N 156 
ILE H    H  N N 157 
ILE H2   H  N N 158 
ILE HA   H  N N 159 
ILE HB   H  N N 160 
ILE HG12 H  N N 161 
ILE HG13 H  N N 162 
ILE HG21 H  N N 163 
ILE HG22 H  N N 164 
ILE HG23 H  N N 165 
ILE HD11 H  N N 166 
ILE HD12 H  N N 167 
ILE HD13 H  N N 168 
ILE HXT  H  N N 169 
LEU N    N  N N 170 
LEU CA   C  N S 171 
LEU C    C  N N 172 
LEU O    O  N N 173 
LEU CB   C  N N 174 
LEU CG   C  N N 175 
LEU CD1  C  N N 176 
LEU CD2  C  N N 177 
LEU OXT  O  N N 178 
LEU H    H  N N 179 
LEU H2   H  N N 180 
LEU HA   H  N N 181 
LEU HB2  H  N N 182 
LEU HB3  H  N N 183 
LEU HG   H  N N 184 
LEU HD11 H  N N 185 
LEU HD12 H  N N 186 
LEU HD13 H  N N 187 
LEU HD21 H  N N 188 
LEU HD22 H  N N 189 
LEU HD23 H  N N 190 
LEU HXT  H  N N 191 
LYS N    N  N N 192 
LYS CA   C  N S 193 
LYS C    C  N N 194 
LYS O    O  N N 195 
LYS CB   C  N N 196 
LYS CG   C  N N 197 
LYS CD   C  N N 198 
LYS CE   C  N N 199 
LYS NZ   N  N N 200 
LYS OXT  O  N N 201 
LYS H    H  N N 202 
LYS H2   H  N N 203 
LYS HA   H  N N 204 
LYS HB2  H  N N 205 
LYS HB3  H  N N 206 
LYS HG2  H  N N 207 
LYS HG3  H  N N 208 
LYS HD2  H  N N 209 
LYS HD3  H  N N 210 
LYS HE2  H  N N 211 
LYS HE3  H  N N 212 
LYS HZ1  H  N N 213 
LYS HZ2  H  N N 214 
LYS HZ3  H  N N 215 
LYS HXT  H  N N 216 
MET N    N  N N 217 
MET CA   C  N S 218 
MET C    C  N N 219 
MET O    O  N N 220 
MET CB   C  N N 221 
MET CG   C  N N 222 
MET SD   S  N N 223 
MET CE   C  N N 224 
MET OXT  O  N N 225 
MET H    H  N N 226 
MET H2   H  N N 227 
MET HA   H  N N 228 
MET HB2  H  N N 229 
MET HB3  H  N N 230 
MET HG2  H  N N 231 
MET HG3  H  N N 232 
MET HE1  H  N N 233 
MET HE2  H  N N 234 
MET HE3  H  N N 235 
MET HXT  H  N N 236 
PHE N    N  N N 237 
PHE CA   C  N S 238 
PHE C    C  N N 239 
PHE O    O  N N 240 
PHE CB   C  N N 241 
PHE CG   C  Y N 242 
PHE CD1  C  Y N 243 
PHE CD2  C  Y N 244 
PHE CE1  C  Y N 245 
PHE CE2  C  Y N 246 
PHE CZ   C  Y N 247 
PHE OXT  O  N N 248 
PHE H    H  N N 249 
PHE H2   H  N N 250 
PHE HA   H  N N 251 
PHE HB2  H  N N 252 
PHE HB3  H  N N 253 
PHE HD1  H  N N 254 
PHE HD2  H  N N 255 
PHE HE1  H  N N 256 
PHE HE2  H  N N 257 
PHE HZ   H  N N 258 
PHE HXT  H  N N 259 
PRO N    N  N N 260 
PRO CA   C  N S 261 
PRO C    C  N N 262 
PRO O    O  N N 263 
PRO CB   C  N N 264 
PRO CG   C  N N 265 
PRO CD   C  N N 266 
PRO OXT  O  N N 267 
PRO H    H  N N 268 
PRO HA   H  N N 269 
PRO HB2  H  N N 270 
PRO HB3  H  N N 271 
PRO HG2  H  N N 272 
PRO HG3  H  N N 273 
PRO HD2  H  N N 274 
PRO HD3  H  N N 275 
PRO HXT  H  N N 276 
SER N    N  N N 277 
SER CA   C  N S 278 
SER C    C  N N 279 
SER O    O  N N 280 
SER CB   C  N N 281 
SER OG   O  N N 282 
SER OXT  O  N N 283 
SER H    H  N N 284 
SER H2   H  N N 285 
SER HA   H  N N 286 
SER HB2  H  N N 287 
SER HB3  H  N N 288 
SER HG   H  N N 289 
SER HXT  H  N N 290 
THR N    N  N N 291 
THR CA   C  N S 292 
THR C    C  N N 293 
THR O    O  N N 294 
THR CB   C  N R 295 
THR OG1  O  N N 296 
THR CG2  C  N N 297 
THR OXT  O  N N 298 
THR H    H  N N 299 
THR H2   H  N N 300 
THR HA   H  N N 301 
THR HB   H  N N 302 
THR HG1  H  N N 303 
THR HG21 H  N N 304 
THR HG22 H  N N 305 
THR HG23 H  N N 306 
THR HXT  H  N N 307 
TYR N    N  N N 308 
TYR CA   C  N S 309 
TYR C    C  N N 310 
TYR O    O  N N 311 
TYR CB   C  N N 312 
TYR CG   C  Y N 313 
TYR CD1  C  Y N 314 
TYR CD2  C  Y N 315 
TYR CE1  C  Y N 316 
TYR CE2  C  Y N 317 
TYR CZ   C  Y N 318 
TYR OH   O  N N 319 
TYR OXT  O  N N 320 
TYR H    H  N N 321 
TYR H2   H  N N 322 
TYR HA   H  N N 323 
TYR HB2  H  N N 324 
TYR HB3  H  N N 325 
TYR HD1  H  N N 326 
TYR HD2  H  N N 327 
TYR HE1  H  N N 328 
TYR HE2  H  N N 329 
TYR HH   H  N N 330 
TYR HXT  H  N N 331 
VAL N    N  N N 332 
VAL CA   C  N S 333 
VAL C    C  N N 334 
VAL O    O  N N 335 
VAL CB   C  N N 336 
VAL CG1  C  N N 337 
VAL CG2  C  N N 338 
VAL OXT  O  N N 339 
VAL H    H  N N 340 
VAL H2   H  N N 341 
VAL HA   H  N N 342 
VAL HB   H  N N 343 
VAL HG11 H  N N 344 
VAL HG12 H  N N 345 
VAL HG13 H  N N 346 
VAL HG21 H  N N 347 
VAL HG22 H  N N 348 
VAL HG23 H  N N 349 
VAL HXT  H  N N 350 
# 
loop_
_chem_comp_bond.comp_id 
_chem_comp_bond.atom_id_1 
_chem_comp_bond.atom_id_2 
_chem_comp_bond.value_order 
_chem_comp_bond.pdbx_aromatic_flag 
_chem_comp_bond.pdbx_stereo_config 
_chem_comp_bond.pdbx_ordinal 
ALA N   CA   sing N N 1   
ALA N   H    sing N N 2   
ALA N   H2   sing N N 3   
ALA CA  C    sing N N 4   
ALA CA  CB   sing N N 5   
ALA CA  HA   sing N N 6   
ALA C   O    doub N N 7   
ALA C   OXT  sing N N 8   
ALA CB  HB1  sing N N 9   
ALA CB  HB2  sing N N 10  
ALA CB  HB3  sing N N 11  
ALA OXT HXT  sing N N 12  
ARG N   CA   sing N N 13  
ARG N   H    sing N N 14  
ARG N   H2   sing N N 15  
ARG CA  C    sing N N 16  
ARG CA  CB   sing N N 17  
ARG CA  HA   sing N N 18  
ARG C   O    doub N N 19  
ARG C   OXT  sing N N 20  
ARG CB  CG   sing N N 21  
ARG CB  HB2  sing N N 22  
ARG CB  HB3  sing N N 23  
ARG CG  CD   sing N N 24  
ARG CG  HG2  sing N N 25  
ARG CG  HG3  sing N N 26  
ARG CD  NE   sing N N 27  
ARG CD  HD2  sing N N 28  
ARG CD  HD3  sing N N 29  
ARG NE  CZ   sing N N 30  
ARG NE  HE   sing N N 31  
ARG CZ  NH1  sing N N 32  
ARG CZ  NH2  doub N N 33  
ARG NH1 HH11 sing N N 34  
ARG NH1 HH12 sing N N 35  
ARG NH2 HH21 sing N N 36  
ARG NH2 HH22 sing N N 37  
ARG OXT HXT  sing N N 38  
ASP N   CA   sing N N 39  
ASP N   H    sing N N 40  
ASP N   H2   sing N N 41  
ASP CA  C    sing N N 42  
ASP CA  CB   sing N N 43  
ASP CA  HA   sing N N 44  
ASP C   O    doub N N 45  
ASP C   OXT  sing N N 46  
ASP CB  CG   sing N N 47  
ASP CB  HB2  sing N N 48  
ASP CB  HB3  sing N N 49  
ASP CG  OD1  doub N N 50  
ASP CG  OD2  sing N N 51  
ASP OD2 HD2  sing N N 52  
ASP OXT HXT  sing N N 53  
CYS N   CA   sing N N 54  
CYS N   H    sing N N 55  
CYS N   H2   sing N N 56  
CYS CA  C    sing N N 57  
CYS CA  CB   sing N N 58  
CYS CA  HA   sing N N 59  
CYS C   O    doub N N 60  
CYS C   OXT  sing N N 61  
CYS CB  SG   sing N N 62  
CYS CB  HB2  sing N N 63  
CYS CB  HB3  sing N N 64  
CYS SG  HG   sing N N 65  
CYS OXT HXT  sing N N 66  
FES FE1 S1   sing N N 67  
FES FE1 S2   sing N N 68  
FES FE2 S1   sing N N 69  
FES FE2 S2   sing N N 70  
GLN N   CA   sing N N 71  
GLN N   H    sing N N 72  
GLN N   H2   sing N N 73  
GLN CA  C    sing N N 74  
GLN CA  CB   sing N N 75  
GLN CA  HA   sing N N 76  
GLN C   O    doub N N 77  
GLN C   OXT  sing N N 78  
GLN CB  CG   sing N N 79  
GLN CB  HB2  sing N N 80  
GLN CB  HB3  sing N N 81  
GLN CG  CD   sing N N 82  
GLN CG  HG2  sing N N 83  
GLN CG  HG3  sing N N 84  
GLN CD  OE1  doub N N 85  
GLN CD  NE2  sing N N 86  
GLN NE2 HE21 sing N N 87  
GLN NE2 HE22 sing N N 88  
GLN OXT HXT  sing N N 89  
GLU N   CA   sing N N 90  
GLU N   H    sing N N 91  
GLU N   H2   sing N N 92  
GLU CA  C    sing N N 93  
GLU CA  CB   sing N N 94  
GLU CA  HA   sing N N 95  
GLU C   O    doub N N 96  
GLU C   OXT  sing N N 97  
GLU CB  CG   sing N N 98  
GLU CB  HB2  sing N N 99  
GLU CB  HB3  sing N N 100 
GLU CG  CD   sing N N 101 
GLU CG  HG2  sing N N 102 
GLU CG  HG3  sing N N 103 
GLU CD  OE1  doub N N 104 
GLU CD  OE2  sing N N 105 
GLU OE2 HE2  sing N N 106 
GLU OXT HXT  sing N N 107 
GLY N   CA   sing N N 108 
GLY N   H    sing N N 109 
GLY N   H2   sing N N 110 
GLY CA  C    sing N N 111 
GLY CA  HA2  sing N N 112 
GLY CA  HA3  sing N N 113 
GLY C   O    doub N N 114 
GLY C   OXT  sing N N 115 
GLY OXT HXT  sing N N 116 
HIS N   CA   sing N N 117 
HIS N   H    sing N N 118 
HIS N   H2   sing N N 119 
HIS CA  C    sing N N 120 
HIS CA  CB   sing N N 121 
HIS CA  HA   sing N N 122 
HIS C   O    doub N N 123 
HIS C   OXT  sing N N 124 
HIS CB  CG   sing N N 125 
HIS CB  HB2  sing N N 126 
HIS CB  HB3  sing N N 127 
HIS CG  ND1  sing Y N 128 
HIS CG  CD2  doub Y N 129 
HIS ND1 CE1  doub Y N 130 
HIS ND1 HD1  sing N N 131 
HIS CD2 NE2  sing Y N 132 
HIS CD2 HD2  sing N N 133 
HIS CE1 NE2  sing Y N 134 
HIS CE1 HE1  sing N N 135 
HIS NE2 HE2  sing N N 136 
HIS OXT HXT  sing N N 137 
HOH O   H1   sing N N 138 
HOH O   H2   sing N N 139 
ILE N   CA   sing N N 140 
ILE N   H    sing N N 141 
ILE N   H2   sing N N 142 
ILE CA  C    sing N N 143 
ILE CA  CB   sing N N 144 
ILE CA  HA   sing N N 145 
ILE C   O    doub N N 146 
ILE C   OXT  sing N N 147 
ILE CB  CG1  sing N N 148 
ILE CB  CG2  sing N N 149 
ILE CB  HB   sing N N 150 
ILE CG1 CD1  sing N N 151 
ILE CG1 HG12 sing N N 152 
ILE CG1 HG13 sing N N 153 
ILE CG2 HG21 sing N N 154 
ILE CG2 HG22 sing N N 155 
ILE CG2 HG23 sing N N 156 
ILE CD1 HD11 sing N N 157 
ILE CD1 HD12 sing N N 158 
ILE CD1 HD13 sing N N 159 
ILE OXT HXT  sing N N 160 
LEU N   CA   sing N N 161 
LEU N   H    sing N N 162 
LEU N   H2   sing N N 163 
LEU CA  C    sing N N 164 
LEU CA  CB   sing N N 165 
LEU CA  HA   sing N N 166 
LEU C   O    doub N N 167 
LEU C   OXT  sing N N 168 
LEU CB  CG   sing N N 169 
LEU CB  HB2  sing N N 170 
LEU CB  HB3  sing N N 171 
LEU CG  CD1  sing N N 172 
LEU CG  CD2  sing N N 173 
LEU CG  HG   sing N N 174 
LEU CD1 HD11 sing N N 175 
LEU CD1 HD12 sing N N 176 
LEU CD1 HD13 sing N N 177 
LEU CD2 HD21 sing N N 178 
LEU CD2 HD22 sing N N 179 
LEU CD2 HD23 sing N N 180 
LEU OXT HXT  sing N N 181 
LYS N   CA   sing N N 182 
LYS N   H    sing N N 183 
LYS N   H2   sing N N 184 
LYS CA  C    sing N N 185 
LYS CA  CB   sing N N 186 
LYS CA  HA   sing N N 187 
LYS C   O    doub N N 188 
LYS C   OXT  sing N N 189 
LYS CB  CG   sing N N 190 
LYS CB  HB2  sing N N 191 
LYS CB  HB3  sing N N 192 
LYS CG  CD   sing N N 193 
LYS CG  HG2  sing N N 194 
LYS CG  HG3  sing N N 195 
LYS CD  CE   sing N N 196 
LYS CD  HD2  sing N N 197 
LYS CD  HD3  sing N N 198 
LYS CE  NZ   sing N N 199 
LYS CE  HE2  sing N N 200 
LYS CE  HE3  sing N N 201 
LYS NZ  HZ1  sing N N 202 
LYS NZ  HZ2  sing N N 203 
LYS NZ  HZ3  sing N N 204 
LYS OXT HXT  sing N N 205 
MET N   CA   sing N N 206 
MET N   H    sing N N 207 
MET N   H2   sing N N 208 
MET CA  C    sing N N 209 
MET CA  CB   sing N N 210 
MET CA  HA   sing N N 211 
MET C   O    doub N N 212 
MET C   OXT  sing N N 213 
MET CB  CG   sing N N 214 
MET CB  HB2  sing N N 215 
MET CB  HB3  sing N N 216 
MET CG  SD   sing N N 217 
MET CG  HG2  sing N N 218 
MET CG  HG3  sing N N 219 
MET SD  CE   sing N N 220 
MET CE  HE1  sing N N 221 
MET CE  HE2  sing N N 222 
MET CE  HE3  sing N N 223 
MET OXT HXT  sing N N 224 
PHE N   CA   sing N N 225 
PHE N   H    sing N N 226 
PHE N   H2   sing N N 227 
PHE CA  C    sing N N 228 
PHE CA  CB   sing N N 229 
PHE CA  HA   sing N N 230 
PHE C   O    doub N N 231 
PHE C   OXT  sing N N 232 
PHE CB  CG   sing N N 233 
PHE CB  HB2  sing N N 234 
PHE CB  HB3  sing N N 235 
PHE CG  CD1  doub Y N 236 
PHE CG  CD2  sing Y N 237 
PHE CD1 CE1  sing Y N 238 
PHE CD1 HD1  sing N N 239 
PHE CD2 CE2  doub Y N 240 
PHE CD2 HD2  sing N N 241 
PHE CE1 CZ   doub Y N 242 
PHE CE1 HE1  sing N N 243 
PHE CE2 CZ   sing Y N 244 
PHE CE2 HE2  sing N N 245 
PHE CZ  HZ   sing N N 246 
PHE OXT HXT  sing N N 247 
PRO N   CA   sing N N 248 
PRO N   CD   sing N N 249 
PRO N   H    sing N N 250 
PRO CA  C    sing N N 251 
PRO CA  CB   sing N N 252 
PRO CA  HA   sing N N 253 
PRO C   O    doub N N 254 
PRO C   OXT  sing N N 255 
PRO CB  CG   sing N N 256 
PRO CB  HB2  sing N N 257 
PRO CB  HB3  sing N N 258 
PRO CG  CD   sing N N 259 
PRO CG  HG2  sing N N 260 
PRO CG  HG3  sing N N 261 
PRO CD  HD2  sing N N 262 
PRO CD  HD3  sing N N 263 
PRO OXT HXT  sing N N 264 
SER N   CA   sing N N 265 
SER N   H    sing N N 266 
SER N   H2   sing N N 267 
SER CA  C    sing N N 268 
SER CA  CB   sing N N 269 
SER CA  HA   sing N N 270 
SER C   O    doub N N 271 
SER C   OXT  sing N N 272 
SER CB  OG   sing N N 273 
SER CB  HB2  sing N N 274 
SER CB  HB3  sing N N 275 
SER OG  HG   sing N N 276 
SER OXT HXT  sing N N 277 
THR N   CA   sing N N 278 
THR N   H    sing N N 279 
THR N   H2   sing N N 280 
THR CA  C    sing N N 281 
THR CA  CB   sing N N 282 
THR CA  HA   sing N N 283 
THR C   O    doub N N 284 
THR C   OXT  sing N N 285 
THR CB  OG1  sing N N 286 
THR CB  CG2  sing N N 287 
THR CB  HB   sing N N 288 
THR OG1 HG1  sing N N 289 
THR CG2 HG21 sing N N 290 
THR CG2 HG22 sing N N 291 
THR CG2 HG23 sing N N 292 
THR OXT HXT  sing N N 293 
TYR N   CA   sing N N 294 
TYR N   H    sing N N 295 
TYR N   H2   sing N N 296 
TYR CA  C    sing N N 297 
TYR CA  CB   sing N N 298 
TYR CA  HA   sing N N 299 
TYR C   O    doub N N 300 
TYR C   OXT  sing N N 301 
TYR CB  CG   sing N N 302 
TYR CB  HB2  sing N N 303 
TYR CB  HB3  sing N N 304 
TYR CG  CD1  doub Y N 305 
TYR CG  CD2  sing Y N 306 
TYR CD1 CE1  sing Y N 307 
TYR CD1 HD1  sing N N 308 
TYR CD2 CE2  doub Y N 309 
TYR CD2 HD2  sing N N 310 
TYR CE1 CZ   doub Y N 311 
TYR CE1 HE1  sing N N 312 
TYR CE2 CZ   sing Y N 313 
TYR CE2 HE2  sing N N 314 
TYR CZ  OH   sing N N 315 
TYR OH  HH   sing N N 316 
TYR OXT HXT  sing N N 317 
VAL N   CA   sing N N 318 
VAL N   H    sing N N 319 
VAL N   H2   sing N N 320 
VAL CA  C    sing N N 321 
VAL CA  CB   sing N N 322 
VAL CA  HA   sing N N 323 
VAL C   O    doub N N 324 
VAL C   OXT  sing N N 325 
VAL CB  CG1  sing N N 326 
VAL CB  CG2  sing N N 327 
VAL CB  HB   sing N N 328 
VAL CG1 HG11 sing N N 329 
VAL CG1 HG12 sing N N 330 
VAL CG1 HG13 sing N N 331 
VAL CG2 HG21 sing N N 332 
VAL CG2 HG22 sing N N 333 
VAL CG2 HG23 sing N N 334 
VAL OXT HXT  sing N N 335 
# 
_atom_sites.entry_id                    1AWD 
_atom_sites.fract_transf_matrix[1][1]   -0.00569179 
_atom_sites.fract_transf_matrix[1][2]   -0.00516043 
_atom_sites.fract_transf_matrix[1][3]   -0.00448071 
_atom_sites.fract_transf_matrix[2][1]   0.00232163 
_atom_sites.fract_transf_matrix[2][2]   -0.00694436 
_atom_sites.fract_transf_matrix[2][3]   0.00504867 
_atom_sites.fract_transf_matrix[3][1]   -0.00642781 
_atom_sites.fract_transf_matrix[3][2]   0.00206133 
_atom_sites.fract_transf_matrix[3][3]   0.00579115 
_atom_sites.fract_transf_vector[1]      0.140504 
_atom_sites.fract_transf_vector[2]      0.588713 
_atom_sites.fract_transf_vector[3]      0.348842 
# 
loop_
_atom_type.symbol 
C  
FE 
N  
O  
S  
# 
loop_
_atom_site.group_PDB 
_atom_site.id 
_atom_site.type_symbol 
_atom_site.label_atom_id 
_atom_site.label_alt_id 
_atom_site.label_comp_id 
_atom_site.label_asym_id 
_atom_site.label_entity_id 
_atom_site.label_seq_id 
_atom_site.pdbx_PDB_ins_code 
_atom_site.Cartn_x 
_atom_site.Cartn_y 
_atom_site.Cartn_z 
_atom_site.occupancy 
_atom_site.B_iso_or_equiv 
_atom_site.pdbx_formal_charge 
_atom_site.auth_seq_id 
_atom_site.auth_comp_id 
_atom_site.auth_asym_id 
_atom_site.auth_atom_id 
_atom_site.pdbx_PDB_model_num 
ATOM   1   N  N   . TYR A 1 1  ? -5.100  6.891   10.951  1.00 22.99 ? 1   TYR A N   1 
ATOM   2   C  CA  . TYR A 1 1  ? -5.555  5.483   11.053  1.00 19.99 ? 1   TYR A CA  1 
ATOM   3   C  C   . TYR A 1 1  ? -4.367  4.581   11.355  1.00 19.81 ? 1   TYR A C   1 
ATOM   4   O  O   . TYR A 1 1  ? -3.219  4.967   11.092  1.00 21.12 ? 1   TYR A O   1 
ATOM   5   C  CB  . TYR A 1 1  ? -6.249  4.993   9.789   1.00 20.51 ? 1   TYR A CB  1 
ATOM   6   C  CG  . TYR A 1 1  ? -7.559  5.705   9.488   1.00 22.65 ? 1   TYR A CG  1 
ATOM   7   C  CD1 . TYR A 1 1  ? -8.593  5.548   10.441  1.00 25.58 ? 1   TYR A CD1 1 
ATOM   8   C  CD2 . TYR A 1 1  ? -7.785  6.479   8.374   1.00 23.32 ? 1   TYR A CD2 1 
ATOM   9   C  CE1 . TYR A 1 1  ? -9.823  6.173   10.231  1.00 25.52 ? 1   TYR A CE1 1 
ATOM   10  C  CE2 . TYR A 1 1  ? -9.022  7.100   8.164   1.00 25.82 ? 1   TYR A CE2 1 
ATOM   11  C  CZ  . TYR A 1 1  ? -10.021 6.937   9.098   1.00 29.61 ? 1   TYR A CZ  1 
ATOM   12  O  OH  . TYR A 1 1  ? -11.248 7.545   8.932   1.00 32.76 ? 1   TYR A OH  1 
ATOM   13  N  N   . LYS A 1 2  ? -4.644  3.394   11.877  1.00 19.04 ? 2   LYS A N   1 
ATOM   14  C  CA  . LYS A 1 2  ? -3.593  2.430   12.145  1.00 17.90 ? 2   LYS A CA  1 
ATOM   15  C  C   . LYS A 1 2  ? -3.412  1.550   10.939  1.00 17.00 ? 2   LYS A C   1 
ATOM   16  O  O   . LYS A 1 2  ? -4.370  0.982   10.433  1.00 17.74 ? 2   LYS A O   1 
ATOM   17  C  CB  . LYS A 1 2  ? -4.029  1.615   13.360  1.00 21.00 ? 2   LYS A CB  1 
ATOM   18  C  CG  . LYS A 1 2  ? -3.171  0.428   13.688  1.00 23.94 ? 2   LYS A CG  1 
ATOM   19  C  CD  . LYS A 1 2  ? -3.695  -0.308  14.917  1.00 25.65 ? 2   LYS A CD  1 
ATOM   20  C  CE  . LYS A 1 2  ? -4.817  -1.295  14.588  1.00 28.65 ? 2   LYS A CE  1 
ATOM   21  N  NZ  . LYS A 1 2  ? -5.560  -1.739  15.837  1.00 31.48 ? 2   LYS A NZ  1 
ATOM   22  N  N   . VAL A 1 3  ? -2.213  1.438   10.439  1.00 18.22 ? 3   VAL A N   1 
ATOM   23  C  CA  . VAL A 1 3  ? -1.906  0.590   9.285   1.00 17.60 ? 3   VAL A CA  1 
ATOM   24  C  C   . VAL A 1 3  ? -0.996  -0.545  9.780   1.00 17.68 ? 3   VAL A C   1 
ATOM   25  O  O   . VAL A 1 3  ? 0.102   -0.290  10.300  1.00 19.75 ? 3   VAL A O   1 
ATOM   26  C  CB  . VAL A 1 3  ? -1.250  1.359   8.146   1.00 18.29 ? 3   VAL A CB  1 
ATOM   27  C  CG1 . VAL A 1 3  ? -0.897  0.436   6.958   1.00 21.99 ? 3   VAL A CG1 1 
ATOM   28  C  CG2 . VAL A 1 3  ? -2.161  2.506   7.715   1.00 19.42 ? 3   VAL A CG2 1 
ATOM   29  N  N   . THR A 1 4  ? -1.491  -1.759  9.592   1.00 17.81 ? 4   THR A N   1 
ATOM   30  C  CA  . THR A 1 4  ? -0.773  -2.982  9.924   1.00 18.03 ? 4   THR A CA  1 
ATOM   31  C  C   . THR A 1 4  ? -0.159  -3.498  8.620   1.00 18.13 ? 4   THR A C   1 
ATOM   32  O  O   . THR A 1 4  ? -0.895  -3.851  7.691   1.00 20.47 ? 4   THR A O   1 
ATOM   33  C  CB  . THR A 1 4  ? -1.716  -4.009  10.523  1.00 18.63 ? 4   THR A CB  1 
ATOM   34  O  OG1 . THR A 1 4  ? -2.316  -3.451  11.706  1.00 21.29 ? 4   THR A OG1 1 
ATOM   35  C  CG2 . THR A 1 4  ? -0.967  -5.288  10.899  1.00 22.01 ? 4   THR A CG2 1 
ATOM   36  N  N   . LEU A 1 5  ? 1.175   -3.512  8.566   1.00 19.37 ? 5   LEU A N   1 
ATOM   37  C  CA  . LEU A 1 5  ? 1.898   -3.975  7.377   1.00 17.74 ? 5   LEU A CA  1 
ATOM   38  C  C   . LEU A 1 5  ? 2.504   -5.322  7.666   1.00 20.49 ? 5   LEU A C   1 
ATOM   39  O  O   . LEU A 1 5  ? 3.293   -5.503  8.597   1.00 23.52 ? 5   LEU A O   1 
ATOM   40  C  CB  . LEU A 1 5  ? 2.959   -2.948  7.057   1.00 19.30 ? 5   LEU A CB  1 
ATOM   41  C  CG  . LEU A 1 5  ? 2.458   -1.541  6.729   1.00 18.74 ? 5   LEU A CG  1 
ATOM   42  C  CD1 . LEU A 1 5  ? 3.594   -0.523  6.827   1.00 22.97 ? 5   LEU A CD1 1 
ATOM   43  C  CD2 . LEU A 1 5  ? 1.823   -1.447  5.370   1.00 20.83 ? 5   LEU A CD2 1 
ATOM   44  N  N   . LYS A 1 6  ? 2.136   -6.312  6.846   1.00 21.62 ? 6   LYS A N   1 
ATOM   45  C  CA  . LYS A 1 6  ? 2.697   -7.655  6.959   1.00 21.40 ? 6   LYS A CA  1 
ATOM   46  C  C   . LYS A 1 6  ? 3.792   -7.745  5.900   1.00 22.36 ? 6   LYS A C   1 
ATOM   47  O  O   . LYS A 1 6  ? 3.534   -7.864  4.711   1.00 22.05 ? 6   LYS A O   1 
ATOM   48  C  CB  . LYS A 1 6  ? 1.636   -8.710  6.745   1.00 23.69 ? 6   LYS A CB  1 
ATOM   49  C  CG  . LYS A 1 6  ? 0.513   -8.616  7.795   1.00 27.79 ? 6   LYS A CG  1 
ATOM   50  C  CD  . LYS A 1 6  ? -0.596  -9.562  7.398   1.00 33.98 ? 6   LYS A CD  1 
ATOM   51  C  CE  . LYS A 1 6  ? -1.303  -10.263 8.517   1.00 41.08 ? 6   LYS A CE  1 
ATOM   52  N  NZ  . LYS A 1 6  ? -2.253  -11.347 8.043   1.00 47.92 ? 6   LYS A NZ  1 
ATOM   53  N  N   . THR A 1 7  ? 5.016   -7.649  6.410   1.00 23.65 ? 7   THR A N   1 
ATOM   54  C  CA  . THR A 1 7  ? 6.178   -7.529  5.543   1.00 23.15 ? 7   THR A CA  1 
ATOM   55  C  C   . THR A 1 7  ? 7.039   -8.779  5.654   1.00 23.50 ? 7   THR A C   1 
ATOM   56  O  O   . THR A 1 7  ? 6.850   -9.566  6.576   1.00 27.26 ? 7   THR A O   1 
ATOM   57  C  CB  . THR A 1 7  ? 7.050   -6.345  5.955   1.00 25.40 ? 7   THR A CB  1 
ATOM   58  O  OG1 . THR A 1 7  ? 7.822   -6.727  7.114   1.00 29.27 ? 7   THR A OG1 1 
ATOM   59  C  CG2 . THR A 1 7  ? 6.206   -5.132  6.322   1.00 25.36 ? 7   THR A CG2 1 
ATOM   60  N  N   . PRO A 1 8  ? 7.961   -8.986  4.758   1.00 24.69 ? 8   PRO A N   1 
ATOM   61  C  CA  . PRO A 1 8  ? 8.767   -10.208 4.827   1.00 26.74 ? 8   PRO A CA  1 
ATOM   62  C  C   . PRO A 1 8  ? 9.479   -10.426 6.149   1.00 29.04 ? 8   PRO A C   1 
ATOM   63  O  O   . PRO A 1 8  ? 9.610   -11.566 6.573   1.00 32.44 ? 8   PRO A O   1 
ATOM   64  C  CB  . PRO A 1 8  ? 9.824   -10.003 3.719   1.00 28.39 ? 8   PRO A CB  1 
ATOM   65  C  CG  . PRO A 1 8  ? 9.085   -9.136  2.732   1.00 28.12 ? 8   PRO A CG  1 
ATOM   66  C  CD  . PRO A 1 8  ? 8.313   -8.180  3.564   1.00 25.24 ? 8   PRO A CD  1 
ATOM   67  N  N   . SER A 1 9  ? 9.974   -9.374  6.748   1.00 32.27 ? 9   SER A N   1 
ATOM   68  C  CA  . SER A 1 9  ? 10.703  -9.341  7.999   1.00 37.48 ? 9   SER A CA  1 
ATOM   69  C  C   . SER A 1 9  ? 9.806   -9.285  9.217   1.00 39.75 ? 9   SER A C   1 
ATOM   70  O  O   . SER A 1 9  ? 10.356  -9.237  10.319  1.00 40.27 ? 9   SER A O   1 
ATOM   71  C  CB  . SER A 1 9  ? 11.604  -8.104  8.084   1.00 39.76 ? 9   SER A CB  1 
ATOM   72  O  OG  . SER A 1 9  ? 10.866  -6.946  7.767   1.00 56.99 ? 9   SER A OG  1 
ATOM   73  N  N   . GLY A 1 10 ? 8.490   -9.279  9.075   1.00 37.92 ? 10  GLY A N   1 
ATOM   74  C  CA  . GLY A 1 10 ? 7.558   -9.268  10.183  1.00 37.02 ? 10  GLY A CA  1 
ATOM   75  C  C   . GLY A 1 10 ? 6.436   -8.263  9.997   1.00 31.91 ? 10  GLY A C   1 
ATOM   76  O  O   . GLY A 1 10 ? 6.360   -7.441  9.095   1.00 25.86 ? 10  GLY A O   1 
ATOM   77  N  N   . GLU A 1 11 ? 5.507   -8.341  10.964  1.00 30.32 ? 11  GLU A N   1 
ATOM   78  C  CA  . GLU A 1 11 ? 4.461   -7.311  11.042  1.00 26.63 ? 11  GLU A CA  1 
ATOM   79  C  C   . GLU A 1 11 ? 4.925   -5.996  11.635  1.00 26.13 ? 11  GLU A C   1 
ATOM   80  O  O   . GLU A 1 11 ? 5.657   -5.934  12.643  1.00 30.92 ? 11  GLU A O   1 
ATOM   81  C  CB  . GLU A 1 11 ? 3.352   -7.918  11.907  1.00 31.43 ? 11  GLU A CB  1 
ATOM   82  C  CG  . GLU A 1 11 ? 2.064   -7.157  11.685  1.00 34.74 ? 11  GLU A CG  1 
ATOM   83  C  CD  . GLU A 1 11 ? 0.997   -7.841  12.530  1.00 41.92 ? 11  GLU A CD  1 
ATOM   84  O  OE1 . GLU A 1 11 ? 0.861   -7.461  13.705  1.00 49.36 ? 11  GLU A OE1 1 
ATOM   85  O  OE2 . GLU A 1 11 ? 0.378   -8.754  11.956  1.00 51.69 ? 11  GLU A OE2 1 
ATOM   86  N  N   . GLU A 1 12 ? 4.533   -4.888  11.025  1.00 23.81 ? 12  GLU A N   1 
ATOM   87  C  CA  . GLU A 1 12 ? 4.798   -3.548  11.541  1.00 24.31 ? 12  GLU A CA  1 
ATOM   88  C  C   . GLU A 1 12 ? 3.512   -2.783  11.718  1.00 22.50 ? 12  GLU A C   1 
ATOM   89  O  O   . GLU A 1 12 ? 2.659   -2.932  10.847  1.00 28.72 ? 12  GLU A O   1 
ATOM   90  C  CB  . GLU A 1 12 ? 5.630   -2.727  10.549  1.00 24.48 ? 12  GLU A CB  1 
ATOM   91  C  CG  . GLU A 1 12 ? 6.886   -3.495  10.156  1.00 27.76 ? 12  GLU A CG  1 
ATOM   92  C  CD  . GLU A 1 12 ? 7.977   -3.494  11.193  1.00 30.76 ? 12  GLU A CD  1 
ATOM   93  O  OE1 . GLU A 1 12 ? 7.772   -2.876  12.239  1.00 32.86 ? 12  GLU A OE1 1 
ATOM   94  O  OE2 . GLU A 1 12 ? 9.056   -4.120  10.958  1.00 39.39 ? 12  GLU A OE2 1 
ATOM   95  N  N   . THR A 1 13 ? 3.340   -1.981  12.734  1.00 24.05 ? 13  THR A N   1 
ATOM   96  C  CA  . THR A 1 13 ? 2.162   -1.124  12.848  1.00 22.37 ? 13  THR A CA  1 
ATOM   97  C  C   . THR A 1 13 ? 2.592   0.329   12.816  1.00 20.87 ? 13  THR A C   1 
ATOM   98  O  O   . THR A 1 13 ? 3.531   0.684   13.523  1.00 26.12 ? 13  THR A O   1 
ATOM   99  C  CB  . THR A 1 13 ? 1.415   -1.425  14.153  1.00 26.55 ? 13  THR A CB  1 
ATOM   100 O  OG1 . THR A 1 13 ? 1.162   -2.819  14.170  1.00 30.62 ? 13  THR A OG1 1 
ATOM   101 C  CG2 . THR A 1 13 ? 0.075   -0.675  14.217  1.00 32.46 ? 13  THR A CG2 1 
ATOM   102 N  N   . ILE A 1 14 ? 1.975   1.135   11.999  1.00 19.83 ? 14  ILE A N   1 
ATOM   103 C  CA  . ILE A 1 14 ? 2.288   2.553   11.912  1.00 20.12 ? 14  ILE A CA  1 
ATOM   104 C  C   . ILE A 1 14 ? 0.988   3.328   11.977  1.00 20.77 ? 14  ILE A C   1 
ATOM   105 O  O   . ILE A 1 14 ? -0.101  2.767   11.812  1.00 21.14 ? 14  ILE A O   1 
ATOM   106 C  CB  . ILE A 1 14 ? 3.019   2.892   10.599  1.00 21.08 ? 14  ILE A CB  1 
ATOM   107 C  CG1 . ILE A 1 14 ? 2.156   2.680   9.366   1.00 20.04 ? 14  ILE A CG1 1 
ATOM   108 C  CG2 . ILE A 1 14 ? 4.324   2.084   10.505  1.00 23.98 ? 14  ILE A CG2 1 
ATOM   109 C  CD1 . ILE A 1 14 ? 2.752   2.990   8.017   1.00 22.72 ? 14  ILE A CD1 1 
ATOM   110 N  N   . GLU A 1 15 ? 1.076   4.625   12.242  1.00 19.45 ? 15  GLU A N   1 
ATOM   111 C  CA  . GLU A 1 15 ? -0.049  5.540   12.152  1.00 18.60 ? 15  GLU A CA  1 
ATOM   112 C  C   . GLU A 1 15 ? 0.068   6.332   10.870  1.00 18.21 ? 15  GLU A C   1 
ATOM   113 O  O   . GLU A 1 15 ? 1.126   6.820   10.520  1.00 23.35 ? 15  GLU A O   1 
ATOM   114 C  CB  . GLU A 1 15 ? -0.026  6.448   13.371  1.00 26.36 ? 15  GLU A CB  1 
ATOM   115 C  CG  A GLU A 1 15 ? -0.944  7.667   13.282  0.65 28.20 ? 15  GLU A CG  1 
ATOM   116 C  CG  B GLU A 1 15 ? -0.345  5.738   14.675  0.35 25.74 ? 15  GLU A CG  1 
ATOM   117 C  CD  A GLU A 1 15 ? -2.399  7.277   13.417  0.65 34.05 ? 15  GLU A CD  1 
ATOM   118 C  CD  B GLU A 1 15 ? -1.444  4.713   14.744  0.35 30.18 ? 15  GLU A CD  1 
ATOM   119 O  OE1 A GLU A 1 15 ? -2.576  6.282   14.151  0.65 35.95 ? 15  GLU A OE1 1 
ATOM   120 O  OE1 B GLU A 1 15 ? -2.625  5.029   14.505  0.35 36.95 ? 15  GLU A OE1 1 
ATOM   121 O  OE2 A GLU A 1 15 ? -3.322  7.907   12.852  0.65 34.60 ? 15  GLU A OE2 1 
ATOM   122 O  OE2 B GLU A 1 15 ? -1.213  3.522   15.063  0.35 36.19 ? 15  GLU A OE2 1 
ATOM   123 N  N   . CYS A 1 16 ? -1.023  6.423   10.130  1.00 18.71 ? 16  CYS A N   1 
ATOM   124 C  CA  . CYS A 1 16 ? -1.038  7.137   8.873   1.00 17.30 ? 16  CYS A CA  1 
ATOM   125 C  C   . CYS A 1 16 ? -2.319  7.956   8.812   1.00 19.34 ? 16  CYS A C   1 
ATOM   126 O  O   . CYS A 1 16 ? -3.436  7.401   8.748   1.00 20.14 ? 16  CYS A O   1 
ATOM   127 C  CB  . CYS A 1 16 ? -1.023  6.138   7.725   1.00 18.17 ? 16  CYS A CB  1 
ATOM   128 S  SG  . CYS A 1 16 ? -0.978  6.916   6.088   1.00 18.39 ? 16  CYS A SG  1 
ATOM   129 N  N   . PRO A 1 17 ? -2.166  9.278   8.772   1.00 22.38 ? 17  PRO A N   1 
ATOM   130 C  CA  . PRO A 1 17 ? -3.323  10.159  8.583   1.00 24.93 ? 17  PRO A CA  1 
ATOM   131 C  C   . PRO A 1 17 ? -4.049  9.864   7.270   1.00 24.93 ? 17  PRO A C   1 
ATOM   132 O  O   . PRO A 1 17 ? -3.503  9.356   6.307   1.00 20.98 ? 17  PRO A O   1 
ATOM   133 C  CB  . PRO A 1 17 ? -2.740  11.574  8.509   1.00 31.87 ? 17  PRO A CB  1 
ATOM   134 C  CG  . PRO A 1 17 ? -1.414  11.482  9.182   1.00 31.20 ? 17  PRO A CG  1 
ATOM   135 C  CD  . PRO A 1 17 ? -0.929  10.071  8.908   1.00 25.25 ? 17  PRO A CD  1 
ATOM   136 N  N   . GLU A 1 18 ? -5.307  10.284  7.253   1.00 26.87 ? 18  GLU A N   1 
ATOM   137 C  CA  . GLU A 1 18 ? -6.210  10.050  6.138   1.00 24.12 ? 18  GLU A CA  1 
ATOM   138 C  C   . GLU A 1 18 ? -5.699  10.820  4.922   1.00 25.45 ? 18  GLU A C   1 
ATOM   139 O  O   . GLU A 1 18 ? -6.124  10.463  3.826   1.00 26.10 ? 18  GLU A O   1 
ATOM   140 C  CB  . GLU A 1 18 ? -7.668  10.414  6.417   1.00 32.11 ? 18  GLU A CB  1 
ATOM   141 C  CG  A GLU A 1 18 ? -7.986  11.871  6.140   0.55 38.73 ? 18  GLU A CG  1 
ATOM   142 C  CG  B GLU A 1 18 ? -8.253  10.360  7.797   0.45 39.11 ? 18  GLU A CG  1 
ATOM   143 C  CD  A GLU A 1 18 ? -7.512  12.823  7.219   0.55 47.00 ? 18  GLU A CD  1 
ATOM   144 C  CD  B GLU A 1 18 ? -9.613  10.999  7.975   0.45 43.22 ? 18  GLU A CD  1 
ATOM   145 O  OE1 A GLU A 1 18 ? -6.805  12.380  8.161   0.55 53.95 ? 18  GLU A OE1 1 
ATOM   146 O  OE1 B GLU A 1 18 ? -10.254 11.402  6.989   0.45 45.60 ? 18  GLU A OE1 1 
ATOM   147 O  OE2 A GLU A 1 18 ? -7.860  14.026  7.089   0.55 63.09 ? 18  GLU A OE2 1 
ATOM   148 O  OE2 B GLU A 1 18 ? -9.987  11.065  9.168   0.45 54.39 ? 18  GLU A OE2 1 
ATOM   149 N  N   . ASP A 1 19 ? -4.841  11.811  5.143   1.00 24.56 ? 19  ASP A N   1 
ATOM   150 C  CA  . ASP A 1 19 ? -4.347  12.591  4.007   1.00 25.00 ? 19  ASP A CA  1 
ATOM   151 C  C   . ASP A 1 19 ? -2.880  12.359  3.711   1.00 20.84 ? 19  ASP A C   1 
ATOM   152 O  O   . ASP A 1 19 ? -2.227  13.189  3.074   1.00 21.92 ? 19  ASP A O   1 
ATOM   153 C  CB  . ASP A 1 19 ? -4.614  14.074  4.250   1.00 30.94 ? 19  ASP A CB  1 
ATOM   154 C  CG  . ASP A 1 19 ? -3.876  14.604  5.452   1.00 35.77 ? 19  ASP A CG  1 
ATOM   155 O  OD1 . ASP A 1 19 ? -3.247  13.825  6.199   1.00 42.56 ? 19  ASP A OD1 1 
ATOM   156 O  OD2 . ASP A 1 19 ? -3.898  15.841  5.646   1.00 46.13 ? 19  ASP A OD2 1 
ATOM   157 N  N   . THR A 1 20 ? -2.350  11.231  4.167   1.00 19.72 ? 20  THR A N   1 
ATOM   158 C  CA  . THR A 1 20 ? -0.996  10.831  3.914   1.00 17.78 ? 20  THR A CA  1 
ATOM   159 C  C   . THR A 1 20 ? -0.943  9.479   3.221   1.00 16.43 ? 20  THR A C   1 
ATOM   160 O  O   . THR A 1 20 ? -1.676  8.579   3.595   1.00 16.91 ? 20  THR A O   1 
ATOM   161 C  CB  . THR A 1 20 ? -0.240  10.736  5.270   1.00 19.69 ? 20  THR A CB  1 
ATOM   162 O  OG1 . THR A 1 20 ? -0.205  12.065  5.794   1.00 23.51 ? 20  THR A OG1 1 
ATOM   163 C  CG2 . THR A 1 20 ? 1.176   10.276  5.141   1.00 19.84 ? 20  THR A CG2 1 
ATOM   164 N  N   . TYR A 1 21 ? -0.103  9.329   2.212   1.00 16.39 ? 21  TYR A N   1 
ATOM   165 C  CA  . TYR A 1 21 ? 0.027   8.034   1.570   1.00 16.12 ? 21  TYR A CA  1 
ATOM   166 C  C   . TYR A 1 21 ? 0.687   6.997   2.486   1.00 15.66 ? 21  TYR A C   1 
ATOM   167 O  O   . TYR A 1 21 ? 1.559   7.300   3.258   1.00 16.76 ? 21  TYR A O   1 
ATOM   168 C  CB  . TYR A 1 21 ? 0.887   8.164   0.335   1.00 15.54 ? 21  TYR A CB  1 
ATOM   169 C  CG  . TYR A 1 21 ? 0.387   9.049   -0.781  1.00 15.89 ? 21  TYR A CG  1 
ATOM   170 C  CD1 . TYR A 1 21 ? -0.932  9.004   -1.228  1.00 16.86 ? 21  TYR A CD1 1 
ATOM   171 C  CD2 . TYR A 1 21 ? 1.228   9.918   -1.437  1.00 17.82 ? 21  TYR A CD2 1 
ATOM   172 C  CE1 . TYR A 1 21 ? -1.322  9.821   -2.266  1.00 18.18 ? 21  TYR A CE1 1 
ATOM   173 C  CE2 . TYR A 1 21 ? 0.851   10.717  -2.496  1.00 18.10 ? 21  TYR A CE2 1 
ATOM   174 C  CZ  . TYR A 1 21 ? -0.457  10.667  -2.900  1.00 18.52 ? 21  TYR A CZ  1 
ATOM   175 O  OH  . TYR A 1 21 ? -0.880  11.455  -3.935  1.00 20.78 ? 21  TYR A OH  1 
ATOM   176 N  N   . ILE A 1 22 ? 0.262   5.741   2.349   1.00 15.40 ? 22  ILE A N   1 
ATOM   177 C  CA  . ILE A 1 22 ? 0.784   4.676   3.169   1.00 15.23 ? 22  ILE A CA  1 
ATOM   178 C  C   . ILE A 1 22 ? 2.309   4.606   3.076   1.00 15.58 ? 22  ILE A C   1 
ATOM   179 O  O   . ILE A 1 22 ? 3.003   4.474   4.091   1.00 16.52 ? 22  ILE A O   1 
ATOM   180 C  CB  . ILE A 1 22 ? 0.085   3.345   2.830   1.00 17.10 ? 22  ILE A CB  1 
ATOM   181 C  CG1 . ILE A 1 22 ? -1.371  3.390   3.297   1.00 24.47 ? 22  ILE A CG1 1 
ATOM   182 C  CG2 . ILE A 1 22 ? 0.804   2.165   3.448   1.00 18.68 ? 22  ILE A CG2 1 
ATOM   183 C  CD1 . ILE A 1 22 ? -2.274  2.354   2.784   1.00 30.18 ? 22  ILE A CD1 1 
ATOM   184 N  N   . LEU A 1 23 ? 2.903   4.697   1.886   1.00 15.42 ? 23  LEU A N   1 
ATOM   185 C  CA  . LEU A 1 23 ? 4.339   4.614   1.743   1.00 15.58 ? 23  LEU A CA  1 
ATOM   186 C  C   . LEU A 1 23 ? 5.033   5.747   2.465   1.00 16.42 ? 23  LEU A C   1 
ATOM   187 O  O   . LEU A 1 23 ? 6.065   5.499   3.103   1.00 17.10 ? 23  LEU A O   1 
ATOM   188 C  CB  . LEU A 1 23 ? 4.706   4.592   0.262   1.00 15.86 ? 23  LEU A CB  1 
ATOM   189 C  CG  . LEU A 1 23 ? 6.190   4.490   -0.073  1.00 16.61 ? 23  LEU A CG  1 
ATOM   190 C  CD1 . LEU A 1 23 ? 6.727   3.175   0.472   1.00 19.19 ? 23  LEU A CD1 1 
ATOM   191 C  CD2 . LEU A 1 23 ? 6.416   4.647   -1.556  1.00 19.24 ? 23  LEU A CD2 1 
ATOM   192 N  N   . ASP A 1 24 ? 4.476   6.936   2.368   1.00 16.46 ? 24  ASP A N   1 
ATOM   193 C  CA  . ASP A 1 24 ? 5.093   8.066   3.045   1.00 16.82 ? 24  ASP A CA  1 
ATOM   194 C  C   . ASP A 1 24 ? 5.068   7.857   4.550   1.00 17.17 ? 24  ASP A C   1 
ATOM   195 O  O   . ASP A 1 24 ? 6.049   8.124   5.252   1.00 18.71 ? 24  ASP A O   1 
ATOM   196 C  CB  . ASP A 1 24 ? 4.375   9.346   2.670   1.00 17.45 ? 24  ASP A CB  1 
ATOM   197 C  CG  . ASP A 1 24 ? 4.726   9.879   1.307   1.00 21.88 ? 24  ASP A CG  1 
ATOM   198 O  OD1 . ASP A 1 24 ? 5.840   9.656   0.844   1.00 33.71 ? 24  ASP A OD1 1 
ATOM   199 O  OD2 . ASP A 1 24 ? 3.899   10.576  0.722   1.00 29.01 ? 24  ASP A OD2 1 
ATOM   200 N  N   . ALA A 1 25 ? 3.972   7.383   5.092   1.00 17.01 ? 25  ALA A N   1 
ATOM   201 C  CA  . ALA A 1 25 ? 3.881   7.119   6.529   1.00 17.10 ? 25  ALA A CA  1 
ATOM   202 C  C   . ALA A 1 25 ? 4.851   6.040   6.957   1.00 16.53 ? 25  ALA A C   1 
ATOM   203 O  O   . ALA A 1 25 ? 5.452   6.126   8.031   1.00 18.71 ? 25  ALA A O   1 
ATOM   204 C  CB  . ALA A 1 25 ? 2.451   6.761   6.853   1.00 18.66 ? 25  ALA A CB  1 
ATOM   205 N  N   . ALA A 1 26 ? 4.990   5.033   6.115   1.00 15.93 ? 26  ALA A N   1 
ATOM   206 C  CA  . ALA A 1 26 ? 5.915   3.972   6.453   1.00 15.27 ? 26  ALA A CA  1 
ATOM   207 C  C   . ALA A 1 26 ? 7.343   4.483   6.538   1.00 16.27 ? 26  ALA A C   1 
ATOM   208 O  O   . ALA A 1 26 ? 8.114   4.112   7.413   1.00 18.10 ? 26  ALA A O   1 
ATOM   209 C  CB  . ALA A 1 26 ? 5.825   2.855   5.418   1.00 16.34 ? 26  ALA A CB  1 
ATOM   210 N  N   . GLU A 1 27 ? 7.684   5.368   5.598   1.00 17.01 ? 27  GLU A N   1 
ATOM   211 C  CA  . GLU A 1 27 ? 9.035   5.887   5.586   1.00 18.04 ? 27  GLU A CA  1 
ATOM   212 C  C   . GLU A 1 27 ? 9.254   6.755   6.822   1.00 19.56 ? 27  GLU A C   1 
ATOM   213 O  O   . GLU A 1 27 ? 10.333  6.695   7.442   1.00 21.56 ? 27  GLU A O   1 
ATOM   214 C  CB  . GLU A 1 27 ? 9.307   6.678   4.310   1.00 19.97 ? 27  GLU A CB  1 
ATOM   215 C  CG  . GLU A 1 27 ? 9.390   5.726   3.118   1.00 21.52 ? 27  GLU A CG  1 
ATOM   216 C  CD  . GLU A 1 27 ? 9.525   6.476   1.803   1.00 25.80 ? 27  GLU A CD  1 
ATOM   217 O  OE1 . GLU A 1 27 ? 9.292   7.714   1.781   1.00 30.97 ? 27  GLU A OE1 1 
ATOM   218 O  OE2 . GLU A 1 27 ? 9.886   5.755   0.841   1.00 25.14 ? 27  GLU A OE2 1 
ATOM   219 N  N   . GLU A 1 28 ? 8.265   7.564   7.163   1.00 18.48 ? 28  GLU A N   1 
ATOM   220 C  CA  . GLU A 1 28 ? 8.384   8.395   8.358   1.00 19.61 ? 28  GLU A CA  1 
ATOM   221 C  C   . GLU A 1 28 ? 8.553   7.558   9.620   1.00 18.87 ? 28  GLU A C   1 
ATOM   222 O  O   . GLU A 1 28 ? 9.155   8.079   10.589  1.00 24.00 ? 28  GLU A O   1 
ATOM   223 C  CB  . GLU A 1 28 ? 7.166   9.323   8.487   1.00 23.66 ? 28  GLU A CB  1 
ATOM   224 C  CG  . GLU A 1 28 ? 7.104   10.420  7.405   1.00 37.04 ? 28  GLU A CG  1 
ATOM   225 C  CD  . GLU A 1 28 ? 5.796   11.172  7.329   1.00 43.22 ? 28  GLU A CD  1 
ATOM   226 O  OE1 . GLU A 1 28 ? 4.871   10.944  8.150   1.00 49.34 ? 28  GLU A OE1 1 
ATOM   227 O  OE2 . GLU A 1 28 ? 5.674   12.028  6.420   1.00 57.62 ? 28  GLU A OE2 1 
ATOM   228 N  N   . ALA A 1 29 ? 8.057   6.317   9.620   1.00 19.39 ? 29  ALA A N   1 
ATOM   229 C  CA  . ALA A 1 29 ? 8.150   5.409   10.754  1.00 17.89 ? 29  ALA A CA  1 
ATOM   230 C  C   . ALA A 1 29 ? 9.440   4.579   10.710  1.00 18.04 ? 29  ALA A C   1 
ATOM   231 O  O   . ALA A 1 29 ? 9.653   3.664   11.533  1.00 20.86 ? 29  ALA A O   1 
ATOM   232 C  CB  . ALA A 1 29 ? 6.927   4.512   10.800  1.00 20.43 ? 29  ALA A CB  1 
ATOM   233 N  N   . GLY A 1 30 ? 10.314  4.868   9.752   1.00 19.62 ? 30  GLY A N   1 
ATOM   234 C  CA  . GLY A 1 30 ? 11.606  4.186   9.674   1.00 20.01 ? 30  GLY A CA  1 
ATOM   235 C  C   . GLY A 1 30 ? 11.615  2.894   8.894   1.00 21.49 ? 30  GLY A C   1 
ATOM   236 O  O   . GLY A 1 30 ? 12.605  2.175   8.944   1.00 24.20 ? 30  GLY A O   1 
ATOM   237 N  N   . LEU A 1 31 ? 10.542  2.584   8.156   1.00 19.25 ? 31  LEU A N   1 
ATOM   238 C  CA  . LEU A 1 31 ? 10.523  1.382   7.365   1.00 18.13 ? 31  LEU A CA  1 
ATOM   239 C  C   . LEU A 1 31 ? 11.049  1.649   5.966   1.00 19.80 ? 31  LEU A C   1 
ATOM   240 O  O   . LEU A 1 31 ? 11.056  2.781   5.485   1.00 20.95 ? 31  LEU A O   1 
ATOM   241 C  CB  . LEU A 1 31 ? 9.097   0.838   7.242   1.00 18.78 ? 31  LEU A CB  1 
ATOM   242 C  CG  . LEU A 1 31 ? 8.354   0.588   8.560   1.00 20.10 ? 31  LEU A CG  1 
ATOM   243 C  CD1 . LEU A 1 31 ? 6.949   0.048   8.326   1.00 25.93 ? 31  LEU A CD1 1 
ATOM   244 C  CD2 . LEU A 1 31 ? 9.151   -0.336  9.461   1.00 24.86 ? 31  LEU A CD2 1 
ATOM   245 N  N   . ASP A 1 32 ? 11.501  0.565   5.343   1.00 20.50 ? 32  ASP A N   1 
ATOM   246 C  CA  . ASP A 1 32 ? 12.062  0.640   3.994   1.00 19.28 ? 32  ASP A CA  1 
ATOM   247 C  C   . ASP A 1 32 ? 11.237  -0.238  3.088   1.00 18.96 ? 32  ASP A C   1 
ATOM   248 O  O   . ASP A 1 32 ? 11.723  -1.285  2.700   1.00 29.90 ? 32  ASP A O   1 
ATOM   249 C  CB  . ASP A 1 32 ? 13.517  0.195   3.993   1.00 24.17 ? 32  ASP A CB  1 
ATOM   250 C  CG  . ASP A 1 32 ? 14.454  1.297   4.449   1.00 30.38 ? 32  ASP A CG  1 
ATOM   251 O  OD1 . ASP A 1 32 ? 14.487  2.379   3.810   1.00 38.07 ? 32  ASP A OD1 1 
ATOM   252 O  OD2 . ASP A 1 32 ? 15.143  1.033   5.433   1.00 30.46 ? 32  ASP A OD2 1 
ATOM   253 N  N   . LEU A 1 33 ? 10.047  0.165   2.749   1.00 20.01 ? 33  LEU A N   1 
ATOM   254 C  CA  . LEU A 1 33 ? 9.201   -0.529  1.793   1.00 17.88 ? 33  LEU A CA  1 
ATOM   255 C  C   . LEU A 1 33 ? 9.615   -0.242  0.342   1.00 16.23 ? 33  LEU A C   1 
ATOM   256 O  O   . LEU A 1 33 ? 10.117  0.809   0.038   1.00 17.87 ? 33  LEU A O   1 
ATOM   257 C  CB  . LEU A 1 33 ? 7.767   -0.088  2.008   1.00 19.64 ? 33  LEU A CB  1 
ATOM   258 C  CG  . LEU A 1 33 ? 7.055   -0.463  3.311   1.00 21.19 ? 33  LEU A CG  1 
ATOM   259 C  CD1 . LEU A 1 33 ? 5.586   -0.080  3.228   1.00 24.53 ? 33  LEU A CD1 1 
ATOM   260 C  CD2 . LEU A 1 33 ? 7.253   -1.923  3.651   1.00 25.37 ? 33  LEU A CD2 1 
ATOM   261 N  N   . PRO A 1 34 ? 9.416   -1.199  -0.558  1.00 17.83 ? 34  PRO A N   1 
ATOM   262 C  CA  . PRO A 1 34 ? 9.903   -1.041  -1.904  1.00 16.44 ? 34  PRO A CA  1 
ATOM   263 C  C   . PRO A 1 34 ? 9.041   -0.074  -2.718  1.00 15.71 ? 34  PRO A C   1 
ATOM   264 O  O   . PRO A 1 34 ? 7.854   -0.007  -2.561  1.00 17.77 ? 34  PRO A O   1 
ATOM   265 C  CB  . PRO A 1 34 ? 9.810   -2.467  -2.483  1.00 18.21 ? 34  PRO A CB  1 
ATOM   266 C  CG  . PRO A 1 34 ? 8.697   -3.097  -1.719  1.00 18.34 ? 34  PRO A CG  1 
ATOM   267 C  CD  . PRO A 1 34 ? 8.807   -2.513  -0.332  1.00 19.55 ? 34  PRO A CD  1 
ATOM   268 N  N   . TYR A 1 35 ? 9.725   0.647   -3.625  1.00 16.88 ? 35  TYR A N   1 
ATOM   269 C  CA  . TYR A 1 35 ? 9.074   1.522   -4.569  1.00 17.46 ? 35  TYR A CA  1 
ATOM   270 C  C   . TYR A 1 35 ? 10.005  1.724   -5.761  1.00 15.80 ? 35  TYR A C   1 
ATOM   271 O  O   . TYR A 1 35 ? 11.150  1.314   -5.741  1.00 17.13 ? 35  TYR A O   1 
ATOM   272 C  CB  . TYR A 1 35 ? 8.643   2.854   -3.930  1.00 18.16 ? 35  TYR A CB  1 
ATOM   273 C  CG  . TYR A 1 35 ? 9.768   3.735   -3.507  1.00 18.09 ? 35  TYR A CG  1 
ATOM   274 C  CD1 . TYR A 1 35 ? 10.331  3.622   -2.243  1.00 18.29 ? 35  TYR A CD1 1 
ATOM   275 C  CD2 . TYR A 1 35 ? 10.256  4.691   -4.380  1.00 20.95 ? 35  TYR A CD2 1 
ATOM   276 C  CE1 . TYR A 1 35 ? 11.372  4.446   -1.866  1.00 19.96 ? 35  TYR A CE1 1 
ATOM   277 C  CE2 . TYR A 1 35 ? 11.296  5.516   -4.018  1.00 24.10 ? 35  TYR A CE2 1 
ATOM   278 C  CZ  . TYR A 1 35 ? 11.855  5.388   -2.760  1.00 22.89 ? 35  TYR A CZ  1 
ATOM   279 O  OH  . TYR A 1 35 ? 12.880  6.235   -2.429  1.00 24.63 ? 35  TYR A OH  1 
ATOM   280 N  N   . SER A 1 36 ? 9.479   2.383   -6.765  1.00 17.59 ? 36  SER A N   1 
ATOM   281 C  CA  . SER A 1 36 ? 10.277  2.845   -7.904  1.00 18.48 ? 36  SER A CA  1 
ATOM   282 C  C   . SER A 1 36 ? 9.800   4.236   -8.376  1.00 19.66 ? 36  SER A C   1 
ATOM   283 O  O   . SER A 1 36 ? 10.416  5.223   -8.059  1.00 22.24 ? 36  SER A O   1 
ATOM   284 C  CB  . SER A 1 36 ? 10.237  1.862   -9.088  1.00 20.27 ? 36  SER A CB  1 
ATOM   285 O  OG  A SER A 1 36 ? 11.164  0.818   -8.983  0.37 34.79 ? 36  SER A OG  1 
ATOM   286 O  OG  B SER A 1 36 ? 11.199  2.344   -10.049 0.63 22.81 ? 36  SER A OG  1 
ATOM   287 N  N   . CYS A 1 37 ? 8.706   4.321   -9.114  1.00 21.67 ? 37  CYS A N   1 
ATOM   288 C  CA  . CYS A 1 37 ? 8.240   5.533   -9.761  1.00 23.09 ? 37  CYS A CA  1 
ATOM   289 C  C   . CYS A 1 37 ? 7.611   6.509   -8.777  1.00 25.75 ? 37  CYS A C   1 
ATOM   290 O  O   . CYS A 1 37 ? 7.648   7.730   -8.966  1.00 24.05 ? 37  CYS A O   1 
ATOM   291 C  CB  . CYS A 1 37 ? 7.247   5.213   -10.930 1.00 23.81 ? 37  CYS A CB  1 
ATOM   292 S  SG  . CYS A 1 37 ? 5.584   4.759   -10.326 1.00 22.68 ? 37  CYS A SG  1 
ATOM   293 N  N   . ARG A 1 38 ? 7.047   6.047   -7.677  1.00 22.10 ? 38  ARG A N   1 
ATOM   294 C  CA  . ARG A 1 38 ? 6.274   6.782   -6.697  1.00 20.33 ? 38  ARG A CA  1 
ATOM   295 C  C   . ARG A 1 38 ? 5.142   7.623   -7.271  1.00 22.60 ? 38  ARG A C   1 
ATOM   296 O  O   . ARG A 1 38 ? 4.702   8.615   -6.678  1.00 24.60 ? 38  ARG A O   1 
ATOM   297 C  CB  . ARG A 1 38 ? 7.176   7.721   -5.895  1.00 27.78 ? 38  ARG A CB  1 
ATOM   298 C  CG  . ARG A 1 38 ? 8.007   7.134   -4.810  1.00 36.06 ? 38  ARG A CG  1 
ATOM   299 C  CD  . ARG A 1 38 ? 8.747   8.296   -4.084  1.00 36.29 ? 38  ARG A CD  1 
ATOM   300 N  NE  . ARG A 1 38 ? 8.037   8.498   -2.804  1.00 34.38 ? 38  ARG A NE  1 
ATOM   301 C  CZ  . ARG A 1 38 ? 8.343   7.848   -1.687  1.00 31.24 ? 38  ARG A CZ  1 
ATOM   302 N  NH1 . ARG A 1 38 ? 9.315   6.966   -1.589  1.00 25.67 ? 38  ARG A NH1 1 
ATOM   303 N  NH2 . ARG A 1 38 ? 7.602   8.156   -0.642  1.00 31.41 ? 38  ARG A NH2 1 
ATOM   304 N  N   . ALA A 1 39 ? 4.654   7.201   -8.410  1.00 20.48 ? 39  ALA A N   1 
ATOM   305 C  CA  . ALA A 1 39 ? 3.630   7.929   -9.128  1.00 22.25 ? 39  ALA A CA  1 
ATOM   306 C  C   . ALA A 1 39 ? 2.448   7.085   -9.596  1.00 22.50 ? 39  ALA A C   1 
ATOM   307 O  O   . ALA A 1 39 ? 1.603   7.558   -10.374 1.00 24.54 ? 39  ALA A O   1 
ATOM   308 C  CB  . ALA A 1 39 ? 4.271   8.608   -10.358 1.00 24.94 ? 39  ALA A CB  1 
ATOM   309 N  N   . GLY A 1 40 ? 2.283   5.857   -9.102  1.00 18.58 ? 40  GLY A N   1 
ATOM   310 C  CA  . GLY A 1 40 ? 1.120   5.060   -9.375  1.00 20.96 ? 40  GLY A CA  1 
ATOM   311 C  C   . GLY A 1 40 ? 1.189   4.438   -10.769 1.00 20.90 ? 40  GLY A C   1 
ATOM   312 O  O   . GLY A 1 40 ? 0.149   3.969   -11.234 1.00 22.95 ? 40  GLY A O   1 
ATOM   313 N  N   . ALA A 1 41 ? 2.373   4.466   -11.380 1.00 21.78 ? 41  ALA A N   1 
ATOM   314 C  CA  . ALA A 1 41 ? 2.528   4.025   -12.755 1.00 22.82 ? 41  ALA A CA  1 
ATOM   315 C  C   . ALA A 1 41 ? 3.422   2.798   -12.942 1.00 24.70 ? 41  ALA A C   1 
ATOM   316 O  O   . ALA A 1 41 ? 3.947   2.534   -14.055 1.00 33.95 ? 41  ALA A O   1 
ATOM   317 C  CB  . ALA A 1 41 ? 3.061   5.162   -13.620 1.00 27.03 ? 41  ALA A CB  1 
ATOM   318 N  N   . CYS A 1 42 ? 3.596   2.020   -11.871 1.00 20.90 ? 42  CYS A N   1 
ATOM   319 C  CA  . CYS A 1 42 ? 4.400   0.798   -11.975 1.00 21.85 ? 42  CYS A CA  1 
ATOM   320 C  C   . CYS A 1 42 ? 3.815   -0.170  -10.948 1.00 21.30 ? 42  CYS A C   1 
ATOM   321 O  O   . CYS A 1 42 ? 2.712   0.099   -10.441 1.00 24.51 ? 42  CYS A O   1 
ATOM   322 C  CB  . CYS A 1 42 ? 5.891   1.034   -11.786 1.00 20.98 ? 42  CYS A CB  1 
ATOM   323 S  SG  . CYS A 1 42 ? 6.550   1.219   -10.099 1.00 21.54 ? 42  CYS A SG  1 
ATOM   324 N  N   . SER A 1 43 ? 4.440   -1.256  -10.614 1.00 23.04 ? 43  SER A N   1 
ATOM   325 C  CA  . SER A 1 43 ? 3.858   -2.100  -9.569  1.00 21.79 ? 43  SER A CA  1 
ATOM   326 C  C   . SER A 1 43 ? 4.855   -2.361  -8.469  1.00 20.43 ? 43  SER A C   1 
ATOM   327 O  O   . SER A 1 43 ? 4.657   -3.287  -7.662  1.00 19.79 ? 43  SER A O   1 
ATOM   328 C  CB  . SER A 1 43 ? 3.320   -3.402  -10.210 1.00 21.76 ? 43  SER A CB  1 
ATOM   329 O  OG  . SER A 1 43 ? 4.242   -3.987  -11.119 1.00 25.90 ? 43  SER A OG  1 
ATOM   330 N  N   . SER A 1 44 ? 5.922   -1.560  -8.375  1.00 19.30 ? 44  SER A N   1 
ATOM   331 C  CA  . SER A 1 44 ? 6.976   -1.869  -7.424  1.00 18.11 ? 44  SER A CA  1 
ATOM   332 C  C   . SER A 1 44 ? 6.566   -1.772  -5.963  1.00 18.10 ? 44  SER A C   1 
ATOM   333 O  O   . SER A 1 44 ? 7.117   -2.478  -5.102  1.00 21.51 ? 44  SER A O   1 
ATOM   334 C  CB  . SER A 1 44 ? 8.210   -0.953  -7.691  1.00 20.15 ? 44  SER A CB  1 
ATOM   335 O  OG  . SER A 1 44 ? 8.775   -1.336  -8.942  1.00 25.27 ? 44  SER A OG  1 
ATOM   336 N  N   . CYS A 1 45 ? 5.607   -0.953  -5.653  1.00 17.82 ? 45  CYS A N   1 
ATOM   337 C  CA  . CYS A 1 45 ? 5.153   -0.708  -4.274  1.00 16.95 ? 45  CYS A CA  1 
ATOM   338 C  C   . CYS A 1 45 ? 3.891   -1.506  -3.995  1.00 17.16 ? 45  CYS A C   1 
ATOM   339 O  O   . CYS A 1 45 ? 3.167   -1.295  -3.029  1.00 17.41 ? 45  CYS A O   1 
ATOM   340 C  CB  . CYS A 1 45 ? 4.875   0.777   -4.136  1.00 16.35 ? 45  CYS A CB  1 
ATOM   341 S  SG  . CYS A 1 45 ? 3.449   1.282   -5.146  1.00 17.81 ? 45  CYS A SG  1 
ATOM   342 N  N   . ALA A 1 46 ? 3.548   -2.458  -4.859  1.00 17.92 ? 46  ALA A N   1 
ATOM   343 C  CA  . ALA A 1 46 ? 2.261   -3.138  -4.733  1.00 16.67 ? 46  ALA A CA  1 
ATOM   344 C  C   . ALA A 1 46 ? 2.126   -3.925  -3.439  1.00 17.83 ? 46  ALA A C   1 
ATOM   345 O  O   . ALA A 1 46 ? 3.075   -4.612  -3.002  1.00 18.36 ? 46  ALA A O   1 
ATOM   346 C  CB  . ALA A 1 46 ? 2.025   -4.091  -5.916  1.00 20.43 ? 46  ALA A CB  1 
ATOM   347 N  N   . GLY A 1 47 ? 0.921   -3.852  -2.864  1.00 17.53 ? 47  GLY A N   1 
ATOM   348 C  CA  . GLY A 1 47 ? 0.576   -4.724  -1.747  1.00 18.10 ? 47  GLY A CA  1 
ATOM   349 C  C   . GLY A 1 47 ? -0.831  -5.250  -1.978  1.00 16.74 ? 47  GLY A C   1 
ATOM   350 O  O   . GLY A 1 47 ? -1.455  -4.974  -2.986  1.00 18.29 ? 47  GLY A O   1 
ATOM   351 N  N   . LYS A 1 48 ? -1.307  -5.987  -0.987  1.00 18.75 ? 48  LYS A N   1 
ATOM   352 C  CA  . LYS A 1 48 ? -2.666  -6.500  -0.986  1.00 19.54 ? 48  LYS A CA  1 
ATOM   353 C  C   . LYS A 1 48 ? -3.397  -6.096  0.297   1.00 19.10 ? 48  LYS A C   1 
ATOM   354 O  O   . LYS A 1 48 ? -2.876  -6.407  1.380   1.00 20.88 ? 48  LYS A O   1 
ATOM   355 C  CB  . LYS A 1 48 ? -2.720  -8.039  -1.136  1.00 26.38 ? 48  LYS A CB  1 
ATOM   356 C  CG  . LYS A 1 48 ? -4.107  -8.528  -1.614  1.00 37.02 ? 48  LYS A CG  1 
ATOM   357 C  CD  . LYS A 1 48 ? -3.900  -9.858  -2.392  1.00 46.04 ? 48  LYS A CD  1 
ATOM   358 C  CE  . LYS A 1 48 ? -5.267  -10.318 -2.803  1.00 53.14 ? 48  LYS A CE  1 
ATOM   359 N  NZ  . LYS A 1 48 ? -5.344  -11.736 -3.206  1.00 76.59 ? 48  LYS A NZ  1 
ATOM   360 N  N   . VAL A 1 49 ? -4.555  -5.458  0.148   1.00 18.68 ? 49  VAL A N   1 
ATOM   361 C  CA  . VAL A 1 49 ? -5.389  -5.081  1.310   1.00 19.40 ? 49  VAL A CA  1 
ATOM   362 C  C   . VAL A 1 49 ? -6.107  -6.321  1.828   1.00 20.20 ? 49  VAL A C   1 
ATOM   363 O  O   . VAL A 1 49 ? -6.870  -6.950  1.090   1.00 25.00 ? 49  VAL A O   1 
ATOM   364 C  CB  . VAL A 1 49 ? -6.423  -4.018  0.954   1.00 22.10 ? 49  VAL A CB  1 
ATOM   365 C  CG1 . VAL A 1 49 ? -7.266  -3.736  2.186   1.00 24.04 ? 49  VAL A CG1 1 
ATOM   366 C  CG2 . VAL A 1 49 ? -5.689  -2.773  0.463   1.00 20.73 ? 49  VAL A CG2 1 
ATOM   367 N  N   . GLU A 1 50 ? -5.864  -6.673  3.091   1.00 20.27 ? 50  GLU A N   1 
ATOM   368 C  CA  . GLU A 1 50 ? -6.540  -7.765  3.747   1.00 20.86 ? 50  GLU A CA  1 
ATOM   369 C  C   . GLU A 1 50 ? -7.680  -7.334  4.660   1.00 22.00 ? 50  GLU A C   1 
ATOM   370 O  O   . GLU A 1 50 ? -8.556  -8.140  4.970   1.00 25.50 ? 50  GLU A O   1 
ATOM   371 C  CB  . GLU A 1 50 ? -5.544  -8.526  4.598   1.00 21.95 ? 50  GLU A CB  1 
ATOM   372 C  CG  . GLU A 1 50 ? -4.378  -9.109  3.808   1.00 26.08 ? 50  GLU A CG  1 
ATOM   373 C  CD  . GLU A 1 50 ? -3.564  -10.078 4.642   1.00 30.42 ? 50  GLU A CD  1 
ATOM   374 O  OE1 . GLU A 1 50 ? -3.682  -10.198 5.892   1.00 32.96 ? 50  GLU A OE1 1 
ATOM   375 O  OE2 . GLU A 1 50 ? -2.742  -10.764 3.987   1.00 34.31 ? 50  GLU A OE2 1 
ATOM   376 N  N   . SER A 1 51 ? -7.680  -6.078  5.100   1.00 21.01 ? 51  SER A N   1 
ATOM   377 C  CA  . SER A 1 51 ? -8.720  -5.519  5.952   1.00 21.07 ? 51  SER A CA  1 
ATOM   378 C  C   . SER A 1 51 ? -8.709  -3.997  5.765   1.00 19.81 ? 51  SER A C   1 
ATOM   379 O  O   . SER A 1 51 ? -7.641  -3.389  5.617   1.00 19.48 ? 51  SER A O   1 
ATOM   380 C  CB  . SER A 1 51 ? -8.488  -5.897  7.409   1.00 23.50 ? 51  SER A CB  1 
ATOM   381 O  OG  . SER A 1 51 ? -9.494  -5.505  8.310   1.00 23.43 ? 51  SER A OG  1 
ATOM   382 N  N   . GLY A 1 52 ? -9.897  -3.412  5.837   1.00 20.56 ? 52  GLY A N   1 
ATOM   383 C  CA  . GLY A 1 52 ? -10.057 -1.993  5.717   1.00 20.61 ? 52  GLY A CA  1 
ATOM   384 C  C   . GLY A 1 52 ? -10.131 -1.574  4.257   1.00 22.69 ? 52  GLY A C   1 
ATOM   385 O  O   . GLY A 1 52 ? -10.238 -2.389  3.341   1.00 21.66 ? 52  GLY A O   1 
ATOM   386 N  N   . GLU A 1 53 ? -10.080 -0.247  4.132   1.00 22.33 ? 53  GLU A N   1 
ATOM   387 C  CA  . GLU A 1 53 ? -10.208 0.331   2.807   1.00 21.43 ? 53  GLU A CA  1 
ATOM   388 C  C   . GLU A 1 53 ? -9.150  1.410   2.569   1.00 19.16 ? 53  GLU A C   1 
ATOM   389 O  O   . GLU A 1 53 ? -8.709  2.059   3.479   1.00 19.92 ? 53  GLU A O   1 
ATOM   390 C  CB  . GLU A 1 53 ? -11.613 0.914   2.620   1.00 28.86 ? 53  GLU A CB  1 
ATOM   391 C  CG  . GLU A 1 53 ? -12.713 -0.108  2.732   1.00 31.66 ? 53  GLU A CG  1 
ATOM   392 C  CD  . GLU A 1 53 ? -12.926 -1.001  1.528   1.00 39.00 ? 53  GLU A CD  1 
ATOM   393 O  OE1 . GLU A 1 53 ? -12.111 -0.870  0.574   1.00 58.93 ? 53  GLU A OE1 1 
ATOM   394 O  OE2 . GLU A 1 53 ? -13.884 -1.824  1.587   1.00 49.05 ? 53  GLU A OE2 1 
ATOM   395 N  N   . VAL A 1 54 ? -8.810  1.577   1.283   1.00 19.19 ? 54  VAL A N   1 
ATOM   396 C  CA  . VAL A 1 54 ? -7.931  2.591   0.816   1.00 17.11 ? 54  VAL A CA  1 
ATOM   397 C  C   . VAL A 1 54 ? -8.585  3.393   -0.316  1.00 17.84 ? 54  VAL A C   1 
ATOM   398 O  O   . VAL A 1 54 ? -9.536  2.959   -0.981  1.00 21.14 ? 54  VAL A O   1 
ATOM   399 C  CB  . VAL A 1 54 ? -6.590  2.042   0.313   1.00 18.21 ? 54  VAL A CB  1 
ATOM   400 C  CG1 . VAL A 1 54 ? -5.911  1.217   1.414   1.00 20.16 ? 54  VAL A CG1 1 
ATOM   401 C  CG2 . VAL A 1 54 ? -6.786  1.207   -0.927  1.00 21.18 ? 54  VAL A CG2 1 
ATOM   402 N  N   . ASP A 1 55 ? -8.013  4.571   -0.494  1.00 17.97 ? 55  ASP A N   1 
ATOM   403 C  CA  . ASP A 1 55 ? -8.316  5.386   -1.675  1.00 18.86 ? 55  ASP A CA  1 
ATOM   404 C  C   . ASP A 1 55 ? -7.001  5.561   -2.471  1.00 17.53 ? 55  ASP A C   1 
ATOM   405 O  O   . ASP A 1 55 ? -6.096  6.194   -1.927  1.00 18.13 ? 55  ASP A O   1 
ATOM   406 C  CB  . ASP A 1 55 ? -8.922  6.747   -1.388  1.00 22.66 ? 55  ASP A CB  1 
ATOM   407 C  CG  . ASP A 1 55 ? -9.460  7.380   -2.675  1.00 27.37 ? 55  ASP A CG  1 
ATOM   408 O  OD1 . ASP A 1 55 ? -8.707  7.606   -3.614  1.00 20.93 ? 55  ASP A OD1 1 
ATOM   409 O  OD2 . ASP A 1 55 ? -10.706 7.642   -2.823  1.00 39.95 ? 55  ASP A OD2 1 
ATOM   410 N  N   . GLN A 1 56 ? -6.963  5.016   -3.678  1.00 18.16 ? 56  GLN A N   1 
ATOM   411 C  CA  . GLN A 1 56 ? -5.774  5.078   -4.505  1.00 16.98 ? 56  GLN A CA  1 
ATOM   412 C  C   . GLN A 1 56 ? -6.128  5.670   -5.872  1.00 18.36 ? 56  GLN A C   1 
ATOM   413 O  O   . GLN A 1 56 ? -5.616  5.219   -6.883  1.00 20.00 ? 56  GLN A O   1 
ATOM   414 C  CB  . GLN A 1 56 ? -5.099  3.705   -4.617  1.00 16.61 ? 56  GLN A CB  1 
ATOM   415 C  CG  . GLN A 1 56 ? -5.943  2.616   -5.180  1.00 18.29 ? 56  GLN A CG  1 
ATOM   416 C  CD  . GLN A 1 56 ? -5.232  1.276   -5.301  1.00 17.89 ? 56  GLN A CD  1 
ATOM   417 O  OE1 . GLN A 1 56 ? -4.041  1.188   -5.552  1.00 20.13 ? 56  GLN A OE1 1 
ATOM   418 N  NE2 . GLN A 1 56 ? -5.963  0.183   -5.112  1.00 22.88 ? 56  GLN A NE2 1 
ATOM   419 N  N   . SER A 1 57 ? -7.011  6.693   -5.876  1.00 19.22 ? 57  SER A N   1 
ATOM   420 C  CA  . SER A 1 57 ? -7.499  7.241   -7.124  1.00 19.53 ? 57  SER A CA  1 
ATOM   421 C  C   . SER A 1 57 ? -6.422  7.693   -8.091  1.00 21.12 ? 57  SER A C   1 
ATOM   422 O  O   . SER A 1 57 ? -6.626  7.590   -9.301  1.00 21.55 ? 57  SER A O   1 
ATOM   423 C  CB  . SER A 1 57 ? -8.391  8.451   -6.846  1.00 21.23 ? 57  SER A CB  1 
ATOM   424 O  OG  . SER A 1 57 ? -9.547  8.040   -6.132  1.00 25.61 ? 57  SER A OG  1 
ATOM   425 N  N   . ASP A 1 58 ? -5.292  8.222   -7.635  1.00 20.00 ? 58  ASP A N   1 
ATOM   426 C  CA  . ASP A 1 58 ? -4.298  8.662   -8.628  1.00 20.14 ? 58  ASP A CA  1 
ATOM   427 C  C   . ASP A 1 58 ? -3.563  7.499   -9.287  1.00 19.87 ? 58  ASP A C   1 
ATOM   428 O  O   . ASP A 1 58 ? -2.824  7.711   -10.261 1.00 22.11 ? 58  ASP A O   1 
ATOM   429 C  CB  . ASP A 1 58 ? -3.331  9.585   -7.911  1.00 20.26 ? 58  ASP A CB  1 
ATOM   430 C  CG  . ASP A 1 58 ? -2.361  10.241  -8.871  1.00 21.37 ? 58  ASP A CG  1 
ATOM   431 O  OD1 . ASP A 1 58 ? -2.814  10.836  -9.867  1.00 22.11 ? 58  ASP A OD1 1 
ATOM   432 O  OD2 . ASP A 1 58 ? -1.153  10.188  -8.598  1.00 23.52 ? 58  ASP A OD2 1 
ATOM   433 N  N   . GLN A 1 59 ? -3.707  6.261   -8.796  1.00 19.21 ? 59  GLN A N   1 
ATOM   434 C  CA  . GLN A 1 59 ? -2.991  5.155   -9.443  1.00 19.83 ? 59  GLN A CA  1 
ATOM   435 C  C   . GLN A 1 59 ? -3.399  5.010   -10.891 1.00 20.76 ? 59  GLN A C   1 
ATOM   436 O  O   . GLN A 1 59 ? -4.575  5.231   -11.189 1.00 22.45 ? 59  GLN A O   1 
ATOM   437 C  CB  . GLN A 1 59 ? -3.232  3.894   -8.602  1.00 21.75 ? 59  GLN A CB  1 
ATOM   438 C  CG  . GLN A 1 59 ? -4.438  3.033   -8.876  1.00 20.86 ? 59  GLN A CG  1 
ATOM   439 C  CD  . GLN A 1 59 ? -4.285  2.046   -10.033 1.00 21.18 ? 59  GLN A CD  1 
ATOM   440 O  OE1 . GLN A 1 59 ? -3.214  1.456   -10.192 1.00 24.01 ? 59  GLN A OE1 1 
ATOM   441 N  NE2 . GLN A 1 59 ? -5.284  1.969   -10.916 1.00 26.38 ? 59  GLN A NE2 1 
ATOM   442 N  N   . SER A 1 60 ? -2.524  4.466   -11.703 1.00 21.82 ? 60  SER A N   1 
ATOM   443 C  CA  . SER A 1 60 ? -2.957  4.171   -13.059 1.00 23.88 ? 60  SER A CA  1 
ATOM   444 C  C   . SER A 1 60 ? -2.442  2.847   -13.580 1.00 26.43 ? 60  SER A C   1 
ATOM   445 O  O   . SER A 1 60 ? -2.757  2.503   -14.728 1.00 41.45 ? 60  SER A O   1 
ATOM   446 C  CB  . SER A 1 60 ? -2.508  5.306   -13.998 1.00 28.97 ? 60  SER A CB  1 
ATOM   447 O  OG  . SER A 1 60 ? -1.105  5.518   -13.983 1.00 30.69 ? 60  SER A OG  1 
ATOM   448 N  N   . PHE A 1 61 ? -1.675  2.050   -12.838 1.00 24.40 ? 61  PHE A N   1 
ATOM   449 C  CA  . PHE A 1 61 ? -1.152  0.786   -13.349 1.00 24.36 ? 61  PHE A CA  1 
ATOM   450 C  C   . PHE A 1 61 ? -2.049  -0.437  -13.215 1.00 27.54 ? 61  PHE A C   1 
ATOM   451 O  O   . PHE A 1 61 ? -2.121  -1.288  -14.098 1.00 28.48 ? 61  PHE A O   1 
ATOM   452 C  CB  . PHE A 1 61 ? 0.146   0.483   -12.582 1.00 30.28 ? 61  PHE A CB  1 
ATOM   453 C  CG  . PHE A 1 61 ? 0.852   -0.728  -13.149 1.00 36.39 ? 61  PHE A CG  1 
ATOM   454 C  CD1 . PHE A 1 61 ? 1.584   -0.610  -14.312 1.00 41.56 ? 61  PHE A CD1 1 
ATOM   455 C  CD2 . PHE A 1 61 ? 0.788   -1.961  -12.535 1.00 41.62 ? 61  PHE A CD2 1 
ATOM   456 C  CE1 . PHE A 1 61 ? 2.250   -1.722  -14.853 1.00 42.71 ? 61  PHE A CE1 1 
ATOM   457 C  CE2 . PHE A 1 61 ? 1.413   -3.061  -13.098 1.00 43.68 ? 61  PHE A CE2 1 
ATOM   458 C  CZ  . PHE A 1 61 ? 2.135   -2.961  -14.263 1.00 44.72 ? 61  PHE A CZ  1 
ATOM   459 N  N   . LEU A 1 62 ? -2.705  -0.546  -12.054 1.00 24.57 ? 62  LEU A N   1 
ATOM   460 C  CA  . LEU A 1 62 ? -3.613  -1.658  -11.801 1.00 24.82 ? 62  LEU A CA  1 
ATOM   461 C  C   . LEU A 1 62 ? -4.919  -1.527  -12.584 1.00 27.50 ? 62  LEU A C   1 
ATOM   462 O  O   . LEU A 1 62 ? -5.433  -0.410  -12.754 1.00 26.08 ? 62  LEU A O   1 
ATOM   463 C  CB  . LEU A 1 62 ? -3.965  -1.734  -10.323 1.00 23.81 ? 62  LEU A CB  1 
ATOM   464 C  CG  . LEU A 1 62 ? -2.799  -1.917  -9.367  1.00 20.00 ? 62  LEU A CG  1 
ATOM   465 C  CD1 . LEU A 1 62 ? -3.308  -1.821  -7.926  1.00 24.22 ? 62  LEU A CD1 1 
ATOM   466 C  CD2 . LEU A 1 62 ? -2.084  -3.228  -9.582  1.00 25.69 ? 62  LEU A CD2 1 
ATOM   467 N  N   . ASP A 1 63 ? -5.405  -2.701  -13.026 1.00 29.74 ? 63  ASP A N   1 
ATOM   468 C  CA  . ASP A 1 63 ? -6.726  -2.649  -13.689 1.00 34.03 ? 63  ASP A CA  1 
ATOM   469 C  C   . ASP A 1 63 ? -7.828  -2.840  -12.638 1.00 32.01 ? 63  ASP A C   1 
ATOM   470 O  O   . ASP A 1 63 ? -7.556  -3.091  -11.468 1.00 31.05 ? 63  ASP A O   1 
ATOM   471 C  CB  . ASP A 1 63 ? -6.879  -3.642  -14.805 1.00 38.99 ? 63  ASP A CB  1 
ATOM   472 C  CG  . ASP A 1 63 ? -6.544  -5.088  -14.534 1.00 44.80 ? 63  ASP A CG  1 
ATOM   473 O  OD1 . ASP A 1 63 ? -6.789  -5.507  -13.388 1.00 43.97 ? 63  ASP A OD1 1 
ATOM   474 O  OD2 . ASP A 1 63 ? -6.060  -5.803  -15.477 1.00 51.64 ? 63  ASP A OD2 1 
ATOM   475 N  N   . ASP A 1 64 ? -9.083  -2.719  -13.121 1.00 36.43 ? 64  ASP A N   1 
ATOM   476 C  CA  . ASP A 1 64 ? -10.130 -2.851  -12.121 1.00 39.50 ? 64  ASP A CA  1 
ATOM   477 C  C   . ASP A 1 64 ? -10.208 -4.237  -11.507 1.00 37.24 ? 64  ASP A C   1 
ATOM   478 O  O   . ASP A 1 64 ? -10.575 -4.367  -10.338 1.00 41.74 ? 64  ASP A O   1 
ATOM   479 C  CB  . ASP A 1 64 ? -11.482 -2.459  -12.741 1.00 47.81 ? 64  ASP A CB  1 
ATOM   480 C  CG  . ASP A 1 64 ? -11.423 -1.029  -13.249 1.00 53.03 ? 64  ASP A CG  1 
ATOM   481 O  OD1 . ASP A 1 64 ? -11.149 -0.122  -12.450 1.00 57.46 ? 64  ASP A OD1 1 
ATOM   482 O  OD2 . ASP A 1 64 ? -11.632 -0.836  -14.471 1.00 68.88 ? 64  ASP A OD2 1 
ATOM   483 N  N   . ALA A 1 65 ? -9.876  -5.277  -12.251 1.00 37.66 ? 65  ALA A N   1 
ATOM   484 C  CA  . ALA A 1 65 ? -9.846  -6.657  -11.763 1.00 37.41 ? 65  ALA A CA  1 
ATOM   485 C  C   . ALA A 1 65 ? -8.871  -6.837  -10.610 1.00 35.94 ? 65  ALA A C   1 
ATOM   486 O  O   . ALA A 1 65 ? -9.113  -7.447  -9.565  1.00 39.93 ? 65  ALA A O   1 
ATOM   487 C  CB  . ALA A 1 65 ? -9.465  -7.617  -12.882 1.00 47.60 ? 65  ALA A CB  1 
ATOM   488 N  N   . GLN A 1 66 ? -7.675  -6.291  -10.779 1.00 34.70 ? 66  GLN A N   1 
ATOM   489 C  CA  . GLN A 1 66 ? -6.651  -6.340  -9.751  1.00 30.39 ? 66  GLN A CA  1 
ATOM   490 C  C   . GLN A 1 66 ? -7.056  -5.554  -8.520  1.00 28.35 ? 66  GLN A C   1 
ATOM   491 O  O   . GLN A 1 66 ? -6.897  -6.029  -7.408  1.00 28.49 ? 66  GLN A O   1 
ATOM   492 C  CB  . GLN A 1 66 ? -5.369  -5.784  -10.377 1.00 27.51 ? 66  GLN A CB  1 
ATOM   493 C  CG  . GLN A 1 66 ? -4.770  -6.702  -11.414 1.00 30.36 ? 66  GLN A CG  1 
ATOM   494 C  CD  . GLN A 1 66 ? -3.698  -6.086  -12.271 1.00 31.80 ? 66  GLN A CD  1 
ATOM   495 O  OE1 . GLN A 1 66 ? -3.672  -4.870  -12.522 1.00 32.39 ? 66  GLN A OE1 1 
ATOM   496 N  NE2 . GLN A 1 66 ? -2.821  -6.949  -12.779 1.00 35.23 ? 66  GLN A NE2 1 
ATOM   497 N  N   . MET A 1 67 ? -7.610  -4.356  -8.698  1.00 27.21 ? 67  MET A N   1 
ATOM   498 C  CA  . MET A 1 67 ? -8.015  -3.600  -7.522  1.00 29.40 ? 67  MET A CA  1 
ATOM   499 C  C   . MET A 1 67 ? -9.125  -4.321  -6.770  1.00 30.13 ? 67  MET A C   1 
ATOM   500 O  O   . MET A 1 67 ? -9.126  -4.308  -5.541  1.00 28.97 ? 67  MET A O   1 
ATOM   501 C  CB  . MET A 1 67 ? -8.453  -2.157  -7.915  1.00 30.11 ? 67  MET A CB  1 
ATOM   502 C  CG  . MET A 1 67 ? -7.216  -1.329  -8.194  1.00 29.50 ? 67  MET A CG  1 
ATOM   503 S  SD  . MET A 1 67 ? -7.428  0.405   -8.478  1.00 31.53 ? 67  MET A SD  1 
ATOM   504 C  CE  . MET A 1 67 ? -8.320  0.458   -10.026 1.00 31.12 ? 67  MET A CE  1 
ATOM   505 N  N   . GLY A 1 68 ? -9.999  -4.934  -7.569  1.00 31.88 ? 68  GLY A N   1 
ATOM   506 C  CA  . GLY A 1 68 ? -11.120 -5.708  -7.080  1.00 32.95 ? 68  GLY A CA  1 
ATOM   507 C  C   . GLY A 1 68 ? -10.654 -6.820  -6.148  1.00 32.85 ? 68  GLY A C   1 
ATOM   508 O  O   . GLY A 1 68 ? -11.297 -7.215  -5.175  1.00 43.22 ? 68  GLY A O   1 
ATOM   509 N  N   . LYS A 1 69 ? -9.491  -7.392  -6.399  1.00 32.92 ? 69  LYS A N   1 
ATOM   510 C  CA  . LYS A 1 69 ? -8.880  -8.464  -5.652  1.00 32.25 ? 69  LYS A CA  1 
ATOM   511 C  C   . LYS A 1 69 ? -8.089  -7.915  -4.473  1.00 30.02 ? 69  LYS A C   1 
ATOM   512 O  O   . LYS A 1 69 ? -7.553  -8.714  -3.726  1.00 36.67 ? 69  LYS A O   1 
ATOM   513 C  CB  . LYS A 1 69 ? -7.945  -9.275  -6.558  1.00 38.29 ? 69  LYS A CB  1 
ATOM   514 C  CG  . LYS A 1 69 ? -8.688  -10.269 -7.464  1.00 46.04 ? 69  LYS A CG  1 
ATOM   515 C  CD  . LYS A 1 69 ? -8.359  -10.062 -8.911  1.00 52.00 ? 69  LYS A CD  1 
ATOM   516 C  CE  . LYS A 1 69 ? -6.982  -10.579 -9.306  1.00 57.24 ? 69  LYS A CE  1 
ATOM   517 N  NZ  . LYS A 1 69 ? -6.983  -10.907 -10.773 1.00 75.07 ? 69  LYS A NZ  1 
ATOM   518 N  N   . GLY A 1 70 ? -7.999  -6.607  -4.289  1.00 28.26 ? 70  GLY A N   1 
ATOM   519 C  CA  . GLY A 1 70 ? -7.366  -6.034  -3.127  1.00 25.98 ? 70  GLY A CA  1 
ATOM   520 C  C   . GLY A 1 70 ? -6.002  -5.463  -3.389  1.00 23.87 ? 70  GLY A C   1 
ATOM   521 O  O   . GLY A 1 70 ? -5.348  -4.972  -2.445  1.00 21.55 ? 70  GLY A O   1 
ATOM   522 N  N   . PHE A 1 71 ? -5.510  -5.517  -4.621  1.00 21.21 ? 71  PHE A N   1 
ATOM   523 C  CA  . PHE A 1 71 ? -4.186  -4.928  -4.859  1.00 19.30 ? 71  PHE A CA  1 
ATOM   524 C  C   . PHE A 1 71 ? -4.222  -3.407  -4.661  1.00 19.01 ? 71  PHE A C   1 
ATOM   525 O  O   . PHE A 1 71 ? -5.217  -2.736  -4.965  1.00 20.65 ? 71  PHE A O   1 
ATOM   526 C  CB  . PHE A 1 71 ? -3.640  -5.284  -6.248  1.00 20.07 ? 71  PHE A CB  1 
ATOM   527 C  CG  . PHE A 1 71 ? -3.200  -6.748  -6.306  1.00 24.74 ? 71  PHE A CG  1 
ATOM   528 C  CD1 . PHE A 1 71 ? -1.991  -7.129  -5.719  1.00 25.94 ? 71  PHE A CD1 1 
ATOM   529 C  CD2 . PHE A 1 71 ? -3.987  -7.703  -6.953  1.00 26.28 ? 71  PHE A CD2 1 
ATOM   530 C  CE1 . PHE A 1 71 ? -1.611  -8.453  -5.799  1.00 30.06 ? 71  PHE A CE1 1 
ATOM   531 C  CE2 . PHE A 1 71 ? -3.609  -9.028  -7.018  1.00 30.55 ? 71  PHE A CE2 1 
ATOM   532 C  CZ  . PHE A 1 71 ? -2.388  -9.389  -6.434  1.00 31.55 ? 71  PHE A CZ  1 
ATOM   533 N  N   . VAL A 1 72 ? -3.102  -2.908  -4.136  1.00 18.52 ? 72  VAL A N   1 
ATOM   534 C  CA  . VAL A 1 72 ? -2.925  -1.499  -3.817  1.00 16.43 ? 72  VAL A CA  1 
ATOM   535 C  C   . VAL A 1 72 ? -1.507  -1.050  -4.171  1.00 15.95 ? 72  VAL A C   1 
ATOM   536 O  O   . VAL A 1 72 ? -0.529  -1.737  -3.900  1.00 17.61 ? 72  VAL A O   1 
ATOM   537 C  CB  . VAL A 1 72 ? -3.248  -1.206  -2.336  1.00 16.53 ? 72  VAL A CB  1 
ATOM   538 C  CG1 . VAL A 1 72 ? -2.388  -2.049  -1.389  1.00 19.01 ? 72  VAL A CG1 1 
ATOM   539 C  CG2 . VAL A 1 72 ? -3.133  0.285   -2.040  1.00 18.63 ? 72  VAL A CG2 1 
ATOM   540 N  N   . LEU A 1 73 ? -1.430  0.135   -4.789  1.00 16.27 ? 73  LEU A N   1 
ATOM   541 C  CA  . LEU A 1 73 ? -0.130  0.779   -4.969  1.00 15.19 ? 73  LEU A CA  1 
ATOM   542 C  C   . LEU A 1 73 ? 0.054   1.729   -3.797  1.00 15.35 ? 73  LEU A C   1 
ATOM   543 O  O   . LEU A 1 73 ? -0.528  2.806   -3.711  1.00 16.35 ? 73  LEU A O   1 
ATOM   544 C  CB  . LEU A 1 73 ? -0.044  1.487   -6.322  1.00 16.44 ? 73  LEU A CB  1 
ATOM   545 C  CG  . LEU A 1 73 ? -0.292  0.595   -7.520  1.00 18.47 ? 73  LEU A CG  1 
ATOM   546 C  CD1 . LEU A 1 73 ? -0.099  1.358   -8.824  1.00 20.51 ? 73  LEU A CD1 1 
ATOM   547 C  CD2 . LEU A 1 73 ? 0.597   -0.659  -7.497  1.00 19.48 ? 73  LEU A CD2 1 
ATOM   548 N  N   . THR A 1 74 ? 0.895   1.279   -2.859  1.00 15.11 ? 74  THR A N   1 
ATOM   549 C  CA  . THR A 1 74 ? 1.087   1.992   -1.597  1.00 14.85 ? 74  THR A CA  1 
ATOM   550 C  C   . THR A 1 74 ? 1.677   3.388   -1.734  1.00 16.08 ? 74  THR A C   1 
ATOM   551 O  O   . THR A 1 74 ? 1.492   4.210   -0.815  1.00 16.01 ? 74  THR A O   1 
ATOM   552 C  CB  . THR A 1 74 ? 1.932   1.170   -0.608  1.00 14.90 ? 74  THR A CB  1 
ATOM   553 O  OG1 . THR A 1 74 ? 3.215   0.892   -1.172  1.00 17.18 ? 74  THR A OG1 1 
ATOM   554 C  CG2 . THR A 1 74 ? 1.205   -0.139  -0.278  1.00 19.20 ? 74  THR A CG2 1 
ATOM   555 N  N   . CYS A 1 75 ? 2.324   3.713   -2.849  1.00 15.16 ? 75  CYS A N   1 
ATOM   556 C  CA  . CYS A 1 75 ? 2.861   5.045   -3.016  1.00 16.23 ? 75  CYS A CA  1 
ATOM   557 C  C   . CYS A 1 75 ? 1.787   6.105   -3.231  1.00 16.18 ? 75  CYS A C   1 
ATOM   558 O  O   . CYS A 1 75 ? 2.121   7.284   -3.009  1.00 17.23 ? 75  CYS A O   1 
ATOM   559 C  CB  . CYS A 1 75 ? 3.878   5.088   -4.161  1.00 17.39 ? 75  CYS A CB  1 
ATOM   560 S  SG  . CYS A 1 75 ? 3.105   4.833   -5.798  1.00 18.30 ? 75  CYS A SG  1 
ATOM   561 N  N   . VAL A 1 76 ? 0.581   5.749   -3.626  1.00 15.72 ? 76  VAL A N   1 
ATOM   562 C  CA  . VAL A 1 76 ? -0.452  6.735   -3.870  1.00 15.93 ? 76  VAL A CA  1 
ATOM   563 C  C   . VAL A 1 76 ? -1.775  6.305   -3.202  1.00 15.95 ? 76  VAL A C   1 
ATOM   564 O  O   . VAL A 1 76 ? -2.854  6.700   -3.647  1.00 17.14 ? 76  VAL A O   1 
ATOM   565 C  CB  . VAL A 1 76 ? -0.686  6.978   -5.379  1.00 17.08 ? 76  VAL A CB  1 
ATOM   566 C  CG1 . VAL A 1 76 ? 0.477   7.760   -5.991  1.00 20.01 ? 76  VAL A CG1 1 
ATOM   567 C  CG2 . VAL A 1 76 ? -0.968  5.666   -6.133  1.00 18.97 ? 76  VAL A CG2 1 
ATOM   568 N  N   . ALA A 1 77 ? -1.655  5.504   -2.135  1.00 15.18 ? 77  ALA A N   1 
ATOM   569 C  CA  . ALA A 1 77 ? -2.852  5.058   -1.451  1.00 15.70 ? 77  ALA A CA  1 
ATOM   570 C  C   . ALA A 1 77 ? -3.019  5.696   -0.062  1.00 14.46 ? 77  ALA A C   1 
ATOM   571 O  O   . ALA A 1 77 ? -2.094  5.670   0.755   1.00 16.16 ? 77  ALA A O   1 
ATOM   572 C  CB  . ALA A 1 77 ? -2.869  3.529   -1.279  1.00 16.78 ? 77  ALA A CB  1 
ATOM   573 N  N   . TYR A 1 78 ? -4.193  6.286   0.193   1.00 15.15 ? 78  TYR A N   1 
ATOM   574 C  CA  . TYR A 1 78 ? -4.544  6.733   1.528   1.00 15.59 ? 78  TYR A CA  1 
ATOM   575 C  C   . TYR A 1 78 ? -5.359  5.682   2.245   1.00 16.71 ? 78  TYR A C   1 
ATOM   576 O  O   . TYR A 1 78 ? -6.241  5.083   1.658   1.00 18.59 ? 78  TYR A O   1 
ATOM   577 C  CB  . TYR A 1 78 ? -5.408  7.990   1.428   1.00 18.12 ? 78  TYR A CB  1 
ATOM   578 C  CG  . TYR A 1 78 ? -4.813  9.174   0.702   1.00 16.89 ? 78  TYR A CG  1 
ATOM   579 C  CD1 . TYR A 1 78 ? -3.813  9.915   1.276   1.00 18.34 ? 78  TYR A CD1 1 
ATOM   580 C  CD2 . TYR A 1 78 ? -5.269  9.540   -0.557  1.00 17.31 ? 78  TYR A CD2 1 
ATOM   581 C  CE1 . TYR A 1 78 ? -3.262  11.005  0.608   1.00 18.31 ? 78  TYR A CE1 1 
ATOM   582 C  CE2 . TYR A 1 78 ? -4.740  10.611  -1.240  1.00 17.27 ? 78  TYR A CE2 1 
ATOM   583 C  CZ  . TYR A 1 78 ? -3.728  11.343  -0.644  1.00 16.57 ? 78  TYR A CZ  1 
ATOM   584 O  OH  . TYR A 1 78 ? -3.190  12.427  -1.299  1.00 20.06 ? 78  TYR A OH  1 
ATOM   585 N  N   . PRO A 1 79 ? -5.195  5.499   3.534   1.00 16.73 ? 79  PRO A N   1 
ATOM   586 C  CA  . PRO A 1 79 ? -6.136  4.668   4.295   1.00 16.55 ? 79  PRO A CA  1 
ATOM   587 C  C   . PRO A 1 79 ? -7.414  5.455   4.506   1.00 17.70 ? 79  PRO A C   1 
ATOM   588 O  O   . PRO A 1 79 ? -7.369  6.647   4.789   1.00 20.26 ? 79  PRO A O   1 
ATOM   589 C  CB  . PRO A 1 79 ? -5.400  4.461   5.619   1.00 17.38 ? 79  PRO A CB  1 
ATOM   590 C  CG  . PRO A 1 79 ? -4.552  5.685   5.803   1.00 18.67 ? 79  PRO A CG  1 
ATOM   591 C  CD  . PRO A 1 79 ? -4.188  6.137   4.373   1.00 16.39 ? 79  PRO A CD  1 
ATOM   592 N  N   . THR A 1 80 ? -8.576  4.830   4.395   1.00 18.70 ? 80  THR A N   1 
ATOM   593 C  CA  . THR A 1 80 ? -9.808  5.467   4.784   1.00 19.71 ? 80  THR A CA  1 
ATOM   594 C  C   . THR A 1 80 ? -10.455 4.819   6.001   1.00 21.34 ? 80  THR A C   1 
ATOM   595 O  O   . THR A 1 80 ? -11.579 5.101   6.358   1.00 25.40 ? 80  THR A O   1 
ATOM   596 C  CB  . THR A 1 80 ? -10.833 5.492   3.624   1.00 22.69 ? 80  THR A CB  1 
ATOM   597 O  OG1 . THR A 1 80 ? -11.227 4.166   3.264   1.00 24.09 ? 80  THR A OG1 1 
ATOM   598 C  CG2 . THR A 1 80 ? -10.201 6.195   2.427   1.00 22.35 ? 80  THR A CG2 1 
ATOM   599 N  N   . SER A 1 81 ? -9.739  3.934   6.622   1.00 20.85 ? 81  SER A N   1 
ATOM   600 C  CA  . SER A 1 81 ? -10.029 3.199   7.826   1.00 20.76 ? 81  SER A CA  1 
ATOM   601 C  C   . SER A 1 81 ? -8.719  2.635   8.376   1.00 18.81 ? 81  SER A C   1 
ATOM   602 O  O   . SER A 1 81 ? -7.713  2.721   7.695   1.00 20.89 ? 81  SER A O   1 
ATOM   603 C  CB  . SER A 1 81 ? -11.013 2.064   7.586   1.00 21.63 ? 81  SER A CB  1 
ATOM   604 O  OG  . SER A 1 81 ? -10.468 1.018   6.797   1.00 21.46 ? 81  SER A OG  1 
ATOM   605 N  N   . ASP A 1 82 ? -8.716  1.992   9.539   1.00 19.32 ? 82  ASP A N   1 
ATOM   606 C  CA  . ASP A 1 82 ? -7.587  1.099   9.800   1.00 19.10 ? 82  ASP A CA  1 
ATOM   607 C  C   . ASP A 1 82 ? -7.481  0.075   8.650   1.00 19.31 ? 82  ASP A C   1 
ATOM   608 O  O   . ASP A 1 82 ? -8.507  -0.387  8.120   1.00 20.15 ? 82  ASP A O   1 
ATOM   609 C  CB  . ASP A 1 82 ? -7.737  0.349   11.113  1.00 18.80 ? 82  ASP A CB  1 
ATOM   610 C  CG  . ASP A 1 82 ? -7.643  1.172   12.385  1.00 18.15 ? 82  ASP A CG  1 
ATOM   611 O  OD1 . ASP A 1 82 ? -7.197  2.332   12.295  1.00 20.48 ? 82  ASP A OD1 1 
ATOM   612 O  OD2 . ASP A 1 82 ? -8.026  0.609   13.431  1.00 18.79 ? 82  ASP A OD2 1 
ATOM   613 N  N   . VAL A 1 83 ? -6.242  -0.259  8.305   1.00 16.32 ? 83  VAL A N   1 
ATOM   614 C  CA  . VAL A 1 83 ? -5.954  -1.097  7.156   1.00 16.83 ? 83  VAL A CA  1 
ATOM   615 C  C   . VAL A 1 83 ? -4.879  -2.105  7.489   1.00 16.49 ? 83  VAL A C   1 
ATOM   616 O  O   . VAL A 1 83 ? -3.933  -1.733  8.158   1.00 18.84 ? 83  VAL A O   1 
ATOM   617 C  CB  . VAL A 1 83 ? -5.527  -0.254  5.933   1.00 20.96 ? 83  VAL A CB  1 
ATOM   618 C  CG1 . VAL A 1 83 ? -5.166  -1.185  4.802   1.00 30.91 ? 83  VAL A CG1 1 
ATOM   619 C  CG2 . VAL A 1 83 ? -6.675  0.562   5.435   1.00 26.96 ? 83  VAL A CG2 1 
ATOM   620 N  N   . THR A 1 84 ? -5.057  -3.344  7.036   1.00 17.99 ? 84  THR A N   1 
ATOM   621 C  CA  . THR A 1 84 ? -3.964  -4.339  7.016   1.00 18.66 ? 84  THR A CA  1 
ATOM   622 C  C   . THR A 1 84 ? -3.556  -4.577  5.582   1.00 18.32 ? 84  THR A C   1 
ATOM   623 O  O   . THR A 1 84 ? -4.430  -4.908  4.773   1.00 18.89 ? 84  THR A O   1 
ATOM   624 C  CB  . THR A 1 84 ? -4.390  -5.661  7.663   1.00 20.17 ? 84  THR A CB  1 
ATOM   625 O  OG1 . THR A 1 84 ? -4.700  -5.367  9.022   1.00 20.46 ? 84  THR A OG1 1 
ATOM   626 C  CG2 . THR A 1 84 ? -3.285  -6.722  7.654   1.00 23.07 ? 84  THR A CG2 1 
ATOM   627 N  N   . ILE A 1 85 ? -2.279  -4.406  5.293   1.00 16.87 ? 85  ILE A N   1 
ATOM   628 C  CA  . ILE A 1 85 ? -1.727  -4.646  3.962   1.00 17.36 ? 85  ILE A CA  1 
ATOM   629 C  C   . ILE A 1 85 ? -0.598  -5.646  4.020   1.00 17.63 ? 85  ILE A C   1 
ATOM   630 O  O   . ILE A 1 85 ? 0.311   -5.482  4.837   1.00 19.27 ? 85  ILE A O   1 
ATOM   631 C  CB  . ILE A 1 85 ? -1.223  -3.341  3.324   1.00 19.49 ? 85  ILE A CB  1 
ATOM   632 C  CG1 . ILE A 1 85 ? -2.362  -2.406  2.985   1.00 22.68 ? 85  ILE A CG1 1 
ATOM   633 C  CG2 . ILE A 1 85 ? -0.428  -3.579  2.060   1.00 20.75 ? 85  ILE A CG2 1 
ATOM   634 C  CD1 . ILE A 1 85 ? -2.065  -0.948  2.731   1.00 21.87 ? 85  ILE A CD1 1 
ATOM   635 N  N   . LEU A 1 86 ? -0.711  -6.657  3.122   1.00 18.22 ? 86  LEU A N   1 
ATOM   636 C  CA  . LEU A 1 86 ? 0.419   -7.549  2.867   1.00 18.05 ? 86  LEU A CA  1 
ATOM   637 C  C   . LEU A 1 86 ? 1.326   -6.865  1.835   1.00 18.15 ? 86  LEU A C   1 
ATOM   638 O  O   . LEU A 1 86 ? 0.858   -6.609  0.720   1.00 19.80 ? 86  LEU A O   1 
ATOM   639 C  CB  . LEU A 1 86 ? -0.122  -8.865  2.399   1.00 20.20 ? 86  LEU A CB  1 
ATOM   640 C  CG  . LEU A 1 86 ? 0.856   -9.966  2.014   1.00 22.93 ? 86  LEU A CG  1 
ATOM   641 C  CD1 . LEU A 1 86 ? 1.657   -10.469 3.195   1.00 25.37 ? 86  LEU A CD1 1 
ATOM   642 C  CD2 . LEU A 1 86 ? 0.067   -11.077 1.312   1.00 26.70 ? 86  LEU A CD2 1 
ATOM   643 N  N   . THR A 1 87 ? 2.558   -6.563  2.223   1.00 18.44 ? 87  THR A N   1 
ATOM   644 C  CA  . THR A 1 87 ? 3.436   -5.815  1.315   1.00 18.35 ? 87  THR A CA  1 
ATOM   645 C  C   . THR A 1 87 ? 4.148   -6.786  0.386   1.00 20.49 ? 87  THR A C   1 
ATOM   646 O  O   . THR A 1 87 ? 4.008   -7.990  0.510   1.00 21.24 ? 87  THR A O   1 
ATOM   647 C  CB  . THR A 1 87 ? 4.438   -4.982  2.127   1.00 19.04 ? 87  THR A CB  1 
ATOM   648 O  OG1 . THR A 1 87 ? 5.136   -5.938  2.944   1.00 23.00 ? 87  THR A OG1 1 
ATOM   649 C  CG2 . THR A 1 87 ? 3.769   -4.015  3.101   1.00 19.40 ? 87  THR A CG2 1 
ATOM   650 N  N   . HIS A 1 88 ? 4.929   -6.264  -0.554  1.00 20.30 ? 88  HIS A N   1 
ATOM   651 C  CA  . HIS A 1 88 ? 5.789   -7.023  -1.453  1.00 20.53 ? 88  HIS A CA  1 
ATOM   652 C  C   . HIS A 1 88 ? 5.012   -8.030  -2.302  1.00 21.92 ? 88  HIS A C   1 
ATOM   653 O  O   . HIS A 1 88 ? 5.388   -9.179  -2.475  1.00 24.42 ? 88  HIS A O   1 
ATOM   654 C  CB  . HIS A 1 88 ? 6.860   -7.722  -0.604  1.00 22.99 ? 88  HIS A CB  1 
ATOM   655 C  CG  . HIS A 1 88 ? 7.902   -6.889  0.050   1.00 23.79 ? 88  HIS A CG  1 
ATOM   656 N  ND1 . HIS A 1 88 ? 7.760   -6.008  1.097   1.00 22.70 ? 88  HIS A ND1 1 
ATOM   657 C  CD2 . HIS A 1 88 ? 9.233   -6.736  -0.142  1.00 24.61 ? 88  HIS A CD2 1 
ATOM   658 C  CE1 . HIS A 1 88 ? 8.798   -5.404  1.560   1.00 24.62 ? 88  HIS A CE1 1 
ATOM   659 N  NE2 . HIS A 1 88 ? 9.752   -5.845  0.738   1.00 25.69 ? 88  HIS A NE2 1 
ATOM   660 N  N   . GLN A 1 89 ? 3.887   -7.566  -2.844  1.00 20.45 ? 89  GLN A N   1 
ATOM   661 C  CA  . GLN A 1 89 ? 3.020   -8.420  -3.654  1.00 21.29 ? 89  GLN A CA  1 
ATOM   662 C  C   . GLN A 1 89 ? 3.093   -8.187  -5.147  1.00 20.82 ? 89  GLN A C   1 
ATOM   663 O  O   . GLN A 1 89 ? 2.245   -8.698  -5.909  1.00 23.24 ? 89  GLN A O   1 
ATOM   664 C  CB  . GLN A 1 89 ? 1.575   -8.281  -3.183  1.00 24.09 ? 89  GLN A CB  1 
ATOM   665 C  CG  . GLN A 1 89 ? 1.393   -8.802  -1.753  1.00 26.08 ? 89  GLN A CG  1 
ATOM   666 C  CD  . GLN A 1 89 ? 1.920   -10.215 -1.565  1.00 30.28 ? 89  GLN A CD  1 
ATOM   667 O  OE1 . GLN A 1 89 ? 1.403   -11.151 -2.188  1.00 34.18 ? 89  GLN A OE1 1 
ATOM   668 N  NE2 . GLN A 1 89 ? 2.927   -10.455 -0.732  1.00 30.07 ? 89  GLN A NE2 1 
ATOM   669 N  N   . GLU A 1 90 ? 4.112   -7.481  -5.598  1.00 20.85 ? 90  GLU A N   1 
ATOM   670 C  CA  . GLU A 1 90 ? 4.248   -7.267  -7.043  1.00 20.34 ? 90  GLU A CA  1 
ATOM   671 C  C   . GLU A 1 90 ? 4.254   -8.559  -7.848  1.00 21.74 ? 90  GLU A C   1 
ATOM   672 O  O   . GLU A 1 90 ? 3.606   -8.635  -8.878  1.00 22.74 ? 90  GLU A O   1 
ATOM   673 C  CB  . GLU A 1 90 ? 5.536   -6.500  -7.378  1.00 21.14 ? 90  GLU A CB  1 
ATOM   674 C  CG  . GLU A 1 90 ? 5.664   -6.183  -8.815  1.00 20.14 ? 90  GLU A CG  1 
ATOM   675 C  CD  . GLU A 1 90 ? 6.788   -5.216  -9.163  1.00 21.96 ? 90  GLU A CD  1 
ATOM   676 O  OE1 . GLU A 1 90 ? 7.767   -5.073  -8.397  1.00 22.36 ? 90  GLU A OE1 1 
ATOM   677 O  OE2 . GLU A 1 90 ? 6.676   -4.588  -10.246 1.00 25.76 ? 90  GLU A OE2 1 
ATOM   678 N  N   . ALA A 1 91 ? 4.955   -9.574  -7.346  1.00 23.44 ? 91  ALA A N   1 
ATOM   679 C  CA  . ALA A 1 91 ? 5.085   -10.842 -8.047  1.00 25.39 ? 91  ALA A CA  1 
ATOM   680 C  C   . ALA A 1 91 ? 3.704   -11.479 -8.217  1.00 25.73 ? 91  ALA A C   1 
ATOM   681 O  O   . ALA A 1 91 ? 3.521   -12.195 -9.198  1.00 31.07 ? 91  ALA A O   1 
ATOM   682 C  CB  . ALA A 1 91 ? 5.947   -11.869 -7.339  1.00 35.03 ? 91  ALA A CB  1 
ATOM   683 N  N   . ALA A 1 92 ? 2.808   -11.198 -7.308  1.00 25.75 ? 92  ALA A N   1 
ATOM   684 C  CA  . ALA A 1 92 ? 1.477   -11.834 -7.295  1.00 27.64 ? 92  ALA A CA  1 
ATOM   685 C  C   . ALA A 1 92 ? 0.617   -11.344 -8.448  1.00 28.12 ? 92  ALA A C   1 
ATOM   686 O  O   . ALA A 1 92 ? -0.409  -11.923 -8.810  1.00 33.35 ? 92  ALA A O   1 
ATOM   687 C  CB  . ALA A 1 92 ? 0.760   -11.576 -5.986  1.00 29.53 ? 92  ALA A CB  1 
ATOM   688 N  N   . LEU A 1 93 ? 1.037   -10.253 -9.087  1.00 27.23 ? 93  LEU A N   1 
ATOM   689 C  CA  . LEU A 1 93 ? 0.359   -9.683  -10.239 1.00 26.51 ? 93  LEU A CA  1 
ATOM   690 C  C   . LEU A 1 93 ? 0.700   -10.336 -11.573 1.00 28.73 ? 93  LEU A C   1 
ATOM   691 O  O   . LEU A 1 93 ? 0.054   -10.094 -12.577 1.00 32.76 ? 93  LEU A O   1 
ATOM   692 C  CB  . LEU A 1 93 ? 0.763   -8.185  -10.365 1.00 26.26 ? 93  LEU A CB  1 
ATOM   693 C  CG  . LEU A 1 93 ? 0.238   -7.283  -9.248  1.00 26.33 ? 93  LEU A CG  1 
ATOM   694 C  CD1 . LEU A 1 93 ? 0.890   -5.914  -9.306  1.00 27.90 ? 93  LEU A CD1 1 
ATOM   695 C  CD2 . LEU A 1 93 ? -1.260  -7.147  -9.360  1.00 29.27 ? 93  LEU A CD2 1 
ATOM   696 N  N   . TYR A 1 94 ? 1.761   -11.122 -11.599 1.00 30.63 ? 94  TYR A N   1 
ATOM   697 C  CA  . TYR A 1 94 ? 2.368   -11.603 -12.833 1.00 32.94 ? 94  TYR A CA  1 
ATOM   698 C  C   . TYR A 1 94 ? 2.311   -13.113 -12.932 1.00 41.37 ? 94  TYR A C   1 
ATOM   699 O  O   . TYR A 1 94 ? 1.949   -13.769 -11.933 1.00 50.16 ? 94  TYR A O   1 
ATOM   700 C  CB  . TYR A 1 94 ? 3.865   -11.147 -13.004 1.00 30.18 ? 94  TYR A CB  1 
ATOM   701 C  CG  . TYR A 1 94 ? 3.853   -9.630  -13.135 1.00 29.01 ? 94  TYR A CG  1 
ATOM   702 C  CD1 . TYR A 1 94 ? 3.524   -8.985  -14.323 1.00 34.37 ? 94  TYR A CD1 1 
ATOM   703 C  CD2 . TYR A 1 94 ? 4.150   -8.849  -12.019 1.00 27.74 ? 94  TYR A CD2 1 
ATOM   704 C  CE1 . TYR A 1 94 ? 3.505   -7.609  -14.434 1.00 31.65 ? 94  TYR A CE1 1 
ATOM   705 C  CE2 . TYR A 1 94 ? 4.116   -7.483  -12.122 1.00 25.54 ? 94  TYR A CE2 1 
ATOM   706 C  CZ  . TYR A 1 94 ? 3.799   -6.861  -13.306 1.00 28.11 ? 94  TYR A CZ  1 
ATOM   707 O  OH  . TYR A 1 94 ? 3.784   -5.487  -13.360 1.00 35.88 ? 94  TYR A OH  1 
ATOM   708 O  OXT . TYR A 1 94 ? 2.655   -13.561 -14.045 1.00 49.25 ? 94  TYR A OXT 1 
HETATM 709 FE FE1 . FES B 2 .  ? 5.470   2.843   -8.944  1.00 20.08 ? 98  FES A FE1 1 
HETATM 710 FE FE2 . FES B 2 .  ? 4.110   2.920   -6.574  1.00 19.04 ? 98  FES A FE2 1 
HETATM 711 S  S1  . FES B 2 .  ? 6.283   3.011   -6.873  1.00 19.05 ? 98  FES A S1  1 
HETATM 712 S  S2  . FES B 2 .  ? 3.297   2.588   -8.544  1.00 20.45 ? 98  FES A S2  1 
HETATM 713 O  O   . HOH C 3 .  ? -4.997  12.442  -9.775  1.00 20.79 ? 101 HOH A O   1 
HETATM 714 O  O   . HOH C 3 .  ? -8.674  -2.995  9.133   1.00 21.47 ? 102 HOH A O   1 
HETATM 715 O  O   . HOH C 3 .  ? -6.794  9.523   -3.851  1.00 19.26 ? 103 HOH A O   1 
HETATM 716 O  O   . HOH C 3 .  ? -4.394  -1.786  11.294  1.00 20.39 ? 104 HOH A O   1 
HETATM 717 O  O   . HOH C 3 .  ? -4.331  8.628   -4.927  1.00 18.39 ? 105 HOH A O   1 
HETATM 718 O  O   . HOH C 3 .  ? 4.444   7.332   10.396  1.00 25.25 ? 106 HOH A O   1 
HETATM 719 O  O   . HOH C 3 .  ? 3.388   9.307   -4.454  1.00 25.00 ? 107 HOH A O   1 
HETATM 720 O  O   . HOH C 3 .  ? -0.703  7.336   -11.795 1.00 30.55 ? 108 HOH A O   1 
HETATM 721 O  O   . HOH C 3 .  ? 1.601   11.679  1.620   1.00 24.73 ? 109 HOH A O   1 
HETATM 722 O  O   . HOH C 3 .  ? 5.774   -0.810  -0.835  1.00 18.57 ? 110 HOH A O   1 
HETATM 723 O  O   . HOH C 3 .  ? 5.605   -5.178  -4.023  1.00 23.79 ? 111 HOH A O   1 
HETATM 724 O  O   . HOH C 3 .  ? 10.551  3.143   1.443   1.00 21.76 ? 112 HOH A O   1 
HETATM 725 O  O   . HOH C 3 .  ? 4.676   -3.282  -0.899  1.00 22.22 ? 113 HOH A O   1 
HETATM 726 O  O   . HOH C 3 .  ? 4.985   -9.427  2.857   1.00 27.73 ? 114 HOH A O   1 
HETATM 727 O  O   . HOH C 3 .  ? -7.737  -2.658  -4.041  1.00 27.37 ? 115 HOH A O   1 
HETATM 728 O  O   . HOH C 3 .  ? 3.692   5.739   12.775  1.00 28.29 ? 116 HOH A O   1 
HETATM 729 O  O   . HOH C 3 .  ? 9.067   2.573   3.839   1.00 32.41 ? 117 HOH A O   1 
HETATM 730 O  O   . HOH C 3 .  ? -10.168 -0.383  -0.558  1.00 28.44 ? 118 HOH A O   1 
HETATM 731 O  O   . HOH C 3 .  ? -3.452  9.634   -12.372 1.00 37.58 ? 119 HOH A O   1 
HETATM 732 O  O   . HOH C 3 .  ? -9.881  -7.270  10.457  1.00 33.61 ? 120 HOH A O   1 
HETATM 733 O  O   . HOH C 3 .  ? 8.279   -4.824  -5.699  1.00 26.63 ? 121 HOH A O   1 
HETATM 734 O  O   . HOH C 3 .  ? -9.383  3.864   -4.922  1.00 28.63 ? 122 HOH A O   1 
HETATM 735 O  O   . HOH C 3 .  ? 0.638   10.128  -10.649 1.00 29.73 ? 123 HOH A O   1 
HETATM 736 O  O   . HOH C 3 .  ? 6.926   -9.483  -5.050  1.00 28.48 ? 124 HOH A O   1 
HETATM 737 O  O   . HOH C 3 .  ? 11.009  10.043  10.368  1.00 33.93 ? 125 HOH A O   1 
HETATM 738 O  O   . HOH C 3 .  ? -1.778  -4.132  -14.304 1.00 43.98 ? 126 HOH A O   1 
HETATM 739 O  O   . HOH C 3 .  ? -2.855  -3.835  16.311  1.00 38.40 ? 127 HOH A O   1 
HETATM 740 O  O   . HOH C 3 .  ? 11.191  1.438   11.666  1.00 68.31 ? 128 HOH A O   1 
HETATM 741 O  O   . HOH C 3 .  ? 7.193   -2.232  -11.419 1.00 32.12 ? 129 HOH A O   1 
HETATM 742 O  O   . HOH C 3 .  ? 1.816   12.684  7.732   1.00 42.45 ? 130 HOH A O   1 
HETATM 743 O  O   . HOH C 3 .  ? 2.991   -4.856  14.574  1.00 39.88 ? 131 HOH A O   1 
HETATM 744 O  O   . HOH C 3 .  ? 2.633   8.942   10.347  1.00 36.61 ? 132 HOH A O   1 
HETATM 745 O  O   . HOH C 3 .  ? -5.003  -0.892  18.446  1.00 34.56 ? 133 HOH A O   1 
HETATM 746 O  O   . HOH C 3 .  ? -12.577 -4.502  5.942   1.00 38.42 ? 134 HOH A O   1 
HETATM 747 O  O   . HOH C 3 .  ? 17.985  1.909   5.710   1.00 37.25 ? 135 HOH A O   1 
HETATM 748 O  O   . HOH C 3 .  ? -0.385  13.099  -0.489  1.00 39.83 ? 136 HOH A O   1 
HETATM 749 O  O   . HOH C 3 .  ? 10.314  -4.927  4.543   1.00 56.28 ? 137 HOH A O   1 
HETATM 750 O  O   . HOH C 3 .  ? -2.877  -9.782  -12.237 1.00 39.52 ? 138 HOH A O   1 
HETATM 751 O  O   . HOH C 3 .  ? -3.681  -11.722 1.505   1.00 43.64 ? 139 HOH A O   1 
HETATM 752 O  O   . HOH C 3 .  ? 5.105   10.469  -2.850  1.00 46.94 ? 140 HOH A O   1 
HETATM 753 O  O   . HOH C 3 .  ? 4.630   12.249  -1.262  1.00 48.38 ? 141 HOH A O   1 
HETATM 754 O  O   . HOH C 3 .  ? 9.498   -4.880  8.157   1.00 42.72 ? 142 HOH A O   1 
HETATM 755 O  O   . HOH C 3 .  ? -1.390  -3.714  14.239  1.00 34.72 ? 143 HOH A O   1 
HETATM 756 O  O   . HOH C 3 .  ? -8.255  8.849   3.565   1.00 27.82 ? 144 HOH A O   1 
HETATM 757 O  O   . HOH C 3 .  ? -0.685  9.709   -13.369 1.00 38.91 ? 145 HOH A O   1 
HETATM 758 O  O   . HOH C 3 .  ? -8.910  3.835   -7.742  1.00 43.18 ? 146 HOH A O   1 
HETATM 759 O  O   . HOH C 3 .  ? -8.758  -2.694  -1.190  1.00 34.31 ? 147 HOH A O   1 
HETATM 760 O  O   . HOH C 3 .  ? 11.184  -4.071  2.247   1.00 34.81 ? 148 HOH A O   1 
HETATM 761 O  O   . HOH C 3 .  ? 10.642  -7.367  -3.670  1.00 46.61 ? 149 HOH A O   1 
HETATM 762 O  O   . HOH C 3 .  ? 14.164  -3.245  5.755   1.00 46.12 ? 150 HOH A O   1 
HETATM 763 O  O   . HOH C 3 .  ? 12.602  6.186   -9.211  1.00 55.91 ? 151 HOH A O   1 
HETATM 764 O  O   . HOH C 3 .  ? 2.920   13.644  -3.780  1.00 59.71 ? 152 HOH A O   1 
HETATM 765 O  O   . HOH C 3 .  ? -11.381 9.289   -0.556  1.00 41.69 ? 153 HOH A O   1 
HETATM 766 O  O   . HOH C 3 .  ? -5.608  -9.628  7.880   1.00 48.00 ? 154 HOH A O   1 
HETATM 767 O  O   . HOH C 3 .  ? 1.010   -4.135  -16.957 1.00 51.33 ? 155 HOH A O   1 
HETATM 768 O  O   . HOH C 3 .  ? -5.869  17.579  4.170   1.00 52.92 ? 156 HOH A O   1 
HETATM 769 O  O   . HOH C 3 .  ? -14.363 6.435   5.029   1.00 60.94 ? 157 HOH A O   1 
HETATM 770 O  O   . HOH C 3 .  ? -9.708  -2.043  -15.691 1.00 47.51 ? 158 HOH A O   1 
HETATM 771 O  O   . HOH C 3 .  ? 7.779   12.493  10.593  1.00 44.07 ? 159 HOH A O   1 
HETATM 772 O  O   . HOH C 3 .  ? -10.800 -4.974  2.968   1.00 39.19 ? 160 HOH A O   1 
HETATM 773 O  O   . HOH C 3 .  ? -1.237  12.692  -11.148 0.50 17.98 ? 161 HOH A O   1 
HETATM 774 O  O   . HOH C 3 .  ? 4.333   7.965   -1.414  0.50 21.40 ? 162 HOH A O   1 
HETATM 775 O  O   . HOH C 3 .  ? 11.497  -1.954  6.661   0.50 23.06 ? 163 HOH A O   1 
HETATM 776 O  O   . HOH C 3 .  ? 4.438   -10.560 7.737   0.50 32.72 ? 164 HOH A O   1 
HETATM 777 O  O   . HOH C 3 .  ? -5.860  -7.660  10.011  0.50 24.46 ? 165 HOH A O   1 
HETATM 778 O  O   . HOH C 3 .  ? -4.726  -7.388  10.676  0.50 24.23 ? 166 HOH A O   1 
HETATM 779 O  O   . HOH C 3 .  ? 12.544  5.173   6.348   0.50 21.58 ? 167 HOH A O   1 
HETATM 780 O  O   . HOH C 3 .  ? -12.318 7.906   6.109   0.50 28.65 ? 168 HOH A O   1 
HETATM 781 O  O   . HOH C 3 .  ? -3.946  3.495   16.739  0.50 26.22 ? 169 HOH A O   1 
HETATM 782 O  O   . HOH C 3 .  ? -13.225 6.430   10.405  0.50 27.12 ? 170 HOH A O   1 
HETATM 783 O  O   . HOH C 3 .  ? 10.644  9.950   0.156   0.50 39.01 ? 171 HOH A O   1 
HETATM 784 O  O   . HOH C 3 .  ? 7.939   -11.147 -1.770  0.50 30.26 ? 172 HOH A O   1 
HETATM 785 O  O   . HOH C 3 .  ? 3.772   13.238  2.810   0.50 37.55 ? 173 HOH A O   1 
HETATM 786 O  O   . HOH C 3 .  ? 1.990   -12.060 -16.534 0.50 37.38 ? 174 HOH A O   1 
HETATM 787 O  O   . HOH C 3 .  ? -7.561  4.100   -10.090 0.50 35.50 ? 175 HOH A O   1 
HETATM 788 O  O   . HOH C 3 .  ? 14.897  3.293   7.367   0.50 32.14 ? 176 HOH A O   1 
HETATM 789 O  O   . HOH C 3 .  ? -1.436  -6.314  14.801  0.50 27.39 ? 177 HOH A O   1 
HETATM 790 O  O   . HOH C 3 .  ? 6.921   8.850   12.373  0.50 35.56 ? 178 HOH A O   1 
HETATM 791 O  O   . HOH C 3 .  ? 0.510   11.959  -12.313 0.50 30.62 ? 179 HOH A O   1 
HETATM 792 O  O   . HOH C 3 .  ? 5.220   -11.937 3.803   0.50 41.19 ? 180 HOH A O   1 
HETATM 793 O  O   . HOH C 3 .  ? -10.633 9.750   4.383   0.50 29.52 ? 181 HOH A O   1 
HETATM 794 O  O   . HOH C 3 .  ? 7.511   11.829  4.263   0.50 37.48 ? 182 HOH A O   1 
HETATM 795 O  O   . HOH C 3 .  ? -14.224 10.197  6.299   0.50 34.57 ? 183 HOH A O   1 
HETATM 796 O  O   . HOH C 3 .  ? 7.125   11.737  -0.481  0.50 48.53 ? 184 HOH A O   1 
HETATM 797 O  O   . HOH C 3 .  ? -12.619 9.062   1.778   0.50 37.87 ? 185 HOH A O   1 
HETATM 798 O  O   . HOH C 3 .  ? -8.886  0.083   -4.365  0.50 28.81 ? 186 HOH A O   1 
HETATM 799 O  O   . HOH C 3 .  ? -14.158 7.075   1.829   0.50 42.91 ? 187 HOH A O   1 
HETATM 800 O  O   . HOH C 3 .  ? 3.742   13.199  6.028   0.50 29.06 ? 188 HOH A O   1 
HETATM 801 O  O   . HOH C 3 .  ? 8.232   10.645  12.205  0.50 30.12 ? 189 HOH A O   1 
HETATM 802 O  O   . HOH C 3 .  ? -1.159  14.534  7.354   0.50 41.17 ? 190 HOH A O   1 
HETATM 803 O  O   . HOH C 3 .  ? 5.707   -1.846  14.057  0.50 38.78 ? 191 HOH A O   1 
HETATM 804 O  O   . HOH C 3 .  ? 15.965  7.143   -2.487  0.50 25.84 ? 192 HOH A O   1 
HETATM 805 O  O   . HOH C 3 .  ? 8.961   -13.966 5.574   0.50 29.41 ? 193 HOH A O   1 
HETATM 806 O  O   . HOH C 3 .  ? 3.766   -11.822 -4.207  0.50 31.35 ? 194 HOH A O   1 
HETATM 807 O  O   . HOH C 3 .  ? -0.867  -1.127  -16.512 0.50 31.13 ? 195 HOH A O   1 
HETATM 808 O  O   . HOH C 3 .  ? 8.414   2.192   13.282  0.50 29.94 ? 196 HOH A O   1 
HETATM 809 O  O   . HOH C 3 .  ? -10.439 1.139   -2.567  0.50 25.88 ? 197 HOH A O   1 
HETATM 810 O  O   . HOH C 3 .  ? -11.944 -8.427  -8.994  0.50 32.83 ? 198 HOH A O   1 
HETATM 811 O  O   . HOH C 3 .  ? 4.758   11.357  -7.364  0.50 30.18 ? 199 HOH A O   1 
HETATM 812 O  O   . HOH C 3 .  ? -6.781  9.162   10.584  0.50 21.71 ? 200 HOH A O   1 
HETATM 813 O  O   . HOH C 3 .  ? 0.621   3.149   -15.615 0.50 35.31 ? 201 HOH A O   1 
HETATM 814 O  O   . HOH C 3 .  ? -5.695  6.483   14.055  0.50 28.52 ? 202 HOH A O   1 
HETATM 815 O  O   . HOH C 3 .  ? -4.589  9.627   15.176  0.50 36.66 ? 203 HOH A O   1 
HETATM 816 O  O   . HOH C 3 .  ? 7.977   -13.841 -9.589  0.50 37.12 ? 204 HOH A O   1 
HETATM 817 O  O   . HOH C 3 .  ? 10.728  9.571   5.815   0.50 36.76 ? 205 HOH A O   1 
HETATM 818 O  O   . HOH C 3 .  ? -10.550 -7.831  -2.030  0.50 52.08 ? 206 HOH A O   1 
HETATM 819 O  O   . HOH C 3 .  ? 1.086   13.024  9.884   0.50 42.96 ? 207 HOH A O   1 
HETATM 820 O  O   . HOH C 3 .  ? -11.842 5.740   -5.666  0.50 46.41 ? 208 HOH A O   1 
HETATM 821 O  O   . HOH C 3 .  ? 2.575   3.292   16.037  0.50 44.19 ? 209 HOH A O   1 
HETATM 822 O  O   . HOH C 3 .  ? 3.488   -4.449  -17.218 0.50 47.20 ? 210 HOH A O   1 
HETATM 823 O  O   . HOH C 3 .  ? 4.341   -14.891 -14.897 0.50 37.65 ? 211 HOH A O   1 
HETATM 824 O  O   . HOH C 3 .  ? -9.701  -5.571  -15.831 0.50 44.19 ? 212 HOH A O   1 
HETATM 825 O  O   . HOH C 3 .  ? -9.440  -6.104  0.688   0.50 35.71 ? 213 HOH A O   1 
HETATM 826 O  O   . HOH C 3 .  ? -3.613  -13.543 8.193   0.50 47.77 ? 214 HOH A O   1 
HETATM 827 O  O   . HOH C 3 .  ? 0.543   -2.634  17.531  0.50 43.88 ? 215 HOH A O   1 
HETATM 828 O  O   . HOH C 3 .  ? 15.781  10.915  -1.417  0.50 66.64 ? 216 HOH A O   1 
HETATM 829 O  O   . HOH C 3 .  ? 5.814   -9.922  13.384  0.50 39.95 ? 217 HOH A O   1 
HETATM 830 O  O   . HOH C 3 .  ? -1.980  -1.768  18.871  0.50 47.62 ? 218 HOH A O   1 
HETATM 831 O  O   . HOH C 3 .  ? 7.015   11.778  -5.234  0.50 41.53 ? 219 HOH A O   1 
HETATM 832 O  O   . HOH C 3 .  ? 3.007   -14.497 -5.319  0.50 42.27 ? 220 HOH A O   1 
HETATM 833 O  O   . HOH C 3 .  ? -6.109  4.812   -14.312 0.50 46.87 ? 221 HOH A O   1 
HETATM 834 O  O   . HOH C 3 .  ? -13.712 -6.706  -9.927  0.50 46.42 ? 222 HOH A O   1 
HETATM 835 O  O   . HOH C 3 .  ? 2.506   11.426  -13.371 0.50 37.33 ? 223 HOH A O   1 
HETATM 836 O  O   . HOH C 3 .  ? -3.972  9.969   12.082  0.50 49.03 ? 224 HOH A O   1 
HETATM 837 O  O   . HOH C 3 .  ? 5.131   -15.393 -7.425  0.50 60.21 ? 225 HOH A O   1 
HETATM 838 O  O   . HOH C 3 .  ? -8.324  -9.956  7.583   0.50 43.21 ? 226 HOH A O   1 
# 
loop_
_atom_site_anisotrop.id 
_atom_site_anisotrop.type_symbol 
_atom_site_anisotrop.pdbx_label_atom_id 
_atom_site_anisotrop.pdbx_label_alt_id 
_atom_site_anisotrop.pdbx_label_comp_id 
_atom_site_anisotrop.pdbx_label_asym_id 
_atom_site_anisotrop.pdbx_label_seq_id 
_atom_site_anisotrop.pdbx_PDB_ins_code 
_atom_site_anisotrop.U[1][1] 
_atom_site_anisotrop.U[2][2] 
_atom_site_anisotrop.U[3][3] 
_atom_site_anisotrop.U[1][2] 
_atom_site_anisotrop.U[1][3] 
_atom_site_anisotrop.U[2][3] 
_atom_site_anisotrop.pdbx_auth_seq_id 
_atom_site_anisotrop.pdbx_auth_comp_id 
_atom_site_anisotrop.pdbx_auth_asym_id 
_atom_site_anisotrop.pdbx_auth_atom_id 
1   N  N   . TYR A 1  ? 0.3423 0.1908 0.3403 0.0442  0.0993  -0.0211 1   TYR A N   
2   C  CA  . TYR A 1  ? 0.2488 0.2081 0.3027 0.0444  0.0727  0.0015  1   TYR A CA  
3   C  C   . TYR A 1  ? 0.2418 0.2186 0.2924 0.0299  0.0591  0.0299  1   TYR A C   
4   O  O   . TYR A 1  ? 0.2326 0.2525 0.3174 0.0176  0.0389  0.0443  1   TYR A O   
5   C  CB  . TYR A 1  ? 0.2339 0.2345 0.3109 0.0357  0.0565  0.0210  1   TYR A CB  
6   C  CG  . TYR A 1  ? 0.2396 0.2949 0.3260 0.0569  0.0803  0.0777  1   TYR A CG  
7   C  CD1 . TYR A 1  ? 0.2435 0.3644 0.3641 0.0635  0.0982  0.0907  1   TYR A CD1 
8   C  CD2 . TYR A 1  ? 0.2983 0.2280 0.3594 0.0456  0.0754  0.0809  1   TYR A CD2 
9   C  CE1 . TYR A 1  ? 0.2778 0.3291 0.3626 0.0922  0.1225  0.0877  1   TYR A CE1 
10  C  CE2 . TYR A 1  ? 0.3700 0.2747 0.3363 0.1308  0.1063  0.0947  1   TYR A CE2 
11  C  CZ  . TYR A 1  ? 0.3561 0.3099 0.4589 0.1307  0.1463  0.1541  1   TYR A CZ  
12  O  OH  . TYR A 1  ? 0.3852 0.4567 0.4029 0.1854  0.1209  0.1332  1   TYR A OH  
13  N  N   . LYS A 2  ? 0.2453 0.2138 0.2645 0.0324  0.0640  0.0132  2   LYS A N   
14  C  CA  . LYS A 2  ? 0.2562 0.2175 0.2064 0.0326  0.0343  0.0040  2   LYS A CA  
15  C  C   . LYS A 2  ? 0.2341 0.1961 0.2158 0.0171  0.0391  0.0115  2   LYS A C   
16  O  O   . LYS A 2  ? 0.2330 0.2026 0.2383 0.0325  0.0249  -0.0061 2   LYS A O   
17  C  CB  . LYS A 2  ? 0.3076 0.2841 0.2061 0.0140  0.0271  0.0278  2   LYS A CB  
18  C  CG  . LYS A 2  ? 0.3397 0.2890 0.2808 0.0217  0.0746  0.0904  2   LYS A CG  
19  C  CD  . LYS A 2  ? 0.3805 0.3069 0.2874 0.0025  0.1055  0.0853  2   LYS A CD  
20  C  CE  . LYS A 2  ? 0.4397 0.3083 0.3407 -0.0355 0.1052  0.0719  2   LYS A CE  
21  N  NZ  . LYS A 2  ? 0.4981 0.4207 0.2776 -0.1799 0.0100  0.0869  2   LYS A NZ  
22  N  N   . VAL A 3  ? 0.2397 0.2213 0.2313 0.0134  0.0493  -0.0078 3   VAL A N   
23  C  CA  . VAL A 3  ? 0.2753 0.1855 0.2080 0.0232  0.0495  0.0163  3   VAL A CA  
24  C  C   . VAL A 3  ? 0.2559 0.2030 0.2127 0.0193  0.0390  0.0177  3   VAL A C   
25  O  O   . VAL A 3  ? 0.2487 0.2429 0.2590 0.0138  0.0378  0.0074  3   VAL A O   
26  C  CB  . VAL A 3  ? 0.2458 0.2135 0.2355 0.0304  0.0574  0.0328  3   VAL A CB  
27  C  CG1 . VAL A 3  ? 0.3272 0.2522 0.2561 0.0853  0.1141  0.0310  3   VAL A CG1 
28  C  CG2 . VAL A 3  ? 0.2998 0.2011 0.2371 0.0502  0.0733  0.0354  3   VAL A CG2 
29  N  N   . THR A 4  ? 0.2270 0.1919 0.2577 0.0435  0.0547  -0.0015 4   THR A N   
30  C  CA  . THR A 4  ? 0.2396 0.2013 0.2443 0.0489  0.0483  -0.0002 4   THR A CA  
31  C  C   . THR A 4  ? 0.2305 0.2129 0.2452 0.0550  0.0364  -0.0137 4   THR A C   
32  O  O   . THR A 4  ? 0.2423 0.2988 0.2368 0.0256  0.0309  -0.0093 4   THR A O   
33  C  CB  . THR A 4  ? 0.2740 0.2075 0.2263 0.0276  0.0330  0.0086  4   THR A CB  
34  O  OG1 . THR A 4  ? 0.2905 0.2809 0.2373 0.0586  0.0606  0.0298  4   THR A OG1 
35  C  CG2 . THR A 4  ? 0.3229 0.2424 0.2708 0.0600  0.0592  0.0560  4   THR A CG2 
36  N  N   . LEU A 5  ? 0.2288 0.2817 0.2256 0.0630  0.0320  -0.0076 5   LEU A N   
37  C  CA  . LEU A 5  ? 0.2286 0.2254 0.2202 0.0687  0.0315  0.0128  5   LEU A CA  
38  C  C   . LEU A 5  ? 0.3220 0.2394 0.2172 0.0879  0.0444  0.0319  5   LEU A C   
39  O  O   . LEU A 5  ? 0.3884 0.2660 0.2394 0.1410  0.0142  0.0405  5   LEU A O   
40  C  CB  . LEU A 5  ? 0.2679 0.2504 0.2150 0.0382  0.0367  0.0041  5   LEU A CB  
41  C  CG  . LEU A 5  ? 0.2118 0.2397 0.2606 0.0209  0.0464  0.0060  5   LEU A CG  
42  C  CD1 . LEU A 5  ? 0.2799 0.2970 0.2958 -0.0459 0.0352  0.0156  5   LEU A CD1 
43  C  CD2 . LEU A 5  ? 0.2414 0.2569 0.2931 0.0323  0.0100  0.0217  5   LEU A CD2 
44  N  N   . LYS A 6  ? 0.3753 0.2082 0.2379 0.0774  0.0617  0.0390  6   LYS A N   
45  C  CA  . LYS A 6  ? 0.3161 0.2170 0.2802 0.0803  0.0377  0.0659  6   LYS A CA  
46  C  C   . LYS A 6  ? 0.3251 0.2221 0.3025 0.0812  0.0522  0.0492  6   LYS A C   
47  O  O   . LYS A 6  ? 0.2870 0.2398 0.3112 0.0573  0.0595  -0.0067 6   LYS A O   
48  C  CB  . LYS A 6  ? 0.3851 0.2248 0.2902 0.0344  0.0826  0.0554  6   LYS A CB  
49  C  CG  . LYS A 6  ? 0.3333 0.3422 0.3805 0.0652  0.0969  0.0345  6   LYS A CG  
50  C  CD  . LYS A 6  ? 0.2948 0.4310 0.5654 0.0559  0.0635  0.0320  6   LYS A CD  
51  C  CE  . LYS A 6  ? 0.3658 0.5099 0.6851 -0.0368 0.0596  0.1176  6   LYS A CE  
52  N  NZ  . LYS A 6  ? 0.4190 0.5262 0.8755 -0.0656 -0.0764 0.1785  6   LYS A NZ  
53  N  N   . THR A 7  ? 0.3269 0.2962 0.2753 0.0892  0.0573  0.0277  7   THR A N   
54  C  CA  . THR A 7  ? 0.3307 0.2583 0.2904 0.0983  0.0755  0.0423  7   THR A CA  
55  C  C   . THR A 7  ? 0.3454 0.2463 0.3011 0.0936  0.0603  0.0492  7   THR A C   
56  O  O   . THR A 7  ? 0.3961 0.3229 0.3169 0.1299  0.0597  0.0960  7   THR A O   
57  C  CB  . THR A 7  ? 0.3171 0.2376 0.4104 0.1142  0.0106  0.0753  7   THR A CB  
58  O  OG1 . THR A 7  ? 0.4084 0.3167 0.3869 0.1707  -0.0328 0.0056  7   THR A OG1 
59  C  CG2 . THR A 7  ? 0.3333 0.2756 0.3545 0.1232  0.0132  0.0145  7   THR A CG2 
60  N  N   . PRO A 8  ? 0.3476 0.2699 0.3205 0.1233  0.0637  0.0522  8   PRO A N   
61  C  CA  . PRO A 8  ? 0.3584 0.3039 0.3538 0.1446  0.0558  0.0631  8   PRO A CA  
62  C  C   . PRO A 8  ? 0.2817 0.4058 0.4160 0.0895  0.0207  0.1234  8   PRO A C   
63  O  O   . PRO A 8  ? 0.4492 0.4072 0.3762 0.1961  0.0150  0.0824  8   PRO A O   
64  C  CB  . PRO A 8  ? 0.3404 0.3352 0.4031 0.1421  0.0733  0.0577  8   PRO A CB  
65  C  CG  . PRO A 8  ? 0.4145 0.3026 0.3512 0.1645  0.1026  0.0497  8   PRO A CG  
66  C  CD  . PRO A 8  ? 0.3506 0.2625 0.3457 0.1064  0.1037  0.0482  8   PRO A CD  
67  N  N   . SER A 9  ? 0.3571 0.4409 0.4282 0.1297  -0.0083 0.0529  9   SER A N   
68  C  CA  . SER A 9  ? 0.4357 0.5387 0.4498 0.2096  -0.0518 0.0053  9   SER A CA  
69  C  C   . SER A 9  ? 0.4826 0.5991 0.4286 0.2730  -0.0490 0.0212  9   SER A C   
70  O  O   . SER A 9  ? 0.4691 0.6045 0.4563 0.0838  -0.0486 -0.0708 9   SER A O   
71  C  CB  . SER A 9  ? 0.4278 0.5821 0.5007 0.1928  -0.1215 -0.0381 9   SER A CB  
72  O  OG  . SER A 9  ? 0.5432 0.5085 1.1136 0.2562  -0.0432 -0.1044 9   SER A OG  
73  N  N   . GLY A 10 ? 0.4804 0.5927 0.3675 0.3247  -0.0344 0.0268  10  GLY A N   
74  C  CA  . GLY A 10 ? 0.5326 0.4844 0.3894 0.3131  0.0000  0.0771  10  GLY A CA  
75  C  C   . GLY A 10 ? 0.4983 0.4050 0.3089 0.2591  0.0262  0.0787  10  GLY A C   
76  O  O   . GLY A 10 ? 0.3562 0.3055 0.3210 0.1075  -0.0283 0.0542  10  GLY A O   
77  N  N   . GLU A 11 ? 0.4759 0.3362 0.3401 0.1874  0.0276  0.0879  11  GLU A N   
78  C  CA  . GLU A 11 ? 0.4211 0.2817 0.3090 0.1331  0.0411  0.0870  11  GLU A CA  
79  C  C   . GLU A 11 ? 0.4214 0.3157 0.2559 0.1351  -0.0023 0.0763  11  GLU A C   
80  O  O   . GLU A 11 ? 0.4681 0.4302 0.2766 0.1827  -0.0350 0.0572  11  GLU A O   
81  C  CB  . GLU A 11 ? 0.4530 0.3631 0.3780 0.1133  0.0600  0.1388  11  GLU A CB  
82  C  CG  . GLU A 11 ? 0.4247 0.4266 0.4690 0.1103  0.0785  0.1742  11  GLU A CG  
83  C  CD  . GLU A 11 ? 0.4799 0.5099 0.6028 0.0961  0.1426  0.2271  11  GLU A CD  
84  O  OE1 . GLU A 11 ? 0.6197 0.6455 0.6102 0.1289  0.2479  0.2308  11  GLU A OE1 
85  O  OE2 . GLU A 11 ? 0.6667 0.5959 0.7013 -0.0845 0.0580  0.3165  11  GLU A OE2 
86  N  N   . GLU A 12 ? 0.3393 0.2799 0.2856 0.1075  0.0078  0.0559  12  GLU A N   
87  C  CA  . GLU A 12 ? 0.2956 0.3018 0.3262 0.0657  0.0453  0.0379  12  GLU A CA  
88  C  C   . GLU A 12 ? 0.3062 0.2924 0.2563 0.0798  0.0024  0.0059  12  GLU A C   
89  O  O   . GLU A 12 ? 0.3804 0.3701 0.3407 0.1438  -0.0715 -0.0942 12  GLU A O   
90  C  CB  . GLU A 12 ? 0.3540 0.3161 0.2602 0.0731  0.0487  0.0407  12  GLU A CB  
91  C  CG  . GLU A 12 ? 0.3539 0.4423 0.2585 0.0913  0.0609  -0.0015 12  GLU A CG  
92  C  CD  . GLU A 12 ? 0.3796 0.4545 0.3345 0.1136  0.0118  0.0380  12  GLU A CD  
93  O  OE1 . GLU A 12 ? 0.4183 0.5033 0.3270 0.0447  -0.0352 0.0015  12  GLU A OE1 
94  O  OE2 . GLU A 12 ? 0.4337 0.5393 0.5236 0.2021  0.0087  0.0801  12  GLU A OE2 
95  N  N   . THR A 13 ? 0.3439 0.2978 0.2719 0.0929  -0.0420 -0.0113 13  THR A N   
96  C  CA  . THR A 13 ? 0.3252 0.2540 0.2708 0.0667  0.0127  0.0074  13  THR A CA  
97  C  C   . THR A 13 ? 0.3047 0.2678 0.2206 0.0401  -0.0327 -0.0074 13  THR A C   
98  O  O   . THR A 13 ? 0.3770 0.3451 0.2702 0.0467  -0.0975 -0.0242 13  THR A O   
99  C  CB  . THR A 13 ? 0.3915 0.3114 0.3061 0.0516  0.0386  0.0440  13  THR A CB  
100 O  OG1 . THR A 13 ? 0.5377 0.3094 0.3164 0.0351  0.1054  0.0317  13  THR A OG1 
101 C  CG2 . THR A 13 ? 0.4352 0.4225 0.3757 0.1198  0.1445  0.1169  13  THR A CG2 
102 N  N   . ILE A 14 ? 0.3021 0.2519 0.1992 0.0369  -0.0151 -0.0052 14  ILE A N   
103 C  CA  . ILE A 14 ? 0.2986 0.2557 0.2101 0.0261  0.0121  -0.0096 14  ILE A CA  
104 C  C   . ILE A 14 ? 0.2945 0.2439 0.2508 0.0205  0.0499  0.0446  14  ILE A C   
105 O  O   . ILE A 14 ? 0.2956 0.2462 0.2614 0.0318  0.0506  -0.0161 14  ILE A O   
106 C  CB  . ILE A 14 ? 0.2666 0.2883 0.2462 0.0225  0.0273  -0.0032 14  ILE A CB  
107 C  CG1 . ILE A 14 ? 0.2708 0.2765 0.2140 0.0088  0.0468  0.0415  14  ILE A CG1 
108 C  CG2 . ILE A 14 ? 0.2430 0.3081 0.3603 0.0101  0.0104  -0.0674 14  ILE A CG2 
109 C  CD1 . ILE A 14 ? 0.2930 0.3298 0.2402 -0.0299 0.0632  0.0593  14  ILE A CD1 
110 N  N   . GLU A 15 ? 0.2657 0.2549 0.2187 0.0212  0.0379  0.0332  15  GLU A N   
111 C  CA  . GLU A 15 ? 0.2489 0.2396 0.2182 0.0024  0.0333  0.0124  15  GLU A CA  
112 C  C   . GLU A 15 ? 0.2446 0.2136 0.2338 -0.0068 0.0163  0.0166  15  GLU A C   
113 O  O   . GLU A 15 ? 0.2628 0.3498 0.2745 -0.0512 -0.0053 0.1004  15  GLU A O   
114 C  CB  . GLU A 15 ? 0.5183 0.2494 0.2338 0.0709  0.0155  -0.0067 15  GLU A CB  
115 C  CG  A GLU A 15 ? 0.5359 0.2767 0.2588 0.1003  -0.0044 -0.0138 15  GLU A CG  
116 C  CG  B GLU A 15 ? 0.5468 0.2049 0.2262 -0.0179 0.0219  -0.0427 15  GLU A CG  
117 C  CD  A GLU A 15 ? 0.5287 0.3823 0.3828 0.1063  0.0322  -0.0535 15  GLU A CD  
118 C  CD  B GLU A 15 ? 0.5135 0.3035 0.3295 -0.0456 0.0293  -0.0696 15  GLU A CD  
119 O  OE1 A GLU A 15 ? 0.5302 0.3831 0.4527 0.1002  0.1482  -0.0534 15  GLU A OE1 
120 O  OE1 B GLU A 15 ? 0.4574 0.5410 0.4055 0.0364  0.1987  -0.1810 15  GLU A OE1 
121 O  OE2 A GLU A 15 ? 0.5386 0.4629 0.3133 0.1436  -0.0135 -0.1575 15  GLU A OE2 
122 O  OE2 B GLU A 15 ? 0.6597 0.2920 0.4234 -0.1597 -0.0344 -0.0008 15  GLU A OE2 
123 N  N   . CYS A 16 ? 0.2436 0.2574 0.2099 0.0139  0.0312  -0.0026 16  CYS A N   
124 C  CA  . CYS A 16 ? 0.2302 0.2169 0.2101 -0.0043 0.0294  -0.0008 16  CYS A CA  
125 C  C   . CYS A 16 ? 0.2693 0.2388 0.2268 0.0364  0.0607  -0.0042 16  CYS A C   
126 O  O   . CYS A 16 ? 0.2446 0.2810 0.2394 0.0523  0.0445  -0.0013 16  CYS A O   
127 C  CB  . CYS A 16 ? 0.2537 0.2230 0.2139 0.0515  -0.0006 -0.0031 16  CYS A CB  
128 S  SG  . CYS A 16 ? 0.2594 0.2286 0.2109 0.0257  0.0283  -0.0061 16  CYS A SG  
129 N  N   . PRO A 17 ? 0.3549 0.2368 0.2588 0.0496  0.0411  -0.0434 17  PRO A N   
130 C  CA  . PRO A 17 ? 0.4164 0.2572 0.2736 0.0947  0.0564  -0.0310 17  PRO A CA  
131 C  C   . PRO A 17 ? 0.3641 0.2719 0.3113 0.1269  0.0352  -0.0522 17  PRO A C   
132 O  O   . PRO A 17 ? 0.3337 0.1932 0.2700 0.0848  0.0360  -0.0136 17  PRO A O   
133 C  CB  . PRO A 17 ? 0.5438 0.2344 0.4327 0.0821  0.0067  -0.0719 17  PRO A CB  
134 C  CG  . PRO A 17 ? 0.5174 0.2423 0.4256 0.0460  0.0295  -0.0974 17  PRO A CG  
135 C  CD  . PRO A 17 ? 0.4097 0.2247 0.3250 0.0055  0.0552  -0.0665 17  PRO A CD  
136 N  N   . GLU A 18 ? 0.3571 0.3271 0.3365 0.1204  0.0918  0.0281  18  GLU A N   
137 C  CA  . GLU A 18 ? 0.2656 0.2945 0.3564 0.1076  0.1171  0.0666  18  GLU A CA  
138 C  C   . GLU A 18 ? 0.3436 0.2824 0.3408 0.0679  0.1152  0.0554  18  GLU A C   
139 O  O   . GLU A 18 ? 0.3531 0.2837 0.3550 0.0765  0.0996  0.0566  18  GLU A O   
140 C  CB  . GLU A 18 ? 0.3053 0.4726 0.4422 0.1825  0.1664  0.0415  18  GLU A CB  
141 C  CG  A GLU A 18 ? 0.3789 0.4488 0.6440 0.2418  0.2068  -0.0429 18  GLU A CG  
142 C  CG  B GLU A 18 ? 0.3617 0.6336 0.4909 0.1760  0.2293  0.1126  18  GLU A CG  
143 C  CD  A GLU A 18 ? 0.5069 0.5725 0.7062 0.2497  0.2473  -0.1703 18  GLU A CD  
144 C  CD  B GLU A 18 ? 0.4400 0.6044 0.5976 0.2208  0.3197  0.0722  18  GLU A CD  
145 O  OE1 A GLU A 18 ? 0.5415 0.7399 0.7683 0.2745  0.1250  -0.2600 18  GLU A OE1 
146 O  OE1 B GLU A 18 ? 0.4245 0.5320 0.7760 0.2643  0.2165  0.0722  18  GLU A OE1 
147 O  OE2 A GLU A 18 ? 0.9879 0.5831 0.8260 0.3640  0.2049  -0.2561 18  GLU A OE2 
148 O  OE2 B GLU A 18 ? 0.7500 0.6046 0.7120 0.1927  0.5805  0.1860  18  GLU A OE2 
149 N  N   . ASP A 19 ? 0.3129 0.2489 0.3712 0.1046  0.0970  0.0631  19  ASP A N   
150 C  CA  . ASP A 19 ? 0.3180 0.2366 0.3951 0.0883  0.0812  0.0740  19  ASP A CA  
151 C  C   . ASP A 19 ? 0.3134 0.1801 0.2985 0.0530  0.0611  0.0093  19  ASP A C   
152 O  O   . ASP A 19 ? 0.3251 0.1909 0.3167 0.0239  0.0465  0.0065  19  ASP A O   
153 C  CB  . ASP A 19 ? 0.3495 0.2320 0.5939 0.0999  0.1638  0.0768  19  ASP A CB  
154 C  CG  . ASP A 19 ? 0.5540 0.2309 0.5742 0.1568  0.1755  -0.0381 19  ASP A CG  
155 O  OD1 . ASP A 19 ? 1.0031 0.2690 0.3452 0.1702  0.0981  -0.0546 19  ASP A OD1 
156 O  OD2 . ASP A 19 ? 0.8351 0.2272 0.6903 0.1280  0.1878  -0.0343 19  ASP A OD2 
157 N  N   . THR A 20 ? 0.2982 0.2049 0.2462 0.0678  0.0486  0.0065  20  THR A N   
158 C  CA  . THR A 20 ? 0.2690 0.1911 0.2156 0.0259  0.0402  -0.0164 20  THR A CA  
159 C  C   . THR A 20 ? 0.2433 0.1867 0.1943 0.0215  0.0208  -0.0147 20  THR A C   
160 O  O   . THR A 20 ? 0.2485 0.1967 0.1972 0.0217  0.0052  0.0129  20  THR A O   
161 C  CB  . THR A 20 ? 0.2946 0.2259 0.2277 -0.0017 0.0155  -0.0473 20  THR A CB  
162 O  OG1 . THR A 20 ? 0.3512 0.2472 0.2949 0.0000  0.0361  -0.0922 20  THR A OG1 
163 C  CG2 . THR A 20 ? 0.3045 0.2421 0.2072 0.0201  -0.0087 -0.0374 20  THR A CG2 
164 N  N   . TYR A 21 ? 0.2471 0.1839 0.1916 0.0335  0.0189  -0.0053 21  TYR A N   
165 C  CA  . TYR A 21 ? 0.2692 0.1796 0.1635 0.0304  0.0183  0.0028  21  TYR A CA  
166 C  C   . TYR A 21 ? 0.2876 0.1780 0.1295 0.0313  -0.0011 -0.0252 21  TYR A C   
167 O  O   . TYR A 21 ? 0.2571 0.2166 0.1630 0.0126  0.0041  -0.0184 21  TYR A O   
168 C  CB  . TYR A 21 ? 0.2622 0.1619 0.1662 0.0254  0.0046  0.0021  21  TYR A CB  
169 C  CG  . TYR A 21 ? 0.2618 0.1952 0.1466 0.0332  0.0000  -0.0021 21  TYR A CG  
170 C  CD1 . TYR A 21 ? 0.2620 0.1792 0.1995 0.0463  -0.0067 -0.0048 21  TYR A CD1 
171 C  CD2 . TYR A 21 ? 0.2644 0.1707 0.2420 0.0457  -0.0014 0.0411  21  TYR A CD2 
172 C  CE1 . TYR A 21 ? 0.2575 0.1792 0.2539 0.0275  -0.0320 0.0290  21  TYR A CE1 
173 C  CE2 . TYR A 21 ? 0.2594 0.1868 0.2415 0.0293  -0.0130 0.0434  21  TYR A CE2 
174 C  CZ  . TYR A 21 ? 0.2824 0.1958 0.2255 0.0045  -0.0429 0.0206  21  TYR A CZ  
175 O  OH  . TYR A 21 ? 0.2875 0.2616 0.2405 0.0207  -0.0321 0.0625  21  TYR A OH  
176 N  N   . ILE A 22 ? 0.2131 0.1779 0.1943 0.0318  0.0220  0.0026  22  ILE A N   
177 C  CA  . ILE A 22 ? 0.2164 0.1922 0.1700 0.0362  0.0242  0.0041  22  ILE A CA  
178 C  C   . ILE A 22 ? 0.2178 0.2071 0.1669 0.0426  0.0174  -0.0147 22  ILE A C   
179 O  O   . ILE A 22 ? 0.2289 0.2087 0.1902 0.0322  0.0047  0.0219  22  ILE A O   
180 C  CB  . ILE A 22 ? 0.2547 0.1943 0.2008 0.0157  0.0062  0.0257  22  ILE A CB  
181 C  CG1 . ILE A 22 ? 0.2105 0.3038 0.4155 0.0044  -0.0300 0.0768  22  ILE A CG1 
182 C  CG2 . ILE A 22 ? 0.2488 0.1955 0.2656 0.0096  -0.0099 0.0346  22  ILE A CG2 
183 C  CD1 . ILE A 22 ? 0.2633 0.3290 0.5545 -0.0240 0.0317  -0.0158 22  ILE A CD1 
184 N  N   . LEU A 23 ? 0.2134 0.1982 0.1743 0.0499  0.0185  -0.0295 23  LEU A N   
185 C  CA  . LEU A 23 ? 0.2138 0.1957 0.1825 0.0314  0.0224  -0.0139 23  LEU A CA  
186 C  C   . LEU A 23 ? 0.2376 0.2074 0.1788 0.0224  0.0149  -0.0169 23  LEU A C   
187 O  O   . LEU A 23 ? 0.2464 0.2095 0.1938 0.0115  0.0049  -0.0061 23  LEU A O   
188 C  CB  . LEU A 23 ? 0.1879 0.2444 0.1703 0.0193  0.0017  -0.0103 23  LEU A CB  
189 C  CG  . LEU A 23 ? 0.2009 0.2509 0.1794 0.0237  0.0114  -0.0286 23  LEU A CG  
190 C  CD1 . LEU A 23 ? 0.2232 0.2586 0.2474 0.0523  -0.0014 -0.0290 23  LEU A CD1 
191 C  CD2 . LEU A 23 ? 0.2157 0.3394 0.1759 -0.0078 0.0177  -0.0326 23  LEU A CD2 
192 N  N   . ASP A 24 ? 0.2538 0.1987 0.1731 0.0169  0.0025  -0.0135 24  ASP A N   
193 C  CA  . ASP A 24 ? 0.2343 0.2150 0.1897 0.0111  0.0229  -0.0354 24  ASP A CA  
194 C  C   . ASP A 24 ? 0.2563 0.2062 0.1898 -0.0061 0.0170  -0.0375 24  ASP A C   
195 O  O   . ASP A 24 ? 0.2524 0.2563 0.2021 0.0035  0.0047  -0.0224 24  ASP A O   
196 C  CB  . ASP A 24 ? 0.2598 0.2007 0.2025 -0.0095 0.0051  -0.0370 24  ASP A CB  
197 C  CG  . ASP A 24 ? 0.3507 0.2578 0.2229 0.0071  0.0229  0.0063  24  ASP A CG  
198 O  OD1 . ASP A 24 ? 0.5021 0.4421 0.3367 0.1414  0.1848  0.0939  24  ASP A OD1 
199 O  OD2 . ASP A 24 ? 0.3893 0.4189 0.2942 -0.0213 -0.0840 0.0774  24  ASP A OD2 
200 N  N   . ALA A 25 ? 0.2375 0.2303 0.1784 0.0189  0.0090  -0.0247 25  ALA A N   
201 C  CA  . ALA A 25 ? 0.2539 0.2020 0.1938 0.0159  0.0317  -0.0222 25  ALA A CA  
202 C  C   . ALA A 25 ? 0.2294 0.2242 0.1745 0.0148  0.0340  -0.0101 25  ALA A C   
203 O  O   . ALA A 25 ? 0.2909 0.2381 0.1822 -0.0046 0.0104  -0.0084 25  ALA A O   
204 C  CB  . ALA A 25 ? 0.2298 0.3001 0.1792 0.0223  0.0043  -0.0088 25  ALA A CB  
205 N  N   . ALA A 26 ? 0.2145 0.2093 0.1816 0.0232  0.0019  -0.0028 26  ALA A N   
206 C  CA  . ALA A 26 ? 0.2144 0.1949 0.1708 0.0035  -0.0105 -0.0016 26  ALA A CA  
207 C  C   . ALA A 26 ? 0.2077 0.2251 0.1855 0.0110  -0.0047 -0.0027 26  ALA A C   
208 O  O   . ALA A 26 ? 0.2196 0.2678 0.2004 0.0186  -0.0241 -0.0084 26  ALA A O   
209 C  CB  . ALA A 26 ? 0.2609 0.2005 0.1595 0.0020  0.0113  -0.0072 26  ALA A CB  
210 N  N   . GLU A 27 ? 0.2189 0.2333 0.1942 0.0047  0.0283  -0.0090 27  GLU A N   
211 C  CA  . GLU A 27 ? 0.2362 0.2448 0.2046 -0.0205 0.0162  -0.0263 27  GLU A CA  
212 C  C   . GLU A 27 ? 0.2621 0.2907 0.1904 0.0041  -0.0072 -0.0302 27  GLU A C   
213 O  O   . GLU A 27 ? 0.2731 0.3210 0.2249 -0.0139 -0.0320 -0.0079 27  GLU A O   
214 C  CB  . GLU A 27 ? 0.2611 0.3032 0.1943 -0.0406 0.0313  -0.0178 27  GLU A CB  
215 C  CG  . GLU A 27 ? 0.3307 0.2780 0.2091 -0.0432 0.0455  -0.0120 27  GLU A CG  
216 C  CD  . GLU A 27 ? 0.5052 0.2845 0.1904 0.1104  0.0146  -0.0091 27  GLU A CD  
217 O  OE1 . GLU A 27 ? 0.5825 0.2750 0.3194 0.1072  -0.0010 0.0141  27  GLU A OE1 
218 O  OE2 . GLU A 27 ? 0.4230 0.3275 0.2047 0.0366  0.0405  -0.0442 27  GLU A OE2 
219 N  N   . GLU A 28 ? 0.2908 0.2466 0.1647 0.0063  0.0028  -0.0101 28  GLU A N   
220 C  CA  . GLU A 28 ? 0.3377 0.2128 0.1945 0.0015  -0.0305 -0.0185 28  GLU A CA  
221 C  C   . GLU A 28 ? 0.3302 0.2191 0.1679 0.0205  -0.0043 -0.0354 28  GLU A C   
222 O  O   . GLU A 28 ? 0.4756 0.2409 0.1954 -0.0069 -0.0659 -0.0391 28  GLU A O   
223 C  CB  . GLU A 28 ? 0.4326 0.2289 0.2375 0.0678  -0.0003 -0.0077 28  GLU A CB  
224 C  CG  . GLU A 28 ? 0.7945 0.3622 0.2505 0.1741  -0.1383 0.0451  28  GLU A CG  
225 C  CD  . GLU A 28 ? 0.8712 0.3927 0.3781 0.2571  -0.1041 0.0515  28  GLU A CD  
226 O  OE1 . GLU A 28 ? 0.9508 0.4815 0.4423 0.3205  0.0105  -0.0234 28  GLU A OE1 
227 O  OE2 . GLU A 28 ? 0.9013 0.7016 0.5864 0.2753  -0.1960 0.2869  28  GLU A OE2 
228 N  N   . ALA A 29 ? 0.3388 0.2174 0.1806 0.0183  -0.0283 -0.0199 29  ALA A N   
229 C  CA  . ALA A 29 ? 0.2508 0.2360 0.1928 -0.0023 -0.0346 -0.0101 29  ALA A CA  
230 C  C   . ALA A 29 ? 0.2592 0.2316 0.1946 0.0076  -0.0165 -0.0157 29  ALA A C   
231 O  O   . ALA A 29 ? 0.3292 0.2535 0.2097 0.0265  -0.0391 0.0003  29  ALA A O   
232 C  CB  . ALA A 29 ? 0.2592 0.3023 0.2150 -0.0298 -0.0140 -0.0252 29  ALA A CB  
233 N  N   . GLY A 30 ? 0.2733 0.2800 0.1923 0.0187  -0.0128 -0.0209 30  GLY A N   
234 C  CA  . GLY A 30 ? 0.2624 0.3174 0.1806 0.0148  -0.0196 -0.0202 30  GLY A CA  
235 C  C   . GLY A 30 ? 0.2705 0.3228 0.2234 0.0676  -0.0421 -0.0322 30  GLY A C   
236 O  O   . GLY A 30 ? 0.2562 0.3599 0.3032 0.0752  -0.0318 -0.0228 30  GLY A O   
237 N  N   . LEU A 31 ? 0.2687 0.2625 0.2001 0.0566  -0.0303 -0.0255 31  LEU A N   
238 C  CA  . LEU A 31 ? 0.2512 0.2399 0.1978 0.0424  0.0254  -0.0069 31  LEU A CA  
239 C  C   . LEU A 31 ? 0.2844 0.2554 0.2127 0.0330  0.0515  -0.0035 31  LEU A C   
240 O  O   . LEU A 31 ? 0.3374 0.2501 0.2087 0.0084  0.0345  -0.0083 31  LEU A O   
241 C  CB  . LEU A 31 ? 0.2656 0.2453 0.2026 0.0166  0.0167  0.0209  31  LEU A CB  
242 C  CG  . LEU A 31 ? 0.2920 0.2642 0.2074 0.0115  0.0229  0.0447  31  LEU A CG  
243 C  CD1 . LEU A 31 ? 0.2849 0.3215 0.3790 -0.0072 0.0423  0.1040  31  LEU A CD1 
244 C  CD2 . LEU A 31 ? 0.3437 0.3520 0.2490 0.0597  0.0378  0.0951  31  LEU A CD2 
245 N  N   . ASP A 32 ? 0.2925 0.2725 0.2138 0.0687  0.0592  0.0142  32  ASP A N   
246 C  CA  . ASP A 32 ? 0.2306 0.3073 0.1946 0.0457  0.0243  -0.0237 32  ASP A CA  
247 C  C   . ASP A 32 ? 0.2609 0.2220 0.2374 -0.0178 0.0264  0.0229  32  ASP A C   
248 O  O   . ASP A 32 ? 0.3351 0.2721 0.5288 0.0416  -0.1012 -0.0912 32  ASP A O   
249 C  CB  . ASP A 32 ? 0.2252 0.4000 0.2931 0.0592  0.0274  -0.0296 32  ASP A CB  
250 C  CG  . ASP A 32 ? 0.2552 0.4583 0.4407 0.0215  -0.0513 -0.0134 32  ASP A CG  
251 O  OD1 . ASP A 32 ? 0.2504 0.5066 0.6896 -0.0502 -0.0627 0.0948  32  ASP A OD1 
252 O  OD2 . ASP A 32 ? 0.3080 0.5767 0.2728 0.0619  0.0121  -0.1273 32  ASP A OD2 
253 N  N   . LEU A 33 ? 0.2863 0.2517 0.2224 0.0067  -0.0101 -0.0245 33  LEU A N   
254 C  CA  . LEU A 33 ? 0.2597 0.2185 0.2014 -0.0302 0.0426  -0.0078 33  LEU A CA  
255 C  C   . LEU A 33 ? 0.1912 0.2240 0.2015 -0.0165 0.0135  0.0114  33  LEU A C   
256 O  O   . LEU A 33 ? 0.2503 0.2276 0.2012 -0.0204 0.0340  0.0166  33  LEU A O   
257 C  CB  . LEU A 33 ? 0.2562 0.2991 0.1912 -0.0188 0.0441  0.0127  33  LEU A CB  
258 C  CG  . LEU A 33 ? 0.3202 0.2708 0.2140 -0.0521 0.0884  -0.0253 33  LEU A CG  
259 C  CD1 . LEU A 33 ? 0.3089 0.3296 0.2937 -0.0555 0.1183  -0.0554 33  LEU A CD1 
260 C  CD2 . LEU A 33 ? 0.4548 0.2973 0.2117 -0.0345 0.0967  0.0184  33  LEU A CD2 
261 N  N   . PRO A 34 ? 0.2439 0.2406 0.1928 -0.0249 0.0281  0.0028  34  PRO A N   
262 C  CA  . PRO A 34 ? 0.1998 0.2217 0.2032 0.0058  0.0120  0.0056  34  PRO A CA  
263 C  C   . PRO A 34 ? 0.1852 0.2020 0.2096 0.0118  0.0296  -0.0013 34  PRO A C   
264 O  O   . PRO A 34 ? 0.1920 0.2618 0.2215 0.0352  0.0433  0.0089  34  PRO A O   
265 C  CB  . PRO A 34 ? 0.2440 0.2132 0.2347 0.0383  0.0409  0.0005  34  PRO A CB  
266 C  CG  . PRO A 34 ? 0.2856 0.2126 0.1986 -0.0060 0.0261  0.0062  34  PRO A CG  
267 C  CD  . PRO A 34 ? 0.3160 0.2138 0.2130 -0.0163 0.0323  -0.0097 34  PRO A CD  
268 N  N   . TYR A 35 ? 0.2068 0.2351 0.1995 -0.0024 0.0176  0.0180  35  TYR A N   
269 C  CA  . TYR A 35 ? 0.2278 0.2594 0.1764 0.0333  0.0350  0.0062  35  TYR A CA  
270 C  C   . TYR A 35 ? 0.1926 0.2317 0.1761 -0.0138 0.0171  -0.0051 35  TYR A C   
271 O  O   . TYR A 35 ? 0.2022 0.2447 0.2040 0.0002  0.0264  -0.0237 35  TYR A O   
272 C  CB  . TYR A 35 ? 0.2140 0.2600 0.2159 0.0326  0.0284  -0.0080 35  TYR A CB  
273 C  CG  . TYR A 35 ? 0.2073 0.2579 0.2221 0.0240  0.0419  0.0026  35  TYR A CG  
274 C  CD1 . TYR A 35 ? 0.2425 0.2154 0.2369 0.0181  0.0172  -0.0084 35  TYR A CD1 
275 C  CD2 . TYR A 35 ? 0.3103 0.2919 0.1938 -0.0209 0.0636  -0.0160 35  TYR A CD2 
276 C  CE1 . TYR A 35 ? 0.2849 0.2251 0.2483 -0.0034 0.0131  -0.0241 35  TYR A CE1 
277 C  CE2 . TYR A 35 ? 0.4037 0.2719 0.2402 -0.0699 0.0402  -0.0087 35  TYR A CE2 
278 C  CZ  . TYR A 35 ? 0.3459 0.2621 0.2615 -0.0552 0.0293  -0.0243 35  TYR A CZ  
279 O  OH  . TYR A 35 ? 0.3444 0.2597 0.3318 -0.0551 0.0300  -0.0392 35  TYR A OH  
280 N  N   . SER A 36 ? 0.2586 0.2365 0.1733 -0.0018 0.0173  0.0080  36  SER A N   
281 C  CA  . SER A 36 ? 0.2366 0.2733 0.1921 -0.0253 0.0048  0.0242  36  SER A CA  
282 C  C   . SER A 36 ? 0.2334 0.2857 0.2279 -0.0362 0.0277  0.0540  36  SER A C   
283 O  O   . SER A 36 ? 0.2880 0.2709 0.2862 -0.0345 0.0479  0.0176  36  SER A O   
284 C  CB  . SER A 36 ? 0.2280 0.3427 0.1994 -0.0282 0.0666  -0.0147 36  SER A CB  
285 O  OG  A SER A 36 ? 0.5074 0.4334 0.3809 0.1385  -0.1649 -0.1624 36  SER A OG  
286 O  OG  B SER A 36 ? 0.3105 0.2999 0.2561 -0.0095 0.1005  0.0571  36  SER A OG  
287 N  N   . CYS A 37 ? 0.2459 0.3475 0.2301 0.0315  0.0185  0.0367  37  CYS A N   
288 C  CA  . CYS A 37 ? 0.2961 0.3546 0.2268 0.0470  0.0326  0.0429  37  CYS A CA  
289 C  C   . CYS A 37 ? 0.4408 0.2842 0.2532 0.0111  0.0751  0.0449  37  CYS A C   
290 O  O   . CYS A 37 ? 0.3282 0.2883 0.2975 -0.0382 -0.0315 0.0377  37  CYS A O   
291 C  CB  . CYS A 37 ? 0.3245 0.3799 0.2004 0.0292  0.0278  0.0766  37  CYS A CB  
292 S  SG  . CYS A 37 ? 0.3241 0.2879 0.2497 0.0148  0.0157  0.0221  37  CYS A SG  
293 N  N   . ARG A 38 ? 0.2966 0.3350 0.2079 0.0414  0.0215  0.0437  38  ARG A N   
294 C  CA  . ARG A 38 ? 0.3258 0.2052 0.2417 -0.0139 0.0192  0.0033  38  ARG A CA  
295 C  C   . ARG A 38 ? 0.3511 0.2447 0.2629 0.0259  0.0226  0.0006  38  ARG A C   
296 O  O   . ARG A 38 ? 0.3836 0.2850 0.2660 0.0653  0.0179  -0.0033 38  ARG A O   
297 C  CB  . ARG A 38 ? 0.3930 0.2532 0.4095 -0.0708 -0.0475 -0.0075 38  ARG A CB  
298 C  CG  . ARG A 38 ? 0.5109 0.4141 0.4449 -0.0564 -0.1611 -0.0469 38  ARG A CG  
299 C  CD  . ARG A 38 ? 0.6557 0.3686 0.3547 -0.0599 -0.1232 -0.0509 38  ARG A CD  
300 N  NE  . ARG A 38 ? 0.5464 0.3302 0.4294 0.1050  -0.1051 -0.0137 38  ARG A NE  
301 C  CZ  . ARG A 38 ? 0.6065 0.1775 0.4030 0.0219  -0.0095 -0.0089 38  ARG A CZ  
302 N  NH1 . ARG A 38 ? 0.5464 0.2209 0.2079 0.0031  -0.0155 0.0169  38  ARG A NH1 
303 N  NH2 . ARG A 38 ? 0.3893 0.3774 0.4268 -0.0213 -0.0817 -0.0980 38  ARG A NH2 
304 N  N   . ALA A 39 ? 0.2932 0.2333 0.2518 0.0067  0.0324  0.0266  39  ALA A N   
305 C  CA  . ALA A 39 ? 0.3064 0.2466 0.2926 0.0302  0.0382  0.0521  39  ALA A CA  
306 C  C   . ALA A 39 ? 0.2985 0.3135 0.2431 0.0204  0.0244  0.0674  39  ALA A C   
307 O  O   . ALA A 39 ? 0.3641 0.3178 0.2506 0.0831  -0.0074 0.0201  39  ALA A O   
308 C  CB  . ALA A 39 ? 0.2853 0.4053 0.2568 -0.0288 -0.0246 0.0817  39  ALA A CB  
309 N  N   . GLY A 40 ? 0.2575 0.2672 0.1810 0.0341  0.0401  -0.0020 40  GLY A N   
310 C  CA  . GLY A 40 ? 0.2874 0.2831 0.2260 0.0270  0.0058  -0.0213 40  GLY A CA  
311 C  C   . GLY A 40 ? 0.2805 0.3088 0.2049 0.0302  -0.0171 0.0018  40  GLY A C   
312 O  O   . GLY A 40 ? 0.2864 0.3316 0.2541 0.0333  -0.0426 -0.0152 40  GLY A O   
313 N  N   . ALA A 41 ? 0.2794 0.3569 0.1913 0.0488  -0.0153 -0.0136 41  ALA A N   
314 C  CA  . ALA A 41 ? 0.3750 0.2979 0.1940 0.0337  -0.0006 0.0038  41  ALA A CA  
315 C  C   . ALA A 41 ? 0.3862 0.3694 0.1830 0.0908  -0.0039 -0.0024 41  ALA A C   
316 O  O   . ALA A 41 ? 0.6943 0.3940 0.2018 0.1709  0.0754  0.0054  41  ALA A O   
317 C  CB  . ALA A 41 ? 0.4188 0.3658 0.2425 0.0134  0.0217  0.0510  41  ALA A CB  
318 N  N   . CYS A 42 ? 0.3037 0.2993 0.1910 0.0318  0.0070  -0.0119 42  CYS A N   
319 C  CA  . CYS A 42 ? 0.3009 0.2657 0.2636 0.0037  0.0111  -0.0148 42  CYS A CA  
320 C  C   . CYS A 42 ? 0.2963 0.2723 0.2407 0.0235  0.0380  -0.0291 42  CYS A C   
321 O  O   . CYS A 42 ? 0.3054 0.3102 0.3158 0.0188  0.0641  -0.0522 42  CYS A O   
322 C  CB  . CYS A 42 ? 0.2916 0.2817 0.2240 0.0173  0.0233  -0.0255 42  CYS A CB  
323 S  SG  . CYS A 42 ? 0.2964 0.3010 0.2208 0.0092  0.0332  -0.0262 42  CYS A SG  
324 N  N   . SER A 43 ? 0.2782 0.2949 0.3025 0.0096  0.0004  0.0191  43  SER A N   
325 C  CA  . SER A 43 ? 0.2345 0.2837 0.3095 0.0003  0.0062  0.0046  43  SER A CA  
326 C  C   . SER A 43 ? 0.2588 0.2383 0.2789 -0.0070 0.0135  -0.0148 43  SER A C   
327 O  O   . SER A 43 ? 0.2514 0.2606 0.2401 -0.0136 0.0335  -0.0267 43  SER A O   
328 C  CB  . SER A 43 ? 0.2171 0.3140 0.2958 -0.0026 0.0041  -0.0133 43  SER A CB  
329 O  OG  . SER A 43 ? 0.2771 0.4190 0.2878 -0.0168 0.0184  -0.0746 43  SER A OG  
330 N  N   . SER A 44 ? 0.2629 0.2531 0.2172 -0.0187 0.0333  -0.0488 44  SER A N   
331 C  CA  . SER A 44 ? 0.2628 0.2177 0.2075 -0.0078 0.0383  -0.0463 44  SER A CA  
332 C  C   . SER A 44 ? 0.2629 0.2130 0.2120 0.0260  0.0467  -0.0300 44  SER A C   
333 O  O   . SER A 44 ? 0.2809 0.3131 0.2233 0.0690  0.0340  -0.0083 44  SER A O   
334 C  CB  . SER A 44 ? 0.2699 0.2647 0.2311 -0.0346 0.0442  -0.0485 44  SER A CB  
335 O  OG  . SER A 44 ? 0.3195 0.3809 0.2599 -0.0109 0.0881  -0.0527 44  SER A OG  
336 N  N   . CYS A 45 ? 0.2574 0.2068 0.2126 0.0174  0.0586  -0.0058 45  CYS A N   
337 C  CA  . CYS A 45 ? 0.1895 0.2335 0.2212 0.0163  0.0435  -0.0200 45  CYS A CA  
338 C  C   . CYS A 45 ? 0.1968 0.2162 0.2391 0.0169  0.0621  -0.0491 45  CYS A C   
339 O  O   . CYS A 45 ? 0.2255 0.2095 0.2267 0.0237  0.0716  -0.0150 45  CYS A O   
340 C  CB  . CYS A 45 ? 0.2478 0.2235 0.1501 0.0000  0.0174  -0.0136 45  CYS A CB  
341 S  SG  . CYS A 45 ? 0.2247 0.2343 0.2178 0.0212  0.0218  -0.0137 45  CYS A SG  
342 N  N   . ALA A 46 ? 0.2336 0.2132 0.2341 0.0063  0.0422  -0.0341 46  ALA A N   
343 C  CA  . ALA A 46 ? 0.2152 0.2317 0.1866 0.0160  0.0242  -0.0294 46  ALA A CA  
344 C  C   . ALA A 46 ? 0.2295 0.2247 0.2232 0.0263  0.0384  -0.0070 46  ALA A C   
345 O  O   . ALA A 46 ? 0.2406 0.2104 0.2468 0.0318  0.0462  0.0112  46  ALA A O   
346 C  CB  . ALA A 46 ? 0.2830 0.2608 0.2324 -0.0169 0.0421  -0.0686 46  ALA A CB  
347 N  N   . GLY A 47 ? 0.2174 0.2137 0.2347 0.0084  0.0389  -0.0009 47  GLY A N   
348 C  CA  . GLY A 47 ? 0.2483 0.2094 0.2302 -0.0222 0.0309  -0.0117 47  GLY A CA  
349 C  C   . GLY A 47 ? 0.2400 0.1822 0.2137 0.0001  0.0412  -0.0201 47  GLY A C   
350 O  O   . GLY A 47 ? 0.2398 0.2205 0.2348 0.0243  0.0240  -0.0185 47  GLY A O   
351 N  N   . LYS A 48 ? 0.2498 0.2039 0.2588 -0.0001 0.0711  0.0015  48  LYS A N   
352 C  CA  . LYS A 48 ? 0.2564 0.1986 0.2876 -0.0070 0.0726  -0.0176 48  LYS A CA  
353 C  C   . LYS A 48 ? 0.2281 0.2140 0.2836 -0.0269 0.0663  -0.0119 48  LYS A C   
354 O  O   . LYS A 48 ? 0.2415 0.2686 0.2832 0.0112  0.0610  -0.0261 48  LYS A O   
355 C  CB  . LYS A 48 ? 0.3361 0.1985 0.4678 -0.0270 0.1406  -0.0387 48  LYS A CB  
356 C  CG  . LYS A 48 ? 0.4267 0.2789 0.7010 -0.1196 0.0590  -0.0665 48  LYS A CG  
357 C  CD  . LYS A 48 ? 0.6513 0.3089 0.7890 -0.1172 -0.0132 -0.1294 48  LYS A CD  
358 C  CE  . LYS A 48 ? 0.7039 0.3626 0.9525 -0.1344 -0.1000 -0.1842 48  LYS A CE  
359 N  NZ  . LYS A 48 ? 1.0032 0.5627 1.3441 -0.2096 -0.0820 -0.5287 48  LYS A NZ  
360 N  N   . VAL A 49 ? 0.2325 0.2122 0.2653 -0.0247 0.0733  0.0025  49  VAL A N   
361 C  CA  . VAL A 49 ? 0.2022 0.2655 0.2694 -0.0297 0.0688  0.0050  49  VAL A CA  
362 C  C   . VAL A 49 ? 0.2334 0.2792 0.2550 -0.0607 0.0790  -0.0258 49  VAL A C   
363 O  O   . VAL A 49 ? 0.2861 0.3394 0.3244 -0.0975 0.0364  -0.0434 49  VAL A O   
364 C  CB  . VAL A 49 ? 0.2186 0.3004 0.3205 0.0048  0.0836  -0.0003 49  VAL A CB  
365 C  CG1 . VAL A 49 ? 0.2862 0.2687 0.3586 -0.0058 0.1181  -0.0291 49  VAL A CG1 
366 C  CG2 . VAL A 49 ? 0.2225 0.2700 0.2951 0.0192  0.0457  0.0012  49  VAL A CG2 
367 N  N   . GLU A 50 ? 0.2685 0.2151 0.2864 -0.0181 0.0563  0.0027  50  GLU A N   
368 C  CA  . GLU A 50 ? 0.3134 0.1649 0.3144 -0.0207 0.0817  -0.0254 50  GLU A CA  
369 C  C   . GLU A 50 ? 0.2978 0.2046 0.3336 -0.0274 0.0918  -0.0106 50  GLU A C   
370 O  O   . GLU A 50 ? 0.3089 0.2160 0.4440 -0.0252 0.1146  0.0120  50  GLU A O   
371 C  CB  . GLU A 50 ? 0.3221 0.1880 0.3241 -0.0110 0.1007  0.0107  50  GLU A CB  
372 C  CG  . GLU A 50 ? 0.3196 0.2883 0.3831 0.0233  0.1209  0.0282  50  GLU A CG  
373 C  CD  . GLU A 50 ? 0.3018 0.3543 0.4998 0.0338  0.1031  0.0917  50  GLU A CD  
374 O  OE1 . GLU A 50 ? 0.4522 0.3255 0.4746 0.0149  0.0064  0.0642  50  GLU A OE1 
375 O  OE2 . GLU A 50 ? 0.3875 0.2803 0.6359 0.0502  0.1838  0.1332  50  GLU A OE2 
376 N  N   . SER A 51 ? 0.2592 0.2141 0.3252 -0.0019 0.0924  -0.0205 51  SER A N   
377 C  CA  . SER A 51 ? 0.2508 0.2196 0.3300 0.0154  0.0962  0.0253  51  SER A CA  
378 C  C   . SER A 51 ? 0.2273 0.2155 0.3099 0.0186  0.0678  0.0109  51  SER A C   
379 O  O   . SER A 51 ? 0.2294 0.2172 0.2936 0.0057  0.0613  -0.0029 51  SER A O   
380 C  CB  . SER A 51 ? 0.2893 0.2690 0.3347 0.0301  0.1286  0.0572  51  SER A CB  
381 O  OG  . SER A 51 ? 0.2885 0.2633 0.3382 0.0013  0.1171  -0.0121 51  SER A OG  
382 N  N   . GLY A 52 ? 0.2287 0.2330 0.3194 0.0208  0.0813  0.0154  52  GLY A N   
383 C  CA  . GLY A 52 ? 0.2308 0.2388 0.3135 0.0391  0.0795  0.0223  52  GLY A CA  
384 C  C   . GLY A 52 ? 0.3221 0.2337 0.3061 0.0403  0.0559  0.0073  52  GLY A C   
385 O  O   . GLY A 52 ? 0.2544 0.2406 0.3279 0.0031  0.0561  -0.0052 52  GLY A O   
386 N  N   . GLU A 53 ? 0.3237 0.2421 0.2826 -0.0245 0.0721  0.0035  53  GLU A N   
387 C  CA  . GLU A 53 ? 0.2285 0.2653 0.3202 -0.0100 0.0439  0.0413  53  GLU A CA  
388 C  C   . GLU A 53 ? 0.2113 0.2692 0.2476 -0.0076 0.0306  0.0128  53  GLU A C   
389 O  O   . GLU A 53 ? 0.2338 0.2685 0.2543 0.0043  0.0289  0.0018  53  GLU A O   
390 C  CB  . GLU A 53 ? 0.2066 0.3653 0.5246 0.0098  0.0670  0.0766  53  GLU A CB  
391 C  CG  . GLU A 53 ? 0.2229 0.3521 0.6279 0.0141  0.0608  0.0889  53  GLU A CG  
392 C  CD  . GLU A 53 ? 0.3295 0.3866 0.7656 -0.0050 0.0538  -0.0221 53  GLU A CD  
393 O  OE1 . GLU A 53 ? 0.6408 0.9655 0.6328 -0.3610 0.0902  -0.1460 53  GLU A OE1 
394 O  OE2 . GLU A 53 ? 0.4482 0.4667 0.9489 -0.1036 0.0978  -0.0796 53  GLU A OE2 
395 N  N   . VAL A 54 ? 0.2416 0.2374 0.2502 0.0122  0.0406  0.0251  54  VAL A N   
396 C  CA  . VAL A 54 ? 0.1984 0.2153 0.2363 0.0226  0.0153  0.0120  54  VAL A CA  
397 C  C   . VAL A 54 ? 0.1887 0.2477 0.2413 0.0073  0.0086  0.0315  54  VAL A C   
398 O  O   . VAL A 54 ? 0.2123 0.2880 0.3029 0.0091  -0.0303 0.0163  54  VAL A O   
399 C  CB  . VAL A 54 ? 0.2198 0.2578 0.2145 0.0470  0.0290  0.0136  54  VAL A CB  
400 C  CG1 . VAL A 54 ? 0.2534 0.2944 0.2180 0.0969  0.0501  0.0279  54  VAL A CG1 
401 C  CG2 . VAL A 54 ? 0.2301 0.3405 0.2343 0.0399  0.0275  -0.0204 54  VAL A CG2 
402 N  N   . ASP A 55 ? 0.2113 0.2213 0.2501 0.0268  0.0184  0.0208  55  ASP A N   
403 C  CA  . ASP A 55 ? 0.2295 0.2175 0.2695 0.0367  0.0257  0.0269  55  ASP A CA  
404 C  C   . ASP A 55 ? 0.2219 0.2067 0.2376 0.0136  0.0052  0.0119  55  ASP A C   
405 O  O   . ASP A 55 ? 0.2334 0.2181 0.2374 0.0111  -0.0115 0.0251  55  ASP A O   
406 C  CB  . ASP A 55 ? 0.2571 0.2237 0.3801 0.0589  0.0496  0.0360  55  ASP A CB  
407 C  CG  . ASP A 55 ? 0.2510 0.3060 0.4829 0.0624  0.0413  0.1571  55  ASP A CG  
408 O  OD1 . ASP A 55 ? 0.2560 0.2336 0.3058 0.0536  -0.0170 -0.0402 55  ASP A OD1 
409 O  OD2 . ASP A 55 ? 0.2610 0.6156 0.6411 0.0990  0.0532  0.3137  55  ASP A OD2 
410 N  N   . GLN A 56 ? 0.2131 0.2255 0.2512 0.0469  -0.0076 -0.0115 56  GLN A N   
411 C  CA  . GLN A 56 ? 0.2262 0.1930 0.2261 0.0170  -0.0142 -0.0074 56  GLN A CA  
412 C  C   . GLN A 56 ? 0.2901 0.1846 0.2231 0.0418  -0.0318 -0.0185 56  GLN A C   
413 O  O   . GLN A 56 ? 0.3235 0.2173 0.2192 0.0699  -0.0291 -0.0169 56  GLN A O   
414 C  CB  . GLN A 56 ? 0.2049 0.2057 0.2204 0.0316  -0.0171 -0.0012 56  GLN A CB  
415 C  CG  . GLN A 56 ? 0.2436 0.1992 0.2521 0.0471  -0.0496 -0.0219 56  GLN A CG  
416 C  CD  . GLN A 56 ? 0.2417 0.1996 0.2386 0.0427  -0.0165 -0.0034 56  GLN A CD  
417 O  OE1 . GLN A 56 ? 0.2439 0.2437 0.2772 0.0487  0.0033  -0.0294 56  GLN A OE1 
418 N  NE2 . GLN A 56 ? 0.3036 0.2092 0.3563 0.0094  0.0109  0.0044  56  GLN A NE2 
419 N  N   . SER A 57 ? 0.2889 0.2399 0.2015 0.0642  -0.0319 -0.0187 57  SER A N   
420 C  CA  . SER A 57 ? 0.2831 0.2396 0.2193 0.0351  -0.0529 0.0030  57  SER A CA  
421 C  C   . SER A 57 ? 0.2978 0.2629 0.2419 0.0565  -0.0317 0.0304  57  SER A C   
422 O  O   . SER A 57 ? 0.3137 0.2603 0.2448 0.0435  -0.0266 0.0357  57  SER A O   
423 C  CB  . SER A 57 ? 0.2957 0.2499 0.2612 0.0498  -0.0230 0.0341  57  SER A CB  
424 O  OG  . SER A 57 ? 0.2590 0.3321 0.3821 0.0526  -0.0220 0.0665  57  SER A OG  
425 N  N   . ASP A 58 ? 0.2886 0.2529 0.2183 0.0601  0.0047  0.0136  58  ASP A N   
426 C  CA  . ASP A 58 ? 0.3073 0.2438 0.2142 0.0681  0.0111  0.0083  58  ASP A CA  
427 C  C   . ASP A 58 ? 0.2943 0.2574 0.2032 0.0843  -0.0097 0.0130  58  ASP A C   
428 O  O   . ASP A 58 ? 0.3177 0.2633 0.2590 0.0269  0.0397  -0.0259 58  ASP A O   
429 C  CB  . ASP A 58 ? 0.2727 0.2522 0.2449 0.0723  0.0181  0.0017  58  ASP A CB  
430 C  CG  . ASP A 58 ? 0.3010 0.2914 0.2198 0.0546  0.0224  -0.0074 58  ASP A CG  
431 O  OD1 . ASP A 58 ? 0.3250 0.2620 0.2530 0.0472  0.0093  0.0078  58  ASP A OD1 
432 O  OD2 . ASP A 58 ? 0.2962 0.3224 0.2752 0.0698  0.0449  0.0470  58  ASP A OD2 
433 N  N   . GLN A 59 ? 0.2610 0.2436 0.2255 0.0645  -0.0235 -0.0023 59  GLN A N   
434 C  CA  . GLN A 59 ? 0.2883 0.2486 0.2163 0.0665  -0.0337 -0.0163 59  GLN A CA  
435 C  C   . GLN A 59 ? 0.2594 0.2984 0.2310 0.1011  -0.0444 -0.0196 59  GLN A C   
436 O  O   . GLN A 59 ? 0.2589 0.3327 0.2615 0.0625  -0.0471 -0.0022 59  GLN A O   
437 C  CB  . GLN A 59 ? 0.3555 0.2242 0.2467 0.0416  -0.0513 -0.0271 59  GLN A CB  
438 C  CG  . GLN A 59 ? 0.3213 0.2365 0.2349 0.0538  -0.0382 -0.0442 59  GLN A CG  
439 C  CD  . GLN A 59 ? 0.3333 0.2562 0.2151 0.0280  -0.0120 -0.0416 59  GLN A CD  
440 O  OE1 . GLN A 59 ? 0.3652 0.3102 0.2368 0.0640  0.0123  -0.0612 59  GLN A OE1 
441 N  NE2 . GLN A 59 ? 0.4228 0.3369 0.2425 0.0560  -0.0788 -0.0667 59  GLN A NE2 
442 N  N   . SER A 60 ? 0.3195 0.2873 0.2224 0.0951  -0.0122 -0.0244 60  SER A N   
443 C  CA  . SER A 60 ? 0.3519 0.3272 0.2281 0.0450  -0.0129 -0.0184 60  SER A CA  
444 C  C   . SER A 60 ? 0.3893 0.3987 0.2160 0.1019  -0.0394 -0.0682 60  SER A C   
445 O  O   . SER A 60 ? 0.6874 0.5919 0.2957 0.3099  -0.1944 -0.1760 60  SER A O   
446 C  CB  . SER A 60 ? 0.3964 0.4374 0.2669 0.0269  -0.0412 0.0658  60  SER A CB  
447 O  OG  . SER A 60 ? 0.4199 0.4771 0.2692 -0.0480 0.0026  0.0046  60  SER A OG  
448 N  N   . PHE A 61 ? 0.3705 0.3530 0.2035 0.0795  -0.0263 -0.0721 61  PHE A N   
449 C  CA  . PHE A 61 ? 0.3646 0.3463 0.2146 0.0559  -0.0349 -0.0943 61  PHE A CA  
450 C  C   . PHE A 61 ? 0.4456 0.3774 0.2234 0.0155  -0.0191 -0.1125 61  PHE A C   
451 O  O   . PHE A 61 ? 0.5025 0.3547 0.2248 -0.0043 0.0146  -0.1083 61  PHE A O   
452 C  CB  . PHE A 61 ? 0.3987 0.4144 0.3372 0.1246  -0.0942 -0.1610 61  PHE A CB  
453 C  CG  . PHE A 61 ? 0.5362 0.4820 0.3645 0.2112  -0.1479 -0.2169 61  PHE A CG  
454 C  CD1 . PHE A 61 ? 0.5042 0.6099 0.4652 0.2260  -0.0668 -0.2590 61  PHE A CD1 
455 C  CD2 . PHE A 61 ? 0.6765 0.4624 0.4424 0.2483  -0.2191 -0.2066 61  PHE A CD2 
456 C  CE1 . PHE A 61 ? 0.5173 0.6128 0.4928 0.2927  -0.0961 -0.2114 61  PHE A CE1 
457 C  CE2 . PHE A 61 ? 0.6466 0.4933 0.5198 0.2463  -0.1475 -0.2088 61  PHE A CE2 
458 C  CZ  . PHE A 61 ? 0.5193 0.6289 0.5509 0.2638  -0.1614 -0.1788 61  PHE A CZ  
459 N  N   . LEU A 62 ? 0.3968 0.3025 0.2344 0.0376  -0.0189 -0.1123 62  LEU A N   
460 C  CA  . LEU A 62 ? 0.4195 0.2825 0.2412 0.0259  -0.0688 -0.0951 62  LEU A CA  
461 C  C   . LEU A 62 ? 0.4311 0.3637 0.2504 0.0099  -0.0835 -0.0972 62  LEU A C   
462 O  O   . LEU A 62 ? 0.3352 0.3591 0.2968 -0.0270 -0.0864 -0.0671 62  LEU A O   
463 C  CB  . LEU A 62 ? 0.3483 0.3042 0.2522 0.0060  -0.0707 -0.0764 62  LEU A CB  
464 C  CG  . LEU A 62 ? 0.2960 0.2311 0.2328 -0.0207 -0.0267 -0.0543 62  LEU A CG  
465 C  CD1 . LEU A 62 ? 0.3708 0.3285 0.2210 -0.0757 -0.0105 -0.0005 62  LEU A CD1 
466 C  CD2 . LEU A 62 ? 0.4206 0.2004 0.3550 0.0041  -0.0833 -0.0464 62  LEU A CD2 
467 N  N   . ASP A 63 ? 0.4450 0.3784 0.3066 0.0003  -0.0958 -0.1177 63  ASP A N   
468 C  CA  . ASP A 63 ? 0.4885 0.4813 0.3231 -0.0234 -0.1363 -0.1314 63  ASP A CA  
469 C  C   . ASP A 63 ? 0.4293 0.4222 0.3645 -0.0057 -0.1472 -0.0930 63  ASP A C   
470 O  O   . ASP A 63 ? 0.4380 0.3834 0.3586 -0.0217 -0.1336 -0.0752 63  ASP A O   
471 C  CB  . ASP A 63 ? 0.5845 0.5366 0.3605 0.0425  -0.1930 -0.1839 63  ASP A CB  
472 C  CG  . ASP A 63 ? 0.7979 0.5124 0.3917 0.0212  -0.1467 -0.1808 63  ASP A CG  
473 O  OD1 . ASP A 63 ? 0.7495 0.4883 0.4329 -0.0870 -0.1113 -0.1773 63  ASP A OD1 
474 O  OD2 . ASP A 63 ? 1.0339 0.5037 0.4245 0.0559  -0.1083 -0.1989 63  ASP A OD2 
475 N  N   . ASP A 64 ? 0.4560 0.4459 0.4821 0.0560  -0.1856 -0.0561 64  ASP A N   
476 C  CA  . ASP A 64 ? 0.4160 0.4922 0.5925 0.1060  -0.1434 -0.0739 64  ASP A CA  
477 C  C   . ASP A 64 ? 0.3724 0.4924 0.5501 0.0627  -0.0872 -0.0915 64  ASP A C   
478 O  O   . ASP A 64 ? 0.4442 0.6038 0.5379 -0.0576 -0.1025 -0.1086 64  ASP A O   
479 C  CB  . ASP A 64 ? 0.4545 0.7007 0.6611 0.0934  -0.2056 0.0092  64  ASP A CB  
480 C  CG  . ASP A 64 ? 0.6231 0.7498 0.6420 0.1562  -0.2684 0.0850  64  ASP A CG  
481 O  OD1 . ASP A 64 ? 0.7827 0.6665 0.7343 0.1078  -0.3214 0.1170  64  ASP A OD1 
482 O  OD2 . ASP A 64 ? 0.9528 1.0241 0.6403 0.0879  -0.2652 0.1427  64  ASP A OD2 
483 N  N   . ALA A 65 ? 0.3638 0.4835 0.5836 0.0300  -0.1655 -0.1357 65  ALA A N   
484 C  CA  . ALA A 65 ? 0.4823 0.4828 0.4563 -0.0077 -0.1562 -0.1575 65  ALA A CA  
485 C  C   . ALA A 65 ? 0.4240 0.4978 0.4440 -0.0330 -0.1177 -0.1202 65  ALA A C   
486 O  O   . ALA A 65 ? 0.4821 0.5044 0.5304 -0.0913 -0.1689 -0.0338 65  ALA A O   
487 C  CB  . ALA A 65 ? 0.6029 0.5937 0.6118 0.1506  -0.3058 -0.3075 65  ALA A CB  
488 N  N   . GLN A 66 ? 0.4313 0.4272 0.4601 -0.0266 -0.0984 -0.1549 66  GLN A N   
489 C  CA  . GLN A 66 ? 0.3771 0.3542 0.4235 -0.0034 -0.0567 -0.1067 66  GLN A CA  
490 C  C   . GLN A 66 ? 0.3474 0.3422 0.3877 0.0044  -0.0545 -0.0690 66  GLN A C   
491 O  O   . GLN A 66 ? 0.3025 0.3753 0.4048 -0.0364 -0.0516 -0.0335 66  GLN A O   
492 C  CB  . GLN A 66 ? 0.4137 0.2926 0.3389 -0.0099 -0.0572 -0.1154 66  GLN A CB  
493 C  CG  . GLN A 66 ? 0.5119 0.3474 0.2943 -0.0353 -0.0348 -0.1361 66  GLN A CG  
494 C  CD  . GLN A 66 ? 0.4520 0.3204 0.4359 -0.0373 0.0045  -0.1840 66  GLN A CD  
495 O  OE1 . GLN A 66 ? 0.4421 0.3212 0.4675 -0.0285 0.0661  -0.1858 66  GLN A OE1 
496 N  NE2 . GLN A 66 ? 0.4587 0.3578 0.5221 0.0714  -0.0023 -0.0624 66  GLN A NE2 
497 N  N   . MET A 67 ? 0.3199 0.3064 0.4076 -0.0410 -0.0434 -0.0673 67  MET A N   
498 C  CA  . MET A 67 ? 0.3149 0.3438 0.4584 -0.0178 0.0196  -0.0714 67  MET A CA  
499 C  C   . MET A 67 ? 0.3165 0.3701 0.4582 -0.0529 -0.0124 -0.0651 67  MET A C   
500 O  O   . MET A 67 ? 0.2653 0.3788 0.4569 -0.0308 0.0132  -0.0867 67  MET A O   
501 C  CB  . MET A 67 ? 0.3038 0.3665 0.4738 0.0108  0.0493  -0.0519 67  MET A CB  
502 C  CG  . MET A 67 ? 0.3469 0.4237 0.3501 -0.0266 0.0309  0.0402  67  MET A CG  
503 S  SD  . MET A 67 ? 0.4354 0.3955 0.3669 -0.0395 -0.0146 -0.0432 67  MET A SD  
504 C  CE  . MET A 67 ? 0.3313 0.4132 0.4380 0.0265  -0.0453 -0.0036 67  MET A CE  
505 N  N   . GLY A 68 ? 0.3509 0.3847 0.4758 -0.0599 -0.0516 -0.0462 68  GLY A N   
506 C  CA  . GLY A 68 ? 0.2961 0.4241 0.5316 -0.0494 -0.0397 -0.0664 68  GLY A CA  
507 C  C   . GLY A 68 ? 0.3195 0.4013 0.5271 -0.0970 -0.0164 -0.0490 68  GLY A C   
508 O  O   . GLY A 68 ? 0.3606 0.6171 0.6643 -0.2052 0.0031  0.0758  68  GLY A O   
509 N  N   . LYS A 69 ? 0.3332 0.3673 0.5504 -0.0696 -0.0896 -0.0912 69  LYS A N   
510 C  CA  . LYS A 69 ? 0.4015 0.3131 0.5105 -0.0920 -0.0351 -0.0787 69  LYS A CA  
511 C  C   . LYS A 69 ? 0.4197 0.3051 0.4159 -0.0782 -0.0076 -0.0277 69  LYS A C   
512 O  O   . LYS A 69 ? 0.5056 0.3637 0.5239 -0.1152 -0.0531 0.0731  69  LYS A O   
513 C  CB  . LYS A 69 ? 0.5088 0.3416 0.6046 -0.0205 -0.0887 -0.1891 69  LYS A CB  
514 C  CG  . LYS A 69 ? 0.6174 0.5223 0.6095 -0.0185 -0.1918 -0.2454 69  LYS A CG  
515 C  CD  . LYS A 69 ? 0.7563 0.5815 0.6381 0.0438  -0.0577 -0.3177 69  LYS A CD  
516 C  CE  . LYS A 69 ? 0.8535 0.5487 0.7728 0.1594  -0.0498 -0.3783 69  LYS A CE  
517 N  NZ  . LYS A 69 ? 1.1672 0.8857 0.7996 0.1910  0.0821  -0.4764 69  LYS A NZ  
518 N  N   . GLY A 70 ? 0.3504 0.3150 0.4084 -0.1014 0.0109  -0.0473 70  GLY A N   
519 C  CA  . GLY A 70 ? 0.3092 0.3167 0.3613 -0.0906 0.0250  -0.0102 70  GLY A CA  
520 C  C   . GLY A 70 ? 0.2857 0.2518 0.3693 -0.0502 0.0429  -0.0270 70  GLY A C   
521 O  O   . GLY A 70 ? 0.2376 0.2389 0.3422 -0.0173 0.0749  -0.0360 70  GLY A O   
522 N  N   . PHE A 71 ? 0.2455 0.2286 0.3319 -0.0259 -0.0101 -0.0018 71  PHE A N   
523 C  CA  . PHE A 71 ? 0.2403 0.2028 0.2902 -0.0171 0.0042  -0.0598 71  PHE A CA  
524 C  C   . PHE A 71 ? 0.2290 0.2061 0.2874 -0.0044 0.0020  -0.0484 71  PHE A C   
525 O  O   . PHE A 71 ? 0.2656 0.2174 0.3015 -0.0053 -0.0413 0.0110  71  PHE A O   
526 C  CB  . PHE A 71 ? 0.2642 0.2223 0.2759 -0.0072 -0.0129 -0.0649 71  PHE A CB  
527 C  CG  . PHE A 71 ? 0.2879 0.2471 0.4050 0.0197  -0.0376 -0.1361 71  PHE A CG  
528 C  CD1 . PHE A 71 ? 0.2965 0.2360 0.4530 0.0403  -0.0506 -0.1432 71  PHE A CD1 
529 C  CD2 . PHE A 71 ? 0.2757 0.2376 0.4854 0.0165  -0.0414 -0.1343 71  PHE A CD2 
530 C  CE1 . PHE A 71 ? 0.3445 0.2496 0.5478 0.0552  -0.0448 -0.1526 71  PHE A CE1 
531 C  CE2 . PHE A 71 ? 0.3443 0.2539 0.5625 0.0500  -0.0388 -0.1835 71  PHE A CE2 
532 C  CZ  . PHE A 71 ? 0.3866 0.2366 0.5754 0.0812  -0.0674 -0.1895 71  PHE A CZ  
533 N  N   . VAL A 72 ? 0.2294 0.1947 0.2795 -0.0094 0.0051  -0.0554 72  VAL A N   
534 C  CA  . VAL A 72 ? 0.2097 0.1860 0.2285 0.0087  0.0201  -0.0283 72  VAL A CA  
535 C  C   . VAL A 72 ? 0.2080 0.1841 0.2137 0.0103  0.0237  -0.0091 72  VAL A C   
536 O  O   . VAL A 72 ? 0.2100 0.2006 0.2587 0.0207  0.0189  0.0081  72  VAL A O   
537 C  CB  . VAL A 72 ? 0.2075 0.1917 0.2286 0.0086  0.0338  -0.0234 72  VAL A CB  
538 C  CG1 . VAL A 72 ? 0.2748 0.2133 0.2345 0.0051  0.0269  0.0121  72  VAL A CG1 
539 C  CG2 . VAL A 72 ? 0.2381 0.1983 0.2715 0.0232  0.0288  -0.0507 72  VAL A CG2 
540 N  N   . LEU A 73 ? 0.2204 0.1881 0.2097 -0.0065 -0.0146 -0.0076 73  LEU A N   
541 C  CA  . LEU A 73 ? 0.1989 0.1691 0.2093 0.0096  -0.0229 -0.0057 73  LEU A CA  
542 C  C   . LEU A 73 ? 0.1961 0.1821 0.2050 0.0156  -0.0206 -0.0132 73  LEU A C   
543 O  O   . LEU A 73 ? 0.2157 0.1993 0.2062 0.0351  0.0005  -0.0155 73  LEU A O   
544 C  CB  . LEU A 73 ? 0.2050 0.2185 0.2009 0.0166  0.0093  -0.0084 73  LEU A CB  
545 C  CG  . LEU A 73 ? 0.2656 0.2292 0.2068 -0.0123 0.0064  -0.0127 73  LEU A CG  
546 C  CD1 . LEU A 73 ? 0.3067 0.2660 0.2064 -0.0545 -0.0323 0.0045  73  LEU A CD1 
547 C  CD2 . LEU A 73 ? 0.2911 0.2186 0.2304 -0.0072 0.0237  -0.0266 73  LEU A CD2 
548 N  N   . THR A 74 ? 0.2209 0.1800 0.1734 0.0222  0.0056  -0.0066 74  THR A N   
549 C  CA  . THR A 74 ? 0.2115 0.1969 0.1560 0.0066  0.0141  0.0049  74  THR A CA  
550 C  C   . THR A 74 ? 0.2743 0.1903 0.1465 -0.0026 -0.0018 0.0085  74  THR A C   
551 O  O   . THR A 74 ? 0.2386 0.1981 0.1716 0.0172  0.0109  -0.0054 74  THR A O   
552 C  CB  . THR A 74 ? 0.2228 0.1770 0.1665 0.0173  0.0165  0.0029  74  THR A CB  
553 O  OG1 . THR A 74 ? 0.2299 0.2356 0.1874 0.0362  0.0163  0.0190  74  THR A OG1 
554 C  CG2 . THR A 74 ? 0.2906 0.1959 0.2431 0.0037  0.0404  0.0377  74  THR A CG2 
555 N  N   . CYS A 75 ? 0.1974 0.2105 0.1681 -0.0088 -0.0003 0.0061  75  CYS A N   
556 C  CA  . CYS A 75 ? 0.2106 0.2056 0.2006 -0.0080 0.0141  0.0005  75  CYS A CA  
557 C  C   . CYS A 75 ? 0.2485 0.2094 0.1569 0.0103  -0.0007 -0.0244 75  CYS A C   
558 O  O   . CYS A 75 ? 0.2591 0.2032 0.1923 -0.0023 0.0020  -0.0074 75  CYS A O   
559 C  CB  . CYS A 75 ? 0.2263 0.2334 0.2009 -0.0181 0.0267  0.0066  75  CYS A CB  
560 S  SG  . CYS A 75 ? 0.2518 0.2399 0.2037 0.0276  0.0169  -0.0027 75  CYS A SG  
561 N  N   . VAL A 76 ? 0.2313 0.1773 0.1884 0.0129  0.0135  0.0093  76  VAL A N   
562 C  CA  . VAL A 76 ? 0.2438 0.1759 0.1858 0.0265  0.0221  -0.0033 76  VAL A CA  
563 C  C   . VAL A 76 ? 0.2295 0.1940 0.1823 0.0283  -0.0027 0.0109  76  VAL A C   
564 O  O   . VAL A 76 ? 0.2357 0.1909 0.2248 0.0424  -0.0085 0.0382  76  VAL A O   
565 C  CB  . VAL A 76 ? 0.2488 0.2008 0.1994 0.0338  0.0155  0.0160  76  VAL A CB  
566 C  CG1 . VAL A 76 ? 0.2989 0.2455 0.2159 0.0063  0.0285  0.0399  76  VAL A CG1 
567 C  CG2 . VAL A 76 ? 0.2531 0.2620 0.2059 0.0203  -0.0045 -0.0315 76  VAL A CG2 
568 N  N   . ALA A 77 ? 0.2129 0.1950 0.1687 0.0480  0.0120  0.0091  77  ALA A N   
569 C  CA  . ALA A 77 ? 0.2301 0.1823 0.1841 0.0278  0.0110  -0.0067 77  ALA A CA  
570 C  C   . ALA A 77 ? 0.2199 0.1641 0.1653 0.0346  0.0150  0.0067  77  ALA A C   
571 O  O   . ALA A 77 ? 0.2050 0.2259 0.1830 0.0294  0.0084  -0.0066 77  ALA A O   
572 C  CB  . ALA A 77 ? 0.2412 0.1735 0.2229 0.0313  0.0184  -0.0260 77  ALA A CB  
573 N  N   . TYR A 78 ? 0.2153 0.1800 0.1802 0.0379  0.0112  0.0193  78  TYR A N   
574 C  CA  . TYR A 78 ? 0.1816 0.2126 0.1982 0.0531  0.0350  0.0243  78  TYR A CA  
575 C  C   . TYR A 78 ? 0.2273 0.2048 0.2030 0.0268  0.0312  0.0160  78  TYR A C   
576 O  O   . TYR A 78 ? 0.2367 0.2351 0.2345 0.0156  0.0087  0.0259  78  TYR A O   
577 C  CB  . TYR A 78 ? 0.2304 0.2215 0.2367 0.0734  0.0603  0.0407  78  TYR A CB  
578 C  CG  . TYR A 78 ? 0.2610 0.2121 0.1688 0.0573  0.0230  0.0221  78  TYR A CG  
579 C  CD1 . TYR A 78 ? 0.3218 0.2083 0.1668 0.0360  -0.0153 0.0390  78  TYR A CD1 
580 C  CD2 . TYR A 78 ? 0.2505 0.2002 0.2069 0.0481  -0.0121 0.0258  78  TYR A CD2 
581 C  CE1 . TYR A 78 ? 0.2927 0.2125 0.1904 0.0464  -0.0228 0.0427  78  TYR A CE1 
582 C  CE2 . TYR A 78 ? 0.2880 0.1908 0.1774 0.0503  -0.0084 0.0199  78  TYR A CE2 
583 C  CZ  . TYR A 78 ? 0.2726 0.2000 0.1569 0.0409  0.0064  0.0302  78  TYR A CZ  
584 O  OH  . TYR A 78 ? 0.2942 0.2447 0.2233 0.0203  0.0264  0.0613  78  TYR A OH  
585 N  N   . PRO A 79 ? 0.2157 0.2156 0.2046 0.0439  0.0313  0.0265  79  PRO A N   
586 C  CA  . PRO A 79 ? 0.2359 0.1915 0.2015 0.0383  0.0458  0.0065  79  PRO A CA  
587 C  C   . PRO A 79 ? 0.2344 0.2024 0.2356 0.0336  0.0521  0.0160  79  PRO A C   
588 O  O   . PRO A 79 ? 0.2681 0.2137 0.2880 0.0379  0.1027  -0.0258 79  PRO A O   
589 C  CB  . PRO A 79 ? 0.2442 0.2106 0.2056 0.0313  0.0466  0.0187  79  PRO A CB  
590 C  CG  . PRO A 79 ? 0.2526 0.2529 0.2039 0.0016  0.0330  0.0245  79  PRO A CG  
591 C  CD  . PRO A 79 ? 0.2407 0.1831 0.1988 0.0414  0.0346  0.0111  79  PRO A CD  
592 N  N   . THR A 80 ? 0.2306 0.2313 0.2483 0.0246  0.0696  0.0172  80  THR A N   
593 C  CA  . THR A 80 ? 0.2373 0.2346 0.2771 0.0420  0.0782  0.0444  80  THR A CA  
594 C  C   . THR A 80 ? 0.2493 0.2327 0.3289 0.0808  0.1146  0.0788  80  THR A C   
595 O  O   . THR A 80 ? 0.2764 0.3493 0.3394 0.1147  0.1444  0.1090  80  THR A O   
596 C  CB  . THR A 80 ? 0.2485 0.2944 0.3194 0.0282  0.0465  0.0437  80  THR A CB  
597 O  OG1 . THR A 80 ? 0.2708 0.3025 0.3419 0.0409  0.0305  0.0097  80  THR A OG1 
598 C  CG2 . THR A 80 ? 0.2287 0.3467 0.2736 0.0341  0.0254  0.0341  80  THR A CG2 
599 N  N   . SER A 81 ? 0.2671 0.2624 0.2628 0.0670  0.0588  0.0455  81  SER A N   
600 C  CA  . SER A 81 ? 0.2223 0.2813 0.2851 0.0563  0.0654  0.0683  81  SER A CA  
601 C  C   . SER A 81 ? 0.2073 0.2653 0.2421 0.0519  0.0758  0.0359  81  SER A C   
602 O  O   . SER A 81 ? 0.2276 0.3058 0.2603 0.0592  0.0943  0.0383  81  SER A O   
603 C  CB  . SER A 81 ? 0.1987 0.3301 0.2931 0.0437  0.0738  0.0430  81  SER A CB  
604 O  OG  . SER A 81 ? 0.2345 0.3152 0.2655 0.0463  0.0536  0.0466  81  SER A OG  
605 N  N   . ASP A 82 ? 0.2255 0.2605 0.2481 0.0517  0.0667  0.0404  82  ASP A N   
606 C  CA  . ASP A 82 ? 0.2392 0.2684 0.2181 0.0723  0.0861  0.0213  82  ASP A CA  
607 C  C   . ASP A 82 ? 0.2272 0.2940 0.2126 0.0347  0.0888  0.0057  82  ASP A C   
608 O  O   . ASP A 82 ? 0.2203 0.2692 0.2761 0.0515  0.0628  0.0224  82  ASP A O   
609 C  CB  . ASP A 82 ? 0.2614 0.2461 0.2066 0.0599  0.0731  0.0117  82  ASP A CB  
610 C  CG  . ASP A 82 ? 0.2557 0.2141 0.2198 0.0508  0.0811  0.0087  82  ASP A CG  
611 O  OD1 . ASP A 82 ? 0.2706 0.2265 0.2812 0.0260  0.0889  0.0194  82  ASP A OD1 
612 O  OD2 . ASP A 82 ? 0.2553 0.2512 0.2076 0.0063  0.0607  0.0111  82  ASP A OD2 
613 N  N   . VAL A 83 ? 0.2181 0.1929 0.2090 0.0166  0.0722  0.0022  83  VAL A N   
614 C  CA  . VAL A 83 ? 0.1998 0.1965 0.2433 0.0114  0.0519  -0.0290 83  VAL A CA  
615 C  C   . VAL A 83 ? 0.2154 0.2003 0.2110 0.0174  0.0640  -0.0100 83  VAL A C   
616 O  O   . VAL A 83 ? 0.2190 0.2240 0.2730 0.0185  0.0335  -0.0094 83  VAL A O   
617 C  CB  . VAL A 83 ? 0.3130 0.3097 0.1738 0.1016  0.0399  0.0035  83  VAL A CB  
618 C  CG1 . VAL A 83 ? 0.6352 0.2862 0.2531 0.0843  0.1180  -0.0242 83  VAL A CG1 
619 C  CG2 . VAL A 83 ? 0.2809 0.4735 0.2698 0.1158  0.0333  0.0677  83  VAL A CG2 
620 N  N   . THR A 84 ? 0.2277 0.2054 0.2503 0.0273  0.0675  -0.0211 84  THR A N   
621 C  CA  . THR A 84 ? 0.2407 0.2117 0.2566 0.0362  0.0803  -0.0108 84  THR A CA  
622 C  C   . THR A 84 ? 0.2080 0.2359 0.2522 0.0315  0.0678  -0.0221 84  THR A C   
623 O  O   . THR A 84 ? 0.2048 0.2489 0.2641 0.0121  0.0661  -0.0117 84  THR A O   
624 C  CB  . THR A 84 ? 0.2754 0.2205 0.2703 0.0449  0.0766  0.0063  84  THR A CB  
625 O  OG1 . THR A 84 ? 0.2933 0.2234 0.2608 0.0344  0.0754  0.0011  84  THR A OG1 
626 C  CG2 . THR A 84 ? 0.3044 0.2129 0.3590 0.0556  0.1057  -0.0048 84  THR A CG2 
627 N  N   . ILE A 85 ? 0.2119 0.2103 0.2189 0.0160  0.0524  -0.0178 85  ILE A N   
628 C  CA  . ILE A 85 ? 0.2351 0.1918 0.2329 0.0210  0.0764  -0.0141 85  ILE A CA  
629 C  C   . ILE A 85 ? 0.2588 0.2111 0.2000 0.0367  0.0696  -0.0004 85  ILE A C   
630 O  O   . ILE A 85 ? 0.2610 0.2279 0.2432 0.0262  0.0494  -0.0013 85  ILE A O   
631 C  CB  . ILE A 85 ? 0.2807 0.2096 0.2502 0.0239  0.0796  0.0165  85  ILE A CB  
632 C  CG1 . ILE A 85 ? 0.3232 0.2396 0.2991 0.0307  0.0314  0.0447  85  ILE A CG1 
633 C  CG2 . ILE A 85 ? 0.3765 0.2036 0.2083 -0.0204 0.0816  -0.0046 85  ILE A CG2 
634 C  CD1 . ILE A 85 ? 0.2810 0.2347 0.3151 0.0437  0.0453  0.0400  85  ILE A CD1 
635 N  N   . LEU A 86 ? 0.2468 0.1984 0.2470 0.0425  0.0622  -0.0118 86  LEU A N   
636 C  CA  . LEU A 86 ? 0.2331 0.1775 0.2750 0.0271  0.0642  -0.0051 86  LEU A CA  
637 C  C   . LEU A 86 ? 0.2362 0.1975 0.2557 0.0392  0.0592  0.0023  86  LEU A C   
638 O  O   . LEU A 86 ? 0.2420 0.2507 0.2595 0.0187  0.0485  0.0027  86  LEU A O   
639 C  CB  . LEU A 86 ? 0.3046 0.1794 0.2834 0.0196  0.0503  -0.0169 86  LEU A CB  
640 C  CG  . LEU A 86 ? 0.3391 0.1947 0.3375 0.0382  0.0617  -0.0335 86  LEU A CG  
641 C  CD1 . LEU A 86 ? 0.3398 0.2399 0.3842 0.0603  0.0679  0.0269  86  LEU A CD1 
642 C  CD2 . LEU A 86 ? 0.4309 0.1933 0.3905 -0.0025 0.0835  -0.0644 86  LEU A CD2 
643 N  N   . THR A 87 ? 0.2353 0.2154 0.2499 0.0220  0.0620  0.0057  87  THR A N   
644 C  CA  . THR A 87 ? 0.2487 0.2131 0.2354 0.0247  0.0619  0.0037  87  THR A CA  
645 C  C   . THR A 87 ? 0.3212 0.2330 0.2245 0.0190  0.0748  -0.0135 87  THR A C   
646 O  O   . THR A 87 ? 0.2838 0.2291 0.2941 0.0560  0.0820  0.0021  87  THR A O   
647 C  CB  . THR A 87 ? 0.2973 0.2188 0.2075 -0.0158 0.0746  0.0120  87  THR A CB  
648 O  OG1 . THR A 87 ? 0.3237 0.3072 0.2432 0.0338  0.0268  0.0192  87  THR A OG1 
649 C  CG2 . THR A 87 ? 0.2413 0.2999 0.1961 -0.0063 0.0560  -0.0176 87  THR A CG2 
650 N  N   . HIS A 88 ? 0.2691 0.2566 0.2454 0.0500  0.0759  0.0000  88  HIS A N   
651 C  CA  . HIS A 88 ? 0.2889 0.2373 0.2539 0.0694  0.0683  0.0009  88  HIS A CA  
652 C  C   . HIS A 88 ? 0.3307 0.2332 0.2691 0.0552  0.0625  -0.0020 88  HIS A C   
653 O  O   . HIS A 88 ? 0.3690 0.2688 0.2900 0.1033  0.0477  -0.0545 88  HIS A O   
654 C  CB  . HIS A 88 ? 0.3073 0.2610 0.3052 0.0791  0.0481  0.0198  88  HIS A CB  
655 C  CG  . HIS A 88 ? 0.2996 0.2694 0.3350 0.0803  0.0320  0.0213  88  HIS A CG  
656 N  ND1 . HIS A 88 ? 0.2872 0.2792 0.2961 0.0775  0.0147  0.0386  88  HIS A ND1 
657 C  CD2 . HIS A 88 ? 0.3021 0.3262 0.3069 0.0560  0.0635  0.0704  88  HIS A CD2 
658 C  CE1 . HIS A 88 ? 0.3003 0.2778 0.3574 0.0762  -0.0173 0.0365  88  HIS A CE1 
659 N  NE2 . HIS A 88 ? 0.2939 0.2539 0.4282 0.0642  0.0451  0.0476  88  HIS A NE2 
660 N  N   . GLN A 89 ? 0.2943 0.1915 0.2913 0.0272  0.0738  -0.0219 89  GLN A N   
661 C  CA  . GLN A 89 ? 0.2955 0.2007 0.3128 0.0126  0.0931  -0.0394 89  GLN A CA  
662 C  C   . GLN A 89 ? 0.2484 0.2373 0.3055 0.0263  0.0762  -0.0517 89  GLN A C   
663 O  O   . GLN A 89 ? 0.2944 0.2389 0.3497 0.0071  0.0462  -0.0572 89  GLN A O   
664 C  CB  . GLN A 89 ? 0.2976 0.2919 0.3256 -0.0139 0.1062  -0.0383 89  GLN A CB  
665 C  CG  . GLN A 89 ? 0.3608 0.3220 0.3080 -0.0473 0.1125  -0.0572 89  GLN A CG  
666 C  CD  . GLN A 89 ? 0.5098 0.2951 0.3458 -0.0684 0.1474  -0.0065 89  GLN A CD  
667 O  OE1 . GLN A 89 ? 0.6458 0.3289 0.3241 -0.0157 0.1131  -0.0754 89  GLN A OE1 
668 N  NE2 . GLN A 89 ? 0.4718 0.2312 0.4397 -0.0118 0.1412  -0.0385 89  GLN A NE2 
669 N  N   . GLU A 90 ? 0.2667 0.2484 0.2770 0.0161  0.0746  -0.0474 90  GLU A N   
670 C  CA  . GLU A 90 ? 0.2461 0.2533 0.2732 0.0468  0.0399  -0.0276 90  GLU A CA  
671 C  C   . GLU A 90 ? 0.2538 0.2886 0.2836 0.0736  0.0460  -0.0644 90  GLU A C   
672 O  O   . GLU A 90 ? 0.2872 0.2803 0.2965 0.0066  0.0259  -0.0297 90  GLU A O   
673 C  CB  . GLU A 90 ? 0.2487 0.3364 0.2181 0.0288  0.0521  -0.0465 90  GLU A CB  
674 C  CG  . GLU A 90 ? 0.2437 0.3101 0.2114 0.0306  0.0305  -0.0559 90  GLU A CG  
675 C  CD  . GLU A 90 ? 0.2406 0.3459 0.2478 0.0212  0.0454  -0.0339 90  GLU A CD  
676 O  OE1 . GLU A 90 ? 0.2643 0.2941 0.2913 0.0186  0.0154  -0.0411 90  GLU A OE1 
677 O  OE2 . GLU A 90 ? 0.3090 0.3971 0.2726 -0.0404 0.0071  -0.0021 90  GLU A OE2 
678 N  N   . ALA A 91 ? 0.2810 0.2824 0.3273 0.0780  0.0182  -0.0836 91  ALA A N   
679 C  CA  . ALA A 91 ? 0.2803 0.3133 0.3710 0.1056  0.0227  -0.1142 91  ALA A CA  
680 C  C   . ALA A 91 ? 0.3327 0.2873 0.3577 0.0467  0.0657  -0.1211 91  ALA A C   
681 O  O   . ALA A 91 ? 0.4141 0.3187 0.4479 0.0131  0.0805  -0.1969 91  ALA A O   
682 C  CB  . ALA A 91 ? 0.5018 0.3663 0.4629 0.2232  -0.1005 -0.1794 91  ALA A CB  
683 N  N   . ALA A 92 ? 0.3529 0.2751 0.3504 0.0258  0.0939  -0.0735 92  ALA A N   
684 C  CA  . ALA A 92 ? 0.3887 0.2516 0.4098 -0.0030 0.1131  -0.0551 92  ALA A CA  
685 C  C   . ALA A 92 ? 0.3444 0.2910 0.4331 -0.0379 0.0894  -0.0712 92  ALA A C   
686 O  O   . ALA A 92 ? 0.3596 0.3615 0.5462 -0.0562 0.0825  -0.1319 92  ALA A O   
687 C  CB  . ALA A 92 ? 0.3869 0.3052 0.4297 -0.0059 0.1378  -0.0583 92  ALA A CB  
688 N  N   . LEU A 93 ? 0.4137 0.2721 0.3488 -0.0122 0.0872  -0.0800 93  LEU A N   
689 C  CA  . LEU A 93 ? 0.3169 0.3364 0.3539 -0.0044 0.0758  -0.1053 93  LEU A CA  
690 C  C   . LEU A 93 ? 0.1808 0.5346 0.3760 0.0140  0.0080  -0.1894 93  LEU A C   
691 O  O   . LEU A 93 ? 0.3365 0.5194 0.3888 0.0107  -0.0409 -0.1541 93  LEU A O   
692 C  CB  . LEU A 93 ? 0.2906 0.3525 0.3546 -0.0007 0.0696  -0.0184 93  LEU A CB  
693 C  CG  . LEU A 93 ? 0.2720 0.2890 0.4394 -0.0323 0.0367  -0.0778 93  LEU A CG  
694 C  CD1 . LEU A 93 ? 0.2952 0.3494 0.4154 -0.1016 0.0212  -0.0077 93  LEU A CD1 
695 C  CD2 . LEU A 93 ? 0.2536 0.4291 0.4294 -0.0865 0.0934  -0.1587 93  LEU A CD2 
696 N  N   . TYR A 94 ? 0.2458 0.4794 0.4387 0.0348  0.0490  -0.1789 94  TYR A N   
697 C  CA  . TYR A 94 ? 0.3293 0.4456 0.4766 0.0127  0.1155  -0.1765 94  TYR A CA  
698 C  C   . TYR A 94 ? 0.4577 0.4694 0.6447 -0.1082 0.1009  -0.2961 94  TYR A C   
699 O  O   . TYR A 94 ? 0.7778 0.3588 0.7694 -0.1310 0.2339  -0.2902 94  TYR A O   
700 C  CB  . TYR A 94 ? 0.3374 0.3615 0.4477 0.0158  0.1232  -0.1479 94  TYR A CB  
701 C  CG  . TYR A 94 ? 0.3288 0.3666 0.4069 0.0667  0.0351  -0.1182 94  TYR A CG  
702 C  CD1 . TYR A 94 ? 0.4279 0.4792 0.3988 -0.0278 0.0316  -0.0662 94  TYR A CD1 
703 C  CD2 . TYR A 94 ? 0.3034 0.3426 0.4082 0.0228  0.0408  -0.1041 94  TYR A CD2 
704 C  CE1 . TYR A 94 ? 0.3668 0.4840 0.3515 -0.0161 -0.0023 -0.0265 94  TYR A CE1 
705 C  CE2 . TYR A 94 ? 0.2865 0.3498 0.3340 -0.0469 0.0559  -0.0569 94  TYR A CE2 
706 C  CZ  . TYR A 94 ? 0.2610 0.4509 0.3562 -0.0028 0.0348  -0.0317 94  TYR A CZ  
707 O  OH  . TYR A 94 ? 0.5549 0.4538 0.3546 0.1504  -0.0469 -0.0337 94  TYR A OH  
708 O  OXT . TYR A 94 ? 0.6627 0.5661 0.6425 -0.0878 0.0557  -0.3641 94  TYR A OXT 
709 FE FE1 . FES B .  ? 0.2593 0.2755 0.2280 0.0080  0.0252  -0.0062 98  FES A FE1 
710 FE FE2 . FES B .  ? 0.2536 0.2520 0.2176 0.0170  0.0184  -0.0064 98  FES A FE2 
711 S  S1  . FES B .  ? 0.2361 0.2539 0.2338 0.0048  0.0255  -0.0012 98  FES A S1  
712 S  S2  . FES B .  ? 0.2630 0.3092 0.2049 0.0159  0.0139  -0.0153 98  FES A S2  
713 O  O   . HOH C .  ? 0.3302 0.2468 0.2131 0.0639  -0.0129 0.0357  101 HOH A O   
714 O  O   . HOH C .  ? 0.2762 0.2712 0.2685 0.0160  0.0769  0.0266  102 HOH A O   
715 O  O   . HOH C .  ? 0.2854 0.2177 0.2287 0.0510  0.0078  0.0205  103 HOH A O   
716 O  O   . HOH C .  ? 0.2759 0.2349 0.2638 0.0452  0.0865  0.0281  104 HOH A O   
717 O  O   . HOH C .  ? 0.2814 0.2115 0.2058 0.0365  0.0022  0.0052  105 HOH A O   
718 O  O   . HOH C .  ? 0.3742 0.3181 0.2671 0.0300  0.0466  -0.0264 106 HOH A O   
719 O  O   . HOH C .  ? 0.3365 0.2829 0.3303 -0.0052 0.0601  0.0285  107 HOH A O   
720 O  O   . HOH C .  ? 0.4621 0.3623 0.3361 0.1251  0.0443  0.0544  108 HOH A O   
721 O  O   . HOH C .  ? 0.4403 0.2411 0.2583 -0.0292 0.0664  -0.0381 109 HOH A O   
722 O  O   . HOH C .  ? 0.2443 0.2702 0.1913 -0.0111 0.0203  -0.0183 110 HOH A O   
723 O  O   . HOH C .  ? 0.2848 0.3172 0.3021 -0.0216 0.0616  0.0232  111 HOH A O   
724 O  O   . HOH C .  ? 0.3093 0.3001 0.2174 -0.0232 0.0256  -0.0116 112 HOH A O   
725 O  O   . HOH C .  ? 0.2360 0.2939 0.3144 0.0242  0.0244  0.0756  113 HOH A O   
726 O  O   . HOH C .  ? 0.4586 0.2542 0.3408 0.0561  0.0351  0.0070  114 HOH A O   
727 O  O   . HOH C .  ? 0.2613 0.3648 0.4139 0.0424  -0.0060 -0.0527 115 HOH A O   
728 O  O   . HOH C .  ? 0.2982 0.4132 0.3635 0.0182  -0.0035 -0.1389 116 HOH A O   
729 O  O   . HOH C .  ? 0.3701 0.3623 0.4990 0.0004  0.0932  -0.0016 117 HOH A O   
730 O  O   . HOH C .  ? 0.3538 0.4170 0.3098 -0.0291 0.0049  -0.0870 118 HOH A O   
731 O  O   . HOH C .  ? 0.6724 0.4060 0.3493 0.0929  0.0682  -0.0485 119 HOH A O   
732 O  O   . HOH C .  ? 0.4551 0.3690 0.4529 0.0383  0.0743  -0.0228 120 HOH A O   
733 O  O   . HOH C .  ? 0.3121 0.3619 0.3377 0.0268  -0.0305 -0.0711 121 HOH A O   
734 O  O   . HOH C .  ? 0.2837 0.3940 0.4100 0.0140  -0.0923 -0.1026 122 HOH A O   
735 O  O   . HOH C .  ? 0.3775 0.4308 0.3211 0.1160  0.1148  0.1283  123 HOH A O   
736 O  O   . HOH C .  ? 0.3371 0.3762 0.3690 0.0564  0.0100  -0.0116 124 HOH A O   
737 O  O   . HOH C .  ? 0.4945 0.4923 0.3023 -0.0914 -0.0474 0.0885  125 HOH A O   
738 O  O   . HOH C .  ? 0.6896 0.3716 0.6098 -0.0204 0.1729  -0.0892 126 HOH A O   
739 O  O   . HOH C .  ? 0.5621 0.4802 0.4167 0.0199  -0.0246 0.0295  127 HOH A O   
740 O  O   . HOH C .  ? 1.1175 0.7396 0.7383 -0.0352 -0.0289 -0.2589 128 HOH A O   
741 O  O   . HOH C .  ? 0.4106 0.3662 0.4438 -0.0318 0.1530  -0.0661 129 HOH A O   
742 O  O   . HOH C .  ? 0.6134 0.4496 0.5500 -0.0242 -0.1041 -0.1293 130 HOH A O   
743 O  O   . HOH C .  ? 0.5668 0.4679 0.4804 0.0526  0.0395  0.1357  131 HOH A O   
744 O  O   . HOH C .  ? 0.3921 0.3859 0.6129 -0.0256 -0.0666 -0.0358 132 HOH A O   
745 O  O   . HOH C .  ? 0.4130 0.4883 0.4117 -0.0728 0.0889  -0.0038 133 HOH A O   
746 O  O   . HOH C .  ? 0.3455 0.4768 0.6375 -0.1412 0.1310  -0.0825 134 HOH A O   
747 O  O   . HOH C .  ? 0.3937 0.5137 0.5081 0.0719  -0.0490 -0.0520 135 HOH A O   
748 O  O   . HOH C .  ? 0.5451 0.5374 0.4310 -0.0657 0.1932  -0.0545 136 HOH A O   
749 O  O   . HOH C .  ? 0.5517 1.0270 0.5596 -0.1209 -0.0293 -0.0904 137 HOH A O   
750 O  O   . HOH C .  ? 0.5755 0.3905 0.5358 0.0379  0.0274  -0.1075 138 HOH A O   
751 O  O   . HOH C .  ? 0.5034 0.5161 0.6383 0.0586  0.1436  -0.1462 139 HOH A O   
752 O  O   . HOH C .  ? 0.6180 0.3856 0.7797 -0.1222 -0.0216 -0.1658 140 HOH A O   
753 O  O   . HOH C .  ? 0.6999 0.5461 0.5922 -0.1906 0.1044  0.0830  141 HOH A O   
754 O  O   . HOH C .  ? 0.3776 0.7720 0.4736 0.1452  0.0542  -0.0324 142 HOH A O   
755 O  O   . HOH C .  ? 0.4960 0.4521 0.3711 0.0402  -0.0123 0.1278  143 HOH A O   
756 O  O   . HOH C .  ? 0.3263 0.3785 0.3521 0.0673  0.0013  0.0210  144 HOH A O   
757 O  O   . HOH C .  ? 0.6008 0.4099 0.4678 0.1187  0.1105  0.0529  145 HOH A O   
758 O  O   . HOH C .  ? 0.5491 0.4711 0.6204 -0.0765 0.0127  -0.1003 146 HOH A O   
759 O  O   . HOH C .  ? 0.4266 0.4403 0.4366 0.0886  0.0239  0.0547  147 HOH A O   
760 O  O   . HOH C .  ? 0.4420 0.4037 0.4770 0.0841  0.0102  0.0007  148 HOH A O   
761 O  O   . HOH C .  ? 0.5598 0.7114 0.4997 -0.2150 -0.0084 -0.1418 149 HOH A O   
762 O  O   . HOH C .  ? 0.7606 0.5418 0.4498 -0.0115 0.0332  -0.0054 150 HOH A O   
763 O  O   . HOH C .  ? 0.4957 0.6111 1.0175 -0.2326 -0.1254 0.3969  151 HOH A O   
764 O  O   . HOH C .  ? 0.4330 0.9703 0.8654 -0.0232 -0.0679 0.0282  152 HOH A O   
765 O  O   . HOH C .  ? 0.5705 0.4511 0.5623 0.2001  0.1230  0.1236  153 HOH A O   
766 O  O   . HOH C .  ? 0.7414 0.6006 0.4818 -0.1726 -0.0333 0.1772  154 HOH A O   
767 O  O   . HOH C .  ? 0.7927 0.6730 0.4847 0.0201  -0.1630 -0.0502 155 HOH A O   
768 O  O   . HOH C .  ? 1.0833 0.4596 0.4678 0.0498  0.1524  0.1113  156 HOH A O   
769 O  O   . HOH C .  ? 0.7731 0.8063 0.7358 0.0708  0.1997  -0.0126 157 HOH A O   
770 O  O   . HOH C .  ? 0.6147 0.6126 0.5780 0.1293  -0.0407 -0.0348 158 HOH A O   
771 O  O   . HOH C .  ? 0.6371 0.5994 0.4379 0.0543  -0.1120 -0.0264 159 HOH A O   
772 O  O   . HOH C .  ? 0.4362 0.4546 0.5982 -0.0329 -0.0455 -0.0308 160 HOH A O   
773 O  O   . HOH C .  ? 0.3020 0.1810 0.2002 0.0997  0.0956  0.0729  161 HOH A O   
774 O  O   . HOH C .  ? 0.2300 0.2187 0.3644 0.0496  -0.1063 -0.1124 162 HOH A O   
775 O  O   . HOH C .  ? 0.4346 0.1807 0.2610 0.1009  0.1407  0.0682  163 HOH A O   
776 O  O   . HOH C .  ? 0.3136 0.4121 0.5177 0.0605  0.0539  0.2037  164 HOH A O   
777 O  O   . HOH C .  ? 0.2819 0.2790 0.3685 -0.0146 0.0203  0.0813  165 HOH A O   
778 O  O   . HOH C .  ? 0.3019 0.2703 0.3484 -0.0247 0.0325  0.0985  166 HOH A O   
779 O  O   . HOH C .  ? 0.1795 0.3863 0.2541 -0.0378 -0.0231 0.0196  167 HOH A O   
780 O  O   . HOH C .  ? 0.3874 0.3081 0.3931 0.1423  -0.0344 -0.0955 168 HOH A O   
781 O  O   . HOH C .  ? 0.3924 0.3428 0.2610 -0.0284 0.0905  0.0085  169 HOH A O   
782 O  O   . HOH C .  ? 0.2038 0.5373 0.2893 0.0525  0.0173  0.1040  170 HOH A O   
783 O  O   . HOH C .  ? 0.4387 0.6200 0.4234 -0.2084 -0.0224 -0.0127 171 HOH A O   
784 O  O   . HOH C .  ? 0.2844 0.3435 0.5218 -0.0416 -0.0451 0.0998  172 HOH A O   
785 O  O   . HOH C .  ? 0.7421 0.2738 0.4109 -0.0289 -0.2398 -0.0985 173 HOH A O   
786 O  O   . HOH C .  ? 0.5877 0.4473 0.3854 0.0119  0.0306  -0.1051 174 HOH A O   
787 O  O   . HOH C .  ? 0.3917 0.3027 0.6545 0.0238  -0.0450 0.1797  175 HOH A O   
788 O  O   . HOH C .  ? 0.2234 0.6124 0.3855 0.0748  0.0028  -0.2206 176 HOH A O   
789 O  O   . HOH C .  ? 0.3443 0.3739 0.3226 0.0837  0.1394  0.1611  177 HOH A O   
790 O  O   . HOH C .  ? 0.4952 0.4698 0.3860 0.1543  0.1027  0.0949  178 HOH A O   
791 O  O   . HOH C .  ? 0.4709 0.2322 0.4604 0.1027  0.2558  0.0837  179 HOH A O   
792 O  O   . HOH C .  ? 0.4987 0.2800 0.7863 0.0111  0.0850  -0.0449 180 HOH A O   
793 O  O   . HOH C .  ? 0.2989 0.3594 0.4633 0.1363  0.1366  0.0115  181 HOH A O   
794 O  O   . HOH C .  ? 0.4162 0.6314 0.3764 -0.0203 0.0648  0.1436  182 HOH A O   
795 O  O   . HOH C .  ? 0.4104 0.3807 0.5226 -0.0155 0.1037  -0.0431 183 HOH A O   
796 O  O   . HOH C .  ? 0.6520 0.6134 0.5784 -0.0725 0.1154  0.0997  184 HOH A O   
797 O  O   . HOH C .  ? 0.4816 0.3035 0.6537 0.1558  -0.0375 0.1294  185 HOH A O   
798 O  O   . HOH C .  ? 0.2198 0.3174 0.5575 0.0014  -0.0257 -0.0483 186 HOH A O   
799 O  O   . HOH C .  ? 0.3797 0.6069 0.6437 0.1155  -0.0985 0.0174  187 HOH A O   
800 O  O   . HOH C .  ? 0.4288 0.2376 0.4376 -0.0088 -0.0680 -0.0180 188 HOH A O   
801 O  O   . HOH C .  ? 0.5189 0.3374 0.2880 0.0378  -0.1171 0.0090  189 HOH A O   
802 O  O   . HOH C .  ? 0.3847 0.4334 0.7462 0.1046  -0.0590 0.0441  190 HOH A O   
803 O  O   . HOH C .  ? 0.3434 0.4677 0.6623 0.2017  -0.2013 -0.2007 191 HOH A O   
804 O  O   . HOH C .  ? 0.3149 0.2829 0.3839 -0.0235 0.0699  -0.0329 192 HOH A O   
805 O  O   . HOH C .  ? 0.3718 0.2202 0.5253 0.0144  0.0971  0.0405  193 HOH A O   
806 O  O   . HOH C .  ? 0.5791 0.3142 0.2980 0.0984  0.1012  -0.0556 194 HOH A O   
807 O  O   . HOH C .  ? 0.3603 0.4369 0.3857 -0.0149 -0.1134 -0.1522 195 HOH A O   
808 O  O   . HOH C .  ? 0.3365 0.4130 0.3880 -0.0956 -0.0749 0.2063  196 HOH A O   
809 O  O   . HOH C .  ? 0.1941 0.2854 0.5039 -0.0009 -0.0725 -0.0840 197 HOH A O   
810 O  O   . HOH C .  ? 0.4404 0.4634 0.3434 -0.1625 -0.1038 -0.0383 198 HOH A O   
811 O  O   . HOH C .  ? 0.4501 0.2893 0.4073 0.0025  0.0296  -0.0844 199 HOH A O   
812 O  O   . HOH C .  ? 0.2850 0.2733 0.2666 0.1391  0.0278  -0.0238 200 HOH A O   
813 O  O   . HOH C .  ? 0.4304 0.5352 0.3762 -0.0650 0.1010  0.0425  201 HOH A O   
814 O  O   . HOH C .  ? 0.4357 0.3919 0.2562 -0.0694 0.1203  -0.1347 202 HOH A O   
815 O  O   . HOH C .  ? 0.3130 0.6026 0.4774 0.0696  -0.0110 0.1010  203 HOH A O   
816 O  O   . HOH C .  ? 0.2936 0.4906 0.6263 -0.1198 -0.0382 -0.0148 204 HOH A O   
817 O  O   . HOH C .  ? 0.5619 0.4466 0.3881 -0.1338 0.0331  -0.0715 205 HOH A O   
818 O  O   . HOH C .  ? 0.6038 0.7069 0.6679 0.1426  0.1036  0.0024  206 HOH A O   
819 O  O   . HOH C .  ? 0.5197 0.4946 0.6179 0.0680  0.0629  0.0299  207 HOH A O   
820 O  O   . HOH C .  ? 0.6246 0.5308 0.6078 -0.1245 0.1138  -0.0713 208 HOH A O   
821 O  O   . HOH C .  ? 0.4763 0.7450 0.4576 0.0044  0.1168  -0.0110 209 HOH A O   
822 O  O   . HOH C .  ? 0.7824 0.5567 0.4544 0.1071  -0.0178 -0.1514 210 HOH A O   
823 O  O   . HOH C .  ? 0.3870 0.5272 0.5163 0.0186  0.0293  -0.0891 211 HOH A O   
824 O  O   . HOH C .  ? 0.7301 0.3634 0.5854 -0.0977 -0.0481 -0.0237 212 HOH A O   
825 O  O   . HOH C .  ? 0.3381 0.4220 0.5966 0.0478  -0.0994 -0.1862 213 HOH A O   
826 O  O   . HOH C .  ? 0.6455 0.4910 0.6785 -0.0548 0.0452  -0.0137 214 HOH A O   
827 O  O   . HOH C .  ? 0.6415 0.5719 0.4540 -0.0703 0.1005  -0.0366 215 HOH A O   
828 O  O   . HOH C .  ? 0.7749 0.8028 0.9542 0.0218  -0.0333 -0.0609 216 HOH A O   
829 O  O   . HOH C .  ? 0.4402 0.7158 0.3620 0.1234  0.0096  0.2352  217 HOH A O   
830 O  O   . HOH C .  ? 0.6398 0.6579 0.5115 0.0847  -0.1201 -0.0998 218 HOH A O   
831 O  O   . HOH C .  ? 0.6618 0.4474 0.4689 0.0096  0.1246  0.0967  219 HOH A O   
832 O  O   . HOH C .  ? 0.7576 0.3606 0.4879 0.0855  0.0211  -0.1059 220 HOH A O   
833 O  O   . HOH C .  ? 0.6217 0.4886 0.6706 -0.0024 -0.1168 -0.1576 221 HOH A O   
834 O  O   . HOH C .  ? 0.3057 0.6967 0.7614 -0.0185 -0.0214 -0.0794 222 HOH A O   
835 O  O   . HOH C .  ? 0.5441 0.4189 0.4554 0.0078  0.2453  0.0729  223 HOH A O   
836 O  O   . HOH C .  ? 0.8610 0.7096 0.2925 -0.0594 -0.0394 0.0011  224 HOH A O   
837 O  O   . HOH C .  ? 0.8138 0.5919 0.8821 -0.0465 -0.0264 -0.0154 225 HOH A O   
838 O  O   . HOH C .  ? 0.5708 0.5273 0.5436 -0.0619 -0.0060 0.1053  226 HOH A O   
# 
